data_1Y9B
# 
_entry.id   1Y9B 
# 
_audit_conform.dict_name       mmcif_pdbx.dic 
_audit_conform.dict_version    5.399 
_audit_conform.dict_location   http://mmcif.pdb.org/dictionaries/ascii/mmcif_pdbx.dic 
# 
loop_
_database_2.database_id 
_database_2.database_code 
_database_2.pdbx_database_accession 
_database_2.pdbx_DOI 
PDB   1Y9B         pdb_00001y9b 10.2210/pdb1y9b/pdb 
RCSB  RCSB031278   ?            ?                   
WWPDB D_1000031278 ?            ?                   
# 
loop_
_pdbx_audit_revision_history.ordinal 
_pdbx_audit_revision_history.data_content_type 
_pdbx_audit_revision_history.major_revision 
_pdbx_audit_revision_history.minor_revision 
_pdbx_audit_revision_history.revision_date 
1 'Structure model' 1 0 2005-01-25 
2 'Structure model' 1 1 2008-04-30 
3 'Structure model' 1 2 2011-07-13 
4 'Structure model' 1 3 2024-11-20 
# 
_pdbx_audit_revision_details.ordinal             1 
_pdbx_audit_revision_details.revision_ordinal    1 
_pdbx_audit_revision_details.data_content_type   'Structure model' 
_pdbx_audit_revision_details.provider            repository 
_pdbx_audit_revision_details.type                'Initial release' 
_pdbx_audit_revision_details.description         ? 
_pdbx_audit_revision_details.details             ? 
# 
loop_
_pdbx_audit_revision_group.ordinal 
_pdbx_audit_revision_group.revision_ordinal 
_pdbx_audit_revision_group.data_content_type 
_pdbx_audit_revision_group.group 
1 2 'Structure model' 'Version format compliance' 
2 3 'Structure model' 'Source and taxonomy'       
3 3 'Structure model' 'Version format compliance' 
4 4 'Structure model' 'Data collection'           
5 4 'Structure model' 'Database references'       
6 4 'Structure model' 'Derived calculations'      
7 4 'Structure model' 'Structure summary'         
# 
loop_
_pdbx_audit_revision_category.ordinal 
_pdbx_audit_revision_category.revision_ordinal 
_pdbx_audit_revision_category.data_content_type 
_pdbx_audit_revision_category.category 
1 4 'Structure model' chem_comp_atom            
2 4 'Structure model' chem_comp_bond            
3 4 'Structure model' database_2                
4 4 'Structure model' pdbx_entry_details        
5 4 'Structure model' pdbx_modification_feature 
6 4 'Structure model' struct_conn               
7 4 'Structure model' struct_ref_seq_dif        
# 
loop_
_pdbx_audit_revision_item.ordinal 
_pdbx_audit_revision_item.revision_ordinal 
_pdbx_audit_revision_item.data_content_type 
_pdbx_audit_revision_item.item 
1 4 'Structure model' '_database_2.pdbx_DOI'                
2 4 'Structure model' '_database_2.pdbx_database_accession' 
3 4 'Structure model' '_struct_conn.pdbx_leaving_atom_flag' 
4 4 'Structure model' '_struct_ref_seq_dif.details'         
# 
_pdbx_database_status.status_code                     REL 
_pdbx_database_status.entry_id                        1Y9B 
_pdbx_database_status.recvd_initial_deposition_date   2004-12-15 
_pdbx_database_status.deposit_site                    RCSB 
_pdbx_database_status.process_site                    RCSB 
_pdbx_database_status.status_code_sf                  REL 
_pdbx_database_status.status_code_mr                  ? 
_pdbx_database_status.SG_entry                        Y 
_pdbx_database_status.pdb_format_compatible           Y 
_pdbx_database_status.status_code_cs                  ? 
_pdbx_database_status.status_code_nmr_data            ? 
_pdbx_database_status.methods_development_category    ? 
# 
_pdbx_database_related.db_name        TargetDB 
_pdbx_database_related.db_id          APC26917 
_pdbx_database_related.details        . 
_pdbx_database_related.content_type   unspecified 
# 
loop_
_audit_author.name 
_audit_author.pdbx_ordinal 
'Binkowski, T.A.'                               1 
'Hatzos, C.'                                    2 
'Quartey, P.'                                   3 
'Moy, S.'                                       4 
'Joachimiak, A.'                                5 
'Midwest Center for Structural Genomics (MCSG)' 6 
# 
_citation.id                        primary 
_citation.title                     'Conserverd hypothetical protein from Vibrio cholerae O1 biovar eltor str. N16961' 
_citation.journal_abbrev            'To be Published' 
_citation.journal_volume            ? 
_citation.page_first                ? 
_citation.page_last                 ? 
_citation.year                      ? 
_citation.journal_id_ASTM           ? 
_citation.country                   ? 
_citation.journal_id_ISSN           ? 
_citation.journal_id_CSD            0353 
_citation.book_publisher            ? 
_citation.pdbx_database_id_PubMed   ? 
_citation.pdbx_database_id_DOI      ? 
# 
loop_
_citation_author.citation_id 
_citation_author.name 
_citation_author.ordinal 
_citation_author.identifier_ORCID 
primary 'Binkowski, T.A.' 1 ? 
primary 'Hatzos, C.'      2 ? 
primary 'Quartey, P.'     3 ? 
primary 'Moy, S.'         4 ? 
primary 'Joachimiak, A.'  5 ? 
# 
loop_
_entity.id 
_entity.type 
_entity.src_method 
_entity.pdbx_description 
_entity.formula_weight 
_entity.pdbx_number_of_molecules 
_entity.pdbx_ec 
_entity.pdbx_mutation 
_entity.pdbx_fragment 
_entity.details 
1 polymer man 'conserved hypothetical protein' 9787.979 2   ? ? ? ? 
2 water   nat water                            18.015   123 ? ? ? ? 
# 
_entity_poly.entity_id                      1 
_entity_poly.type                           'polypeptide(L)' 
_entity_poly.nstd_linkage                   no 
_entity_poly.nstd_monomer                   yes 
_entity_poly.pdbx_seq_one_letter_code       
;MATTLPRITARVDVDTQDLLAKAAALAG(MSE)SSINSFVLNAAIEKAKQVIEREQALKLSQADAVLL(MSE)EALDNPA
VVNAKLKLASERYESKTQ
;
_entity_poly.pdbx_seq_one_letter_code_can   
;MATTLPRITARVDVDTQDLLAKAAALAGMSSINSFVLNAAIEKAKQVIEREQALKLSQADAVLLMEALDNPAVVNAKLKL
ASERYESKTQ
;
_entity_poly.pdbx_strand_id                 A,B 
_entity_poly.pdbx_target_identifier         APC26917 
# 
_pdbx_entity_nonpoly.entity_id   2 
_pdbx_entity_nonpoly.name        water 
_pdbx_entity_nonpoly.comp_id     HOH 
# 
loop_
_entity_poly_seq.entity_id 
_entity_poly_seq.num 
_entity_poly_seq.mon_id 
_entity_poly_seq.hetero 
1 1  MET n 
1 2  ALA n 
1 3  THR n 
1 4  THR n 
1 5  LEU n 
1 6  PRO n 
1 7  ARG n 
1 8  ILE n 
1 9  THR n 
1 10 ALA n 
1 11 ARG n 
1 12 VAL n 
1 13 ASP n 
1 14 VAL n 
1 15 ASP n 
1 16 THR n 
1 17 GLN n 
1 18 ASP n 
1 19 LEU n 
1 20 LEU n 
1 21 ALA n 
1 22 LYS n 
1 23 ALA n 
1 24 ALA n 
1 25 ALA n 
1 26 LEU n 
1 27 ALA n 
1 28 GLY n 
1 29 MSE n 
1 30 SER n 
1 31 SER n 
1 32 ILE n 
1 33 ASN n 
1 34 SER n 
1 35 PHE n 
1 36 VAL n 
1 37 LEU n 
1 38 ASN n 
1 39 ALA n 
1 40 ALA n 
1 41 ILE n 
1 42 GLU n 
1 43 LYS n 
1 44 ALA n 
1 45 LYS n 
1 46 GLN n 
1 47 VAL n 
1 48 ILE n 
1 49 GLU n 
1 50 ARG n 
1 51 GLU n 
1 52 GLN n 
1 53 ALA n 
1 54 LEU n 
1 55 LYS n 
1 56 LEU n 
1 57 SER n 
1 58 GLN n 
1 59 ALA n 
1 60 ASP n 
1 61 ALA n 
1 62 VAL n 
1 63 LEU n 
1 64 LEU n 
1 65 MSE n 
1 66 GLU n 
1 67 ALA n 
1 68 LEU n 
1 69 ASP n 
1 70 ASN n 
1 71 PRO n 
1 72 ALA n 
1 73 VAL n 
1 74 VAL n 
1 75 ASN n 
1 76 ALA n 
1 77 LYS n 
1 78 LEU n 
1 79 LYS n 
1 80 LEU n 
1 81 ALA n 
1 82 SER n 
1 83 GLU n 
1 84 ARG n 
1 85 TYR n 
1 86 GLU n 
1 87 SER n 
1 88 LYS n 
1 89 THR n 
1 90 GLN n 
# 
_entity_src_gen.entity_id                          1 
_entity_src_gen.pdbx_src_id                        1 
_entity_src_gen.pdbx_alt_source_flag               sample 
_entity_src_gen.pdbx_seq_type                      ? 
_entity_src_gen.pdbx_beg_seq_num                   ? 
_entity_src_gen.pdbx_end_seq_num                   ? 
_entity_src_gen.gene_src_common_name               ? 
_entity_src_gen.gene_src_genus                     Vibrio 
_entity_src_gen.pdbx_gene_src_gene                 VCA0319 
_entity_src_gen.gene_src_species                   'Vibrio cholerae' 
_entity_src_gen.gene_src_strain                    N16961 
_entity_src_gen.gene_src_tissue                    ? 
_entity_src_gen.gene_src_tissue_fraction           ? 
_entity_src_gen.gene_src_details                   ? 
_entity_src_gen.pdbx_gene_src_fragment             ? 
_entity_src_gen.pdbx_gene_src_scientific_name      'Vibrio cholerae O1 biovar eltor' 
_entity_src_gen.pdbx_gene_src_ncbi_taxonomy_id     243277 
_entity_src_gen.pdbx_gene_src_variant              ? 
_entity_src_gen.pdbx_gene_src_cell_line            ? 
_entity_src_gen.pdbx_gene_src_atcc                 ? 
_entity_src_gen.pdbx_gene_src_organ                ? 
_entity_src_gen.pdbx_gene_src_organelle            ? 
_entity_src_gen.pdbx_gene_src_cell                 ? 
_entity_src_gen.pdbx_gene_src_cellular_location    ? 
_entity_src_gen.host_org_common_name               ? 
_entity_src_gen.pdbx_host_org_scientific_name      'Escherichia coli BL21(DE3)' 
_entity_src_gen.pdbx_host_org_ncbi_taxonomy_id     469008 
_entity_src_gen.host_org_genus                     Escherichia 
_entity_src_gen.pdbx_host_org_gene                 ? 
_entity_src_gen.pdbx_host_org_organ                ? 
_entity_src_gen.host_org_species                   'Escherichia coli' 
_entity_src_gen.pdbx_host_org_tissue               ? 
_entity_src_gen.pdbx_host_org_tissue_fraction      ? 
_entity_src_gen.pdbx_host_org_strain               'BL21(DE3)' 
_entity_src_gen.pdbx_host_org_variant              ? 
_entity_src_gen.pdbx_host_org_cell_line            ? 
_entity_src_gen.pdbx_host_org_atcc                 ? 
_entity_src_gen.pdbx_host_org_culture_collection   ? 
_entity_src_gen.pdbx_host_org_cell                 ? 
_entity_src_gen.pdbx_host_org_organelle            ? 
_entity_src_gen.pdbx_host_org_cellular_location    ? 
_entity_src_gen.pdbx_host_org_vector_type          PET15b 
_entity_src_gen.pdbx_host_org_vector               ? 
_entity_src_gen.host_org_details                   ? 
_entity_src_gen.expression_system_id               ? 
_entity_src_gen.plasmid_name                       ? 
_entity_src_gen.plasmid_details                    ? 
_entity_src_gen.pdbx_description                   ? 
# 
loop_
_chem_comp.id 
_chem_comp.type 
_chem_comp.mon_nstd_flag 
_chem_comp.name 
_chem_comp.pdbx_synonyms 
_chem_comp.formula 
_chem_comp.formula_weight 
ALA 'L-peptide linking' y ALANINE          ? 'C3 H7 N O2'     89.093  
ARG 'L-peptide linking' y ARGININE         ? 'C6 H15 N4 O2 1' 175.209 
ASN 'L-peptide linking' y ASPARAGINE       ? 'C4 H8 N2 O3'    132.118 
ASP 'L-peptide linking' y 'ASPARTIC ACID'  ? 'C4 H7 N O4'     133.103 
GLN 'L-peptide linking' y GLUTAMINE        ? 'C5 H10 N2 O3'   146.144 
GLU 'L-peptide linking' y 'GLUTAMIC ACID'  ? 'C5 H9 N O4'     147.129 
GLY 'peptide linking'   y GLYCINE          ? 'C2 H5 N O2'     75.067  
HOH non-polymer         . WATER            ? 'H2 O'           18.015  
ILE 'L-peptide linking' y ISOLEUCINE       ? 'C6 H13 N O2'    131.173 
LEU 'L-peptide linking' y LEUCINE          ? 'C6 H13 N O2'    131.173 
LYS 'L-peptide linking' y LYSINE           ? 'C6 H15 N2 O2 1' 147.195 
MET 'L-peptide linking' y METHIONINE       ? 'C5 H11 N O2 S'  149.211 
MSE 'L-peptide linking' n SELENOMETHIONINE ? 'C5 H11 N O2 Se' 196.106 
PHE 'L-peptide linking' y PHENYLALANINE    ? 'C9 H11 N O2'    165.189 
PRO 'L-peptide linking' y PROLINE          ? 'C5 H9 N O2'     115.130 
SER 'L-peptide linking' y SERINE           ? 'C3 H7 N O3'     105.093 
THR 'L-peptide linking' y THREONINE        ? 'C4 H9 N O3'     119.119 
TYR 'L-peptide linking' y TYROSINE         ? 'C9 H11 N O3'    181.189 
VAL 'L-peptide linking' y VALINE           ? 'C5 H11 N O2'    117.146 
# 
loop_
_pdbx_poly_seq_scheme.asym_id 
_pdbx_poly_seq_scheme.entity_id 
_pdbx_poly_seq_scheme.seq_id 
_pdbx_poly_seq_scheme.mon_id 
_pdbx_poly_seq_scheme.ndb_seq_num 
_pdbx_poly_seq_scheme.pdb_seq_num 
_pdbx_poly_seq_scheme.auth_seq_num 
_pdbx_poly_seq_scheme.pdb_mon_id 
_pdbx_poly_seq_scheme.auth_mon_id 
_pdbx_poly_seq_scheme.pdb_strand_id 
_pdbx_poly_seq_scheme.pdb_ins_code 
_pdbx_poly_seq_scheme.hetero 
A 1 1  MET 1  1  ?  ?   ?   A . n 
A 1 2  ALA 2  2  ?  ?   ?   A . n 
A 1 3  THR 3  3  3  THR THR A . n 
A 1 4  THR 4  4  4  THR THR A . n 
A 1 5  LEU 5  5  5  LEU LEU A . n 
A 1 6  PRO 6  6  6  PRO PRO A . n 
A 1 7  ARG 7  7  7  ARG ARG A . n 
A 1 8  ILE 8  8  8  ILE ILE A . n 
A 1 9  THR 9  9  9  THR THR A . n 
A 1 10 ALA 10 10 10 ALA ALA A . n 
A 1 11 ARG 11 11 11 ARG ARG A . n 
A 1 12 VAL 12 12 12 VAL VAL A . n 
A 1 13 ASP 13 13 13 ASP ASP A . n 
A 1 14 VAL 14 14 14 VAL VAL A . n 
A 1 15 ASP 15 15 15 ASP ASP A . n 
A 1 16 THR 16 16 16 THR THR A . n 
A 1 17 GLN 17 17 17 GLN GLN A . n 
A 1 18 ASP 18 18 18 ASP ASP A . n 
A 1 19 LEU 19 19 19 LEU LEU A . n 
A 1 20 LEU 20 20 20 LEU LEU A . n 
A 1 21 ALA 21 21 21 ALA ALA A . n 
A 1 22 LYS 22 22 22 LYS LYS A . n 
A 1 23 ALA 23 23 23 ALA ALA A . n 
A 1 24 ALA 24 24 24 ALA ALA A . n 
A 1 25 ALA 25 25 25 ALA ALA A . n 
A 1 26 LEU 26 26 26 LEU LEU A . n 
A 1 27 ALA 27 27 27 ALA ALA A . n 
A 1 28 GLY 28 28 28 GLY GLY A . n 
A 1 29 MSE 29 29 29 MSE MSE A . n 
A 1 30 SER 30 30 30 SER SER A . n 
A 1 31 SER 31 31 31 SER SER A . n 
A 1 32 ILE 32 32 32 ILE ILE A . n 
A 1 33 ASN 33 33 33 ASN ASN A . n 
A 1 34 SER 34 34 34 SER SER A . n 
A 1 35 PHE 35 35 35 PHE PHE A . n 
A 1 36 VAL 36 36 36 VAL VAL A . n 
A 1 37 LEU 37 37 37 LEU LEU A . n 
A 1 38 ASN 38 38 38 ASN ASN A . n 
A 1 39 ALA 39 39 39 ALA ALA A . n 
A 1 40 ALA 40 40 40 ALA ALA A . n 
A 1 41 ILE 41 41 41 ILE ILE A . n 
A 1 42 GLU 42 42 42 GLU GLU A . n 
A 1 43 LYS 43 43 43 LYS LYS A . n 
A 1 44 ALA 44 44 44 ALA ALA A . n 
A 1 45 LYS 45 45 45 LYS LYS A . n 
A 1 46 GLN 46 46 46 GLN GLN A . n 
A 1 47 VAL 47 47 47 VAL VAL A . n 
A 1 48 ILE 48 48 48 ILE ILE A . n 
A 1 49 GLU 49 49 49 GLU GLU A . n 
A 1 50 ARG 50 50 50 ARG ARG A . n 
A 1 51 GLU 51 51 51 GLU GLU A . n 
A 1 52 GLN 52 52 52 GLN GLN A . n 
A 1 53 ALA 53 53 53 ALA ALA A . n 
A 1 54 LEU 54 54 54 LEU LEU A . n 
A 1 55 LYS 55 55 55 LYS LYS A . n 
A 1 56 LEU 56 56 56 LEU LEU A . n 
A 1 57 SER 57 57 57 SER SER A . n 
A 1 58 GLN 58 58 58 GLN GLN A . n 
A 1 59 ALA 59 59 59 ALA ALA A . n 
A 1 60 ASP 60 60 60 ASP ASP A . n 
A 1 61 ALA 61 61 61 ALA ALA A . n 
A 1 62 VAL 62 62 62 VAL VAL A . n 
A 1 63 LEU 63 63 63 LEU LEU A . n 
A 1 64 LEU 64 64 64 LEU LEU A . n 
A 1 65 MSE 65 65 65 MSE MSE A . n 
A 1 66 GLU 66 66 66 GLU GLU A . n 
A 1 67 ALA 67 67 67 ALA ALA A . n 
A 1 68 LEU 68 68 68 LEU LEU A . n 
A 1 69 ASP 69 69 69 ASP ASP A . n 
A 1 70 ASN 70 70 70 ASN ASN A . n 
A 1 71 PRO 71 71 71 PRO PRO A . n 
A 1 72 ALA 72 72 72 ALA ALA A . n 
A 1 73 VAL 73 73 73 VAL VAL A . n 
A 1 74 VAL 74 74 74 VAL VAL A . n 
A 1 75 ASN 75 75 75 ASN ASN A . n 
A 1 76 ALA 76 76 76 ALA ALA A . n 
A 1 77 LYS 77 77 77 LYS LYS A . n 
A 1 78 LEU 78 78 78 LEU LEU A . n 
A 1 79 LYS 79 79 79 LYS LYS A . n 
A 1 80 LEU 80 80 80 LEU LEU A . n 
A 1 81 ALA 81 81 81 ALA ALA A . n 
A 1 82 SER 82 82 82 SER SER A . n 
A 1 83 GLU 83 83 83 GLU GLU A . n 
A 1 84 ARG 84 84 ?  ?   ?   A . n 
A 1 85 TYR 85 85 ?  ?   ?   A . n 
A 1 86 GLU 86 86 ?  ?   ?   A . n 
A 1 87 SER 87 87 ?  ?   ?   A . n 
A 1 88 LYS 88 88 ?  ?   ?   A . n 
A 1 89 THR 89 89 ?  ?   ?   A . n 
A 1 90 GLN 90 90 ?  ?   ?   A . n 
B 1 1  MET 1  1  ?  ?   ?   B . n 
B 1 2  ALA 2  2  ?  ?   ?   B . n 
B 1 3  THR 3  3  ?  ?   ?   B . n 
B 1 4  THR 4  4  ?  ?   ?   B . n 
B 1 5  LEU 5  5  ?  ?   ?   B . n 
B 1 6  PRO 6  6  6  PRO PRO B . n 
B 1 7  ARG 7  7  7  ARG ARG B . n 
B 1 8  ILE 8  8  8  ILE ILE B . n 
B 1 9  THR 9  9  9  THR THR B . n 
B 1 10 ALA 10 10 10 ALA ALA B . n 
B 1 11 ARG 11 11 11 ARG ARG B . n 
B 1 12 VAL 12 12 12 VAL VAL B . n 
B 1 13 ASP 13 13 13 ASP ASP B . n 
B 1 14 VAL 14 14 14 VAL VAL B . n 
B 1 15 ASP 15 15 15 ASP ASP B . n 
B 1 16 THR 16 16 16 THR THR B . n 
B 1 17 GLN 17 17 17 GLN GLN B . n 
B 1 18 ASP 18 18 18 ASP ASP B . n 
B 1 19 LEU 19 19 19 LEU LEU B . n 
B 1 20 LEU 20 20 20 LEU LEU B . n 
B 1 21 ALA 21 21 21 ALA ALA B . n 
B 1 22 LYS 22 22 22 LYS LYS B . n 
B 1 23 ALA 23 23 23 ALA ALA B . n 
B 1 24 ALA 24 24 24 ALA ALA B . n 
B 1 25 ALA 25 25 25 ALA ALA B . n 
B 1 26 LEU 26 26 26 LEU LEU B . n 
B 1 27 ALA 27 27 27 ALA ALA B . n 
B 1 28 GLY 28 28 28 GLY GLY B . n 
B 1 29 MSE 29 29 29 MSE MSE B . n 
B 1 30 SER 30 30 30 SER SER B . n 
B 1 31 SER 31 31 31 SER SER B . n 
B 1 32 ILE 32 32 32 ILE ILE B . n 
B 1 33 ASN 33 33 33 ASN ASN B . n 
B 1 34 SER 34 34 34 SER SER B . n 
B 1 35 PHE 35 35 35 PHE PHE B . n 
B 1 36 VAL 36 36 36 VAL VAL B . n 
B 1 37 LEU 37 37 37 LEU LEU B . n 
B 1 38 ASN 38 38 38 ASN ASN B . n 
B 1 39 ALA 39 39 39 ALA ALA B . n 
B 1 40 ALA 40 40 40 ALA ALA B . n 
B 1 41 ILE 41 41 41 ILE ILE B . n 
B 1 42 GLU 42 42 42 GLU GLU B . n 
B 1 43 LYS 43 43 43 LYS LYS B . n 
B 1 44 ALA 44 44 44 ALA ALA B . n 
B 1 45 LYS 45 45 45 LYS LYS B . n 
B 1 46 GLN 46 46 46 GLN GLN B . n 
B 1 47 VAL 47 47 47 VAL VAL B . n 
B 1 48 ILE 48 48 48 ILE ILE B . n 
B 1 49 GLU 49 49 49 GLU GLU B . n 
B 1 50 ARG 50 50 50 ARG ARG B . n 
B 1 51 GLU 51 51 51 GLU GLU B . n 
B 1 52 GLN 52 52 52 GLN GLN B . n 
B 1 53 ALA 53 53 53 ALA ALA B . n 
B 1 54 LEU 54 54 54 LEU LEU B . n 
B 1 55 LYS 55 55 55 LYS LYS B . n 
B 1 56 LEU 56 56 56 LEU LEU B . n 
B 1 57 SER 57 57 57 SER SER B . n 
B 1 58 GLN 58 58 58 GLN GLN B . n 
B 1 59 ALA 59 59 59 ALA ALA B . n 
B 1 60 ASP 60 60 60 ASP ASP B . n 
B 1 61 ALA 61 61 61 ALA ALA B . n 
B 1 62 VAL 62 62 62 VAL VAL B . n 
B 1 63 LEU 63 63 63 LEU LEU B . n 
B 1 64 LEU 64 64 64 LEU LEU B . n 
B 1 65 MSE 65 65 65 MSE MSE B . n 
B 1 66 GLU 66 66 66 GLU GLU B . n 
B 1 67 ALA 67 67 67 ALA ALA B . n 
B 1 68 LEU 68 68 68 LEU LEU B . n 
B 1 69 ASP 69 69 69 ASP ASP B . n 
B 1 70 ASN 70 70 70 ASN ASN B . n 
B 1 71 PRO 71 71 71 PRO PRO B . n 
B 1 72 ALA 72 72 72 ALA ALA B . n 
B 1 73 VAL 73 73 73 VAL VAL B . n 
B 1 74 VAL 74 74 74 VAL VAL B . n 
B 1 75 ASN 75 75 75 ASN ASN B . n 
B 1 76 ALA 76 76 76 ALA ALA B . n 
B 1 77 LYS 77 77 77 LYS LYS B . n 
B 1 78 LEU 78 78 78 LEU LEU B . n 
B 1 79 LYS 79 79 79 LYS LYS B . n 
B 1 80 LEU 80 80 80 LEU LEU B . n 
B 1 81 ALA 81 81 81 ALA ALA B . n 
B 1 82 SER 82 82 82 SER SER B . n 
B 1 83 GLU 83 83 83 GLU GLU B . n 
B 1 84 ARG 84 84 ?  ?   ?   B . n 
B 1 85 TYR 85 85 ?  ?   ?   B . n 
B 1 86 GLU 86 86 ?  ?   ?   B . n 
B 1 87 SER 87 87 ?  ?   ?   B . n 
B 1 88 LYS 88 88 ?  ?   ?   B . n 
B 1 89 THR 89 89 ?  ?   ?   B . n 
B 1 90 GLN 90 90 ?  ?   ?   B . n 
# 
loop_
_pdbx_nonpoly_scheme.asym_id 
_pdbx_nonpoly_scheme.entity_id 
_pdbx_nonpoly_scheme.mon_id 
_pdbx_nonpoly_scheme.ndb_seq_num 
_pdbx_nonpoly_scheme.pdb_seq_num 
_pdbx_nonpoly_scheme.auth_seq_num 
_pdbx_nonpoly_scheme.pdb_mon_id 
_pdbx_nonpoly_scheme.auth_mon_id 
_pdbx_nonpoly_scheme.pdb_strand_id 
_pdbx_nonpoly_scheme.pdb_ins_code 
C 2 HOH 1  91  1   HOH HOH A . 
C 2 HOH 2  92  2   HOH HOH A . 
C 2 HOH 3  93  5   HOH HOH A . 
C 2 HOH 4  94  8   HOH HOH A . 
C 2 HOH 5  95  14  HOH HOH A . 
C 2 HOH 6  96  15  HOH HOH A . 
C 2 HOH 7  97  16  HOH HOH A . 
C 2 HOH 8  98  23  HOH HOH A . 
C 2 HOH 9  99  26  HOH HOH A . 
C 2 HOH 10 100 27  HOH HOH A . 
C 2 HOH 11 101 28  HOH HOH A . 
C 2 HOH 12 102 31  HOH HOH A . 
C 2 HOH 13 103 33  HOH HOH A . 
C 2 HOH 14 104 35  HOH HOH A . 
C 2 HOH 15 105 36  HOH HOH A . 
C 2 HOH 16 106 40  HOH HOH A . 
C 2 HOH 17 107 41  HOH HOH A . 
C 2 HOH 18 108 42  HOH HOH A . 
C 2 HOH 19 109 43  HOH HOH A . 
C 2 HOH 20 110 45  HOH HOH A . 
C 2 HOH 21 111 47  HOH HOH A . 
C 2 HOH 22 112 48  HOH HOH A . 
C 2 HOH 23 113 49  HOH HOH A . 
C 2 HOH 24 114 50  HOH HOH A . 
C 2 HOH 25 115 51  HOH HOH A . 
C 2 HOH 26 116 54  HOH HOH A . 
C 2 HOH 27 117 60  HOH HOH A . 
C 2 HOH 28 118 61  HOH HOH A . 
C 2 HOH 29 119 62  HOH HOH A . 
C 2 HOH 30 120 63  HOH HOH A . 
C 2 HOH 31 121 64  HOH HOH A . 
C 2 HOH 32 122 66  HOH HOH A . 
C 2 HOH 33 123 69  HOH HOH A . 
C 2 HOH 34 124 75  HOH HOH A . 
C 2 HOH 35 125 80  HOH HOH A . 
C 2 HOH 36 126 84  HOH HOH A . 
C 2 HOH 37 127 87  HOH HOH A . 
C 2 HOH 38 128 89  HOH HOH A . 
C 2 HOH 39 129 90  HOH HOH A . 
C 2 HOH 40 130 91  HOH HOH A . 
C 2 HOH 41 131 93  HOH HOH A . 
C 2 HOH 42 132 95  HOH HOH A . 
C 2 HOH 43 133 96  HOH HOH A . 
C 2 HOH 44 134 97  HOH HOH A . 
C 2 HOH 45 135 98  HOH HOH A . 
C 2 HOH 46 136 102 HOH HOH A . 
C 2 HOH 47 137 106 HOH HOH A . 
C 2 HOH 48 138 112 HOH HOH A . 
C 2 HOH 49 139 113 HOH HOH A . 
C 2 HOH 50 140 114 HOH HOH A . 
C 2 HOH 51 141 115 HOH HOH A . 
C 2 HOH 52 142 120 HOH HOH A . 
C 2 HOH 53 143 124 HOH HOH A . 
C 2 HOH 54 144 126 HOH HOH A . 
C 2 HOH 55 145 127 HOH HOH A . 
C 2 HOH 56 146 129 HOH HOH A . 
C 2 HOH 57 147 134 HOH HOH A . 
C 2 HOH 58 148 136 HOH HOH A . 
D 2 HOH 1  91  3   HOH HOH B . 
D 2 HOH 2  92  4   HOH HOH B . 
D 2 HOH 3  93  6   HOH HOH B . 
D 2 HOH 4  94  9   HOH HOH B . 
D 2 HOH 5  95  10  HOH HOH B . 
D 2 HOH 6  96  11  HOH HOH B . 
D 2 HOH 7  97  12  HOH HOH B . 
D 2 HOH 8  98  13  HOH HOH B . 
D 2 HOH 9  99  17  HOH HOH B . 
D 2 HOH 10 100 18  HOH HOH B . 
D 2 HOH 11 101 19  HOH HOH B . 
D 2 HOH 12 102 20  HOH HOH B . 
D 2 HOH 13 103 21  HOH HOH B . 
D 2 HOH 14 104 22  HOH HOH B . 
D 2 HOH 15 105 24  HOH HOH B . 
D 2 HOH 16 106 25  HOH HOH B . 
D 2 HOH 17 107 29  HOH HOH B . 
D 2 HOH 18 108 30  HOH HOH B . 
D 2 HOH 19 109 34  HOH HOH B . 
D 2 HOH 20 110 37  HOH HOH B . 
D 2 HOH 21 111 38  HOH HOH B . 
D 2 HOH 22 112 44  HOH HOH B . 
D 2 HOH 23 113 46  HOH HOH B . 
D 2 HOH 24 114 52  HOH HOH B . 
D 2 HOH 25 115 55  HOH HOH B . 
D 2 HOH 26 116 56  HOH HOH B . 
D 2 HOH 27 117 57  HOH HOH B . 
D 2 HOH 28 118 58  HOH HOH B . 
D 2 HOH 29 119 59  HOH HOH B . 
D 2 HOH 30 120 65  HOH HOH B . 
D 2 HOH 31 121 67  HOH HOH B . 
D 2 HOH 32 122 68  HOH HOH B . 
D 2 HOH 33 123 70  HOH HOH B . 
D 2 HOH 34 124 71  HOH HOH B . 
D 2 HOH 35 125 72  HOH HOH B . 
D 2 HOH 36 126 74  HOH HOH B . 
D 2 HOH 37 127 76  HOH HOH B . 
D 2 HOH 38 128 77  HOH HOH B . 
D 2 HOH 39 129 78  HOH HOH B . 
D 2 HOH 40 130 79  HOH HOH B . 
D 2 HOH 41 131 81  HOH HOH B . 
D 2 HOH 42 132 82  HOH HOH B . 
D 2 HOH 43 133 85  HOH HOH B . 
D 2 HOH 44 134 86  HOH HOH B . 
D 2 HOH 45 135 88  HOH HOH B . 
D 2 HOH 46 136 92  HOH HOH B . 
D 2 HOH 47 137 94  HOH HOH B . 
D 2 HOH 48 138 99  HOH HOH B . 
D 2 HOH 49 139 100 HOH HOH B . 
D 2 HOH 50 140 101 HOH HOH B . 
D 2 HOH 51 141 103 HOH HOH B . 
D 2 HOH 52 142 104 HOH HOH B . 
D 2 HOH 53 143 105 HOH HOH B . 
D 2 HOH 54 144 107 HOH HOH B . 
D 2 HOH 55 145 108 HOH HOH B . 
D 2 HOH 56 146 109 HOH HOH B . 
D 2 HOH 57 147 116 HOH HOH B . 
D 2 HOH 58 148 122 HOH HOH B . 
D 2 HOH 59 149 123 HOH HOH B . 
D 2 HOH 60 150 128 HOH HOH B . 
D 2 HOH 61 151 130 HOH HOH B . 
D 2 HOH 62 152 131 HOH HOH B . 
D 2 HOH 63 153 132 HOH HOH B . 
D 2 HOH 64 154 133 HOH HOH B . 
D 2 HOH 65 155 135 HOH HOH B . 
# 
loop_
_software.name 
_software.classification 
_software.version 
_software.citation_id 
_software.pdbx_ordinal 
REFMAC   refinement       5.2.0005 ? 1 
HKL-2000 'data reduction' .        ? 2 
HKL-2000 'data scaling'   .        ? 3 
# 
_cell.entry_id           1Y9B 
_cell.length_a           66.220 
_cell.length_b           72.732 
_cell.length_c           48.469 
_cell.angle_alpha        90.00 
_cell.angle_beta         90.00 
_cell.angle_gamma        90.00 
_cell.Z_PDB              8 
_cell.pdbx_unique_axis   ? 
_cell.length_a_esd       ? 
_cell.length_b_esd       ? 
_cell.length_c_esd       ? 
_cell.angle_alpha_esd    ? 
_cell.angle_beta_esd     ? 
_cell.angle_gamma_esd    ? 
# 
_symmetry.entry_id                         1Y9B 
_symmetry.space_group_name_H-M             'P 21 21 2' 
_symmetry.pdbx_full_space_group_name_H-M   ? 
_symmetry.cell_setting                     ? 
_symmetry.Int_Tables_number                18 
_symmetry.space_group_name_Hall            ? 
# 
_exptl.entry_id          1Y9B 
_exptl.method            'X-RAY DIFFRACTION' 
_exptl.crystals_number   1 
# 
_exptl_crystal.id                    1 
_exptl_crystal.density_meas          ? 
_exptl_crystal.density_Matthews      2.98 
_exptl_crystal.density_percent_sol   58.75 
_exptl_crystal.description           ? 
_exptl_crystal.F_000                 ? 
_exptl_crystal.preparation           ? 
# 
_exptl_crystal_grow.crystal_id      1 
_exptl_crystal_grow.method          'VAPOR DIFFUSION' 
_exptl_crystal_grow.temp            298 
_exptl_crystal_grow.temp_details    ? 
_exptl_crystal_grow.pH              7.0 
_exptl_crystal_grow.pdbx_details    
'1.1M Sodium malonate, 0.1M Hepes, 0.5% w/v jeffamine ED-2001, pH 7.0, VAPOR DIFFUSION, temperature 298K' 
_exptl_crystal_grow.pdbx_pH_range   . 
# 
_diffrn.id                     1 
_diffrn.ambient_temp           150 
_diffrn.ambient_temp_details   ? 
_diffrn.crystal_id             1 
# 
_diffrn_detector.diffrn_id              1 
_diffrn_detector.detector               CCD 
_diffrn_detector.type                   SBC-2 
_diffrn_detector.pdbx_collection_date   2004-10-11 
_diffrn_detector.details                'sagitally focused SI(111)' 
# 
_diffrn_radiation.diffrn_id                        1 
_diffrn_radiation.wavelength_id                    1 
_diffrn_radiation.pdbx_monochromatic_or_laue_m_l   M 
_diffrn_radiation.monochromator                    'Double crystal' 
_diffrn_radiation.pdbx_diffrn_protocol             'SINGLE WAVELENGTH' 
_diffrn_radiation.pdbx_scattering_type             x-ray 
# 
_diffrn_radiation_wavelength.id           1 
_diffrn_radiation_wavelength.wavelength   .97944 
_diffrn_radiation_wavelength.wt           1.0 
# 
_diffrn_source.diffrn_id                   1 
_diffrn_source.source                      SYNCHROTRON 
_diffrn_source.type                        'APS BEAMLINE 19-BM' 
_diffrn_source.pdbx_synchrotron_site       APS 
_diffrn_source.pdbx_synchrotron_beamline   19-BM 
_diffrn_source.pdbx_wavelength             ? 
_diffrn_source.pdbx_wavelength_list        .97944 
# 
_reflns.entry_id                     1Y9B 
_reflns.observed_criterion_sigma_F   2.0 
_reflns.observed_criterion_sigma_I   2.0 
_reflns.d_resolution_high            2.20 
_reflns.d_resolution_low             48.970 
_reflns.number_all                   22383 
_reflns.number_obs                   12046 
_reflns.percent_possible_obs         97.4 
_reflns.pdbx_Rmerge_I_obs            ? 
_reflns.pdbx_Rsym_value              ? 
_reflns.pdbx_netI_over_sigmaI        ? 
_reflns.B_iso_Wilson_estimate        ? 
_reflns.pdbx_redundancy              ? 
_reflns.R_free_details               ? 
_reflns.limit_h_max                  ? 
_reflns.limit_h_min                  ? 
_reflns.limit_k_max                  ? 
_reflns.limit_k_min                  ? 
_reflns.limit_l_max                  ? 
_reflns.limit_l_min                  ? 
_reflns.observed_criterion_F_max     ? 
_reflns.observed_criterion_F_min     ? 
_reflns.pdbx_chi_squared             ? 
_reflns.pdbx_scaling_rejects         ? 
_reflns.pdbx_ordinal                 1 
_reflns.pdbx_diffrn_id               1 
# 
_reflns_shell.d_res_high             2.20 
_reflns_shell.d_res_low              2.28 
_reflns_shell.percent_possible_all   97.5 
_reflns_shell.Rmerge_I_obs           ? 
_reflns_shell.pdbx_Rsym_value        ? 
_reflns_shell.meanI_over_sigI_obs    ? 
_reflns_shell.pdbx_redundancy        ? 
_reflns_shell.percent_possible_obs   ? 
_reflns_shell.number_unique_all      ? 
_reflns_shell.number_measured_all    ? 
_reflns_shell.number_measured_obs    ? 
_reflns_shell.number_unique_obs      ? 
_reflns_shell.pdbx_chi_squared       ? 
_reflns_shell.pdbx_ordinal           1 
_reflns_shell.pdbx_diffrn_id         1 
# 
_refine.entry_id                                 1Y9B 
_refine.ls_number_reflns_obs                     11459 
_refine.ls_number_reflns_all                     22383 
_refine.pdbx_ls_sigma_I                          0 
_refine.pdbx_ls_sigma_F                          0 
_refine.pdbx_data_cutoff_high_absF               ? 
_refine.pdbx_data_cutoff_low_absF                ? 
_refine.pdbx_data_cutoff_high_rms_absF           ? 
_refine.ls_d_res_low                             48.97 
_refine.ls_d_res_high                            2.20 
_refine.ls_percent_reflns_obs                    97.14 
_refine.ls_R_factor_obs                          0.22747 
_refine.ls_R_factor_all                          0.22747 
_refine.ls_R_factor_R_work                       0.22453 
_refine.ls_R_factor_R_free                       0.28598 
_refine.ls_R_factor_R_free_error                 ? 
_refine.ls_R_factor_R_free_error_details         ? 
_refine.ls_percent_reflns_R_free                 4.9 
_refine.ls_number_reflns_R_free                  587 
_refine.ls_number_parameters                     ? 
_refine.ls_number_restraints                     ? 
_refine.occupancy_min                            ? 
_refine.occupancy_max                            ? 
_refine.correlation_coeff_Fo_to_Fc               0.921 
_refine.correlation_coeff_Fo_to_Fc_free          0.828 
_refine.B_iso_mean                               24.747 
_refine.aniso_B[1][1]                            0.06 
_refine.aniso_B[2][2]                            1.03 
_refine.aniso_B[3][3]                            -1.09 
_refine.aniso_B[1][2]                            0.00 
_refine.aniso_B[1][3]                            0.00 
_refine.aniso_B[2][3]                            0.00 
_refine.solvent_model_details                    MASK 
_refine.solvent_model_param_ksol                 ? 
_refine.solvent_model_param_bsol                 ? 
_refine.pdbx_solvent_vdw_probe_radii             1.20 
_refine.pdbx_solvent_ion_probe_radii             0.80 
_refine.pdbx_solvent_shrinkage_radii             0.80 
_refine.pdbx_ls_cross_valid_method               THROUGHOUT 
_refine.details                                  'HYDROGENS HAVE BEEN ADDED IN THE RIDING POSITIONS' 
_refine.pdbx_starting_model                      ? 
_refine.pdbx_method_to_determine_struct          SAD 
_refine.pdbx_isotropic_thermal_model             ? 
_refine.pdbx_stereochemistry_target_values       'MAXIMUM LIKELIHOOD' 
_refine.pdbx_stereochem_target_val_spec_case     ? 
_refine.pdbx_R_Free_selection_details            RANDOM 
_refine.pdbx_overall_ESU_R                       0.232 
_refine.pdbx_overall_ESU_R_Free                  0.218 
_refine.overall_SU_ML                            0.198 
_refine.overall_SU_B                             15.305 
_refine.ls_redundancy_reflns_obs                 ? 
_refine.B_iso_min                                ? 
_refine.B_iso_max                                ? 
_refine.overall_SU_R_Cruickshank_DPI             ? 
_refine.overall_SU_R_free                        ? 
_refine.ls_wR_factor_R_free                      ? 
_refine.ls_wR_factor_R_work                      ? 
_refine.overall_FOM_free_R_set                   ? 
_refine.overall_FOM_work_R_set                   ? 
_refine.pdbx_refine_id                           'X-RAY DIFFRACTION' 
_refine.pdbx_diffrn_id                           1 
_refine.pdbx_TLS_residual_ADP_flag               ? 
_refine.pdbx_overall_phase_error                 ? 
_refine.pdbx_overall_SU_R_free_Cruickshank_DPI   ? 
_refine.pdbx_overall_SU_R_Blow_DPI               ? 
_refine.pdbx_overall_SU_R_free_Blow_DPI          ? 
# 
_refine_hist.pdbx_refine_id                   'X-RAY DIFFRACTION' 
_refine_hist.cycle_id                         LAST 
_refine_hist.pdbx_number_atoms_protein        1178 
_refine_hist.pdbx_number_atoms_nucleic_acid   0 
_refine_hist.pdbx_number_atoms_ligand         0 
_refine_hist.number_atoms_solvent             123 
_refine_hist.number_atoms_total               1301 
_refine_hist.d_res_high                       2.20 
_refine_hist.d_res_low                        48.97 
# 
loop_
_refine_ls_restr.type 
_refine_ls_restr.dev_ideal 
_refine_ls_restr.dev_ideal_target 
_refine_ls_restr.weight 
_refine_ls_restr.number 
_refine_ls_restr.pdbx_refine_id 
_refine_ls_restr.pdbx_restraint_function 
r_bond_refined_d         0.014  0.022  ? 1189 'X-RAY DIFFRACTION' ? 
r_angle_refined_deg      1.460  1.995  ? 1609 'X-RAY DIFFRACTION' ? 
r_dihedral_angle_1_deg   5.644  5.000  ? 159  'X-RAY DIFFRACTION' ? 
r_dihedral_angle_2_deg   39.063 26.889 ? 45   'X-RAY DIFFRACTION' ? 
r_dihedral_angle_3_deg   18.689 15.000 ? 228  'X-RAY DIFFRACTION' ? 
r_dihedral_angle_4_deg   18.506 15.000 ? 6    'X-RAY DIFFRACTION' ? 
r_chiral_restr           0.087  0.200  ? 209  'X-RAY DIFFRACTION' ? 
r_gen_planes_refined     0.005  0.020  ? 836  'X-RAY DIFFRACTION' ? 
r_nbd_refined            0.209  0.200  ? 505  'X-RAY DIFFRACTION' ? 
r_nbtor_refined          0.279  0.200  ? 856  'X-RAY DIFFRACTION' ? 
r_xyhbond_nbd_refined    0.234  0.200  ? 77   'X-RAY DIFFRACTION' ? 
r_symmetry_vdw_refined   0.177  0.200  ? 60   'X-RAY DIFFRACTION' ? 
r_symmetry_hbond_refined 0.214  0.200  ? 17   'X-RAY DIFFRACTION' ? 
r_mcbond_it              1.463  1.500  ? 820  'X-RAY DIFFRACTION' ? 
r_mcangle_it             1.593  2.000  ? 1273 'X-RAY DIFFRACTION' ? 
r_scbond_it              2.869  3.000  ? 398  'X-RAY DIFFRACTION' ? 
r_scangle_it             4.961  4.500  ? 335  'X-RAY DIFFRACTION' ? 
# 
_refine_ls_shell.pdbx_total_number_of_bins_used   20 
_refine_ls_shell.d_res_high                       2.199 
_refine_ls_shell.d_res_low                        2.256 
_refine_ls_shell.number_reflns_R_work             819 
_refine_ls_shell.R_factor_R_work                  0.358 
_refine_ls_shell.percent_reflns_obs               97.71 
_refine_ls_shell.R_factor_R_free                  0.503 
_refine_ls_shell.R_factor_R_free_error            ? 
_refine_ls_shell.percent_reflns_R_free            ? 
_refine_ls_shell.number_reflns_R_free             35 
_refine_ls_shell.number_reflns_obs                ? 
_refine_ls_shell.redundancy_reflns_obs            ? 
_refine_ls_shell.number_reflns_all                ? 
_refine_ls_shell.R_factor_all                     ? 
_refine_ls_shell.pdbx_refine_id                   'X-RAY DIFFRACTION' 
# 
_struct.entry_id                  1Y9B 
_struct.title                     
'Structure of Conserved Putative Transcriptional Factor from Vibrio cholerae O1 biovar eltor str. N16961' 
_struct.pdbx_model_details        ? 
_struct.pdbx_CASP_flag            ? 
_struct.pdbx_model_type_details   ? 
# 
_struct_keywords.entry_id        1Y9B 
_struct_keywords.pdbx_keywords   'STRUCTURAL GENOMICS, UNKNOWN FUNCTION' 
_struct_keywords.text            
;MCSG, structural genomics, Vibrio cholerae, conserved hypothetical protein, PSI, Protein Structure Initiative, Midwest Center for Structural Genomics, UNKNOWN FUNCTION
;
# 
loop_
_struct_asym.id 
_struct_asym.pdbx_blank_PDB_chainid_flag 
_struct_asym.pdbx_modified 
_struct_asym.entity_id 
_struct_asym.details 
A N N 1 ? 
B N N 1 ? 
C N N 2 ? 
D N N 2 ? 
# 
_struct_ref.id                         1 
_struct_ref.db_name                    UNP 
_struct_ref.db_code                    Q9K2J6_VIBCH 
_struct_ref.pdbx_db_accession          Q9K2J6 
_struct_ref.entity_id                  1 
_struct_ref.pdbx_seq_one_letter_code   
;MATTLPRITARVDVDTQDLLAKAAALAGMSSINSFVLNAAIEKAKQVIEREQALKLSQADAVLLMEALDNPAVVNAKLKL
ASERYESKTQ
;
_struct_ref.pdbx_align_begin           1 
_struct_ref.pdbx_db_isoform            ? 
# 
loop_
_struct_ref_seq.align_id 
_struct_ref_seq.ref_id 
_struct_ref_seq.pdbx_PDB_id_code 
_struct_ref_seq.pdbx_strand_id 
_struct_ref_seq.seq_align_beg 
_struct_ref_seq.pdbx_seq_align_beg_ins_code 
_struct_ref_seq.seq_align_end 
_struct_ref_seq.pdbx_seq_align_end_ins_code 
_struct_ref_seq.pdbx_db_accession 
_struct_ref_seq.db_align_beg 
_struct_ref_seq.pdbx_db_align_beg_ins_code 
_struct_ref_seq.db_align_end 
_struct_ref_seq.pdbx_db_align_end_ins_code 
_struct_ref_seq.pdbx_auth_seq_align_beg 
_struct_ref_seq.pdbx_auth_seq_align_end 
1 1 1Y9B A 1 ? 90 ? Q9K2J6 1 ? 90 ? 1 90 
2 1 1Y9B B 1 ? 90 ? Q9K2J6 1 ? 90 ? 1 90 
# 
loop_
_struct_ref_seq_dif.align_id 
_struct_ref_seq_dif.pdbx_pdb_id_code 
_struct_ref_seq_dif.mon_id 
_struct_ref_seq_dif.pdbx_pdb_strand_id 
_struct_ref_seq_dif.seq_num 
_struct_ref_seq_dif.pdbx_pdb_ins_code 
_struct_ref_seq_dif.pdbx_seq_db_name 
_struct_ref_seq_dif.pdbx_seq_db_accession_code 
_struct_ref_seq_dif.db_mon_id 
_struct_ref_seq_dif.pdbx_seq_db_seq_num 
_struct_ref_seq_dif.details 
_struct_ref_seq_dif.pdbx_auth_seq_num 
_struct_ref_seq_dif.pdbx_ordinal 
1 1Y9B MSE A 29 ? UNP Q9K2J6 MET 29 'modified residue' 29 1 
1 1Y9B MSE A 65 ? UNP Q9K2J6 MET 65 'modified residue' 65 2 
2 1Y9B MSE B 29 ? UNP Q9K2J6 MET 29 'modified residue' 29 3 
2 1Y9B MSE B 65 ? UNP Q9K2J6 MET 65 'modified residue' 65 4 
# 
loop_
_pdbx_struct_assembly.id 
_pdbx_struct_assembly.details 
_pdbx_struct_assembly.method_details 
_pdbx_struct_assembly.oligomeric_details 
_pdbx_struct_assembly.oligomeric_count 
1 author_and_software_defined_assembly PISA dimeric    2 
2 software_defined_assembly            PISA tetrameric 4 
# 
loop_
_pdbx_struct_assembly_prop.biol_id 
_pdbx_struct_assembly_prop.type 
_pdbx_struct_assembly_prop.value 
_pdbx_struct_assembly_prop.details 
1 'ABSA (A^2)' 3220  ? 
1 MORE         -26   ? 
1 'SSA (A^2)'  11420 ? 
2 'ABSA (A^2)' 3580  ? 
2 MORE         -43   ? 
2 'SSA (A^2)'  25700 ? 
# 
loop_
_pdbx_struct_assembly_gen.assembly_id 
_pdbx_struct_assembly_gen.oper_expression 
_pdbx_struct_assembly_gen.asym_id_list 
1 1   A,B,C,D 
2 1,2 A,C     
2 3,4 B,D     
# 
loop_
_pdbx_struct_oper_list.id 
_pdbx_struct_oper_list.type 
_pdbx_struct_oper_list.name 
_pdbx_struct_oper_list.symmetry_operation 
_pdbx_struct_oper_list.matrix[1][1] 
_pdbx_struct_oper_list.matrix[1][2] 
_pdbx_struct_oper_list.matrix[1][3] 
_pdbx_struct_oper_list.vector[1] 
_pdbx_struct_oper_list.matrix[2][1] 
_pdbx_struct_oper_list.matrix[2][2] 
_pdbx_struct_oper_list.matrix[2][3] 
_pdbx_struct_oper_list.vector[2] 
_pdbx_struct_oper_list.matrix[3][1] 
_pdbx_struct_oper_list.matrix[3][2] 
_pdbx_struct_oper_list.matrix[3][3] 
_pdbx_struct_oper_list.vector[3] 
1 'identity operation'         1_555 x,y,z       1.0000000000 0.0000000000 0.0000000000 0.0000000000  0.0000000000 1.0000000000  0.0000000000 0.0000000000   0.0000000000 0.0000000000 1.0000000000  0.0000000000  
2 'crystal symmetry operation' 2_655 -x+1,-y,z   0.0476480637 0.9985929647 0.0232755867 20.1645906433 0.9985929647 -0.0481651772 0.0221857301 -21.8876193239 0.0232755867 0.0221857301 -0.9994828865 31.4246999120 
3 'crystal symmetry operation' 1_556 x,y,z+1     1.0000000000 0.0000000000 0.0000000000 35.0797725682 0.0000000000 1.0000000000  0.0000000000 33.4371964241  0.0000000000 0.0000000000 1.0000000000  0.7793669616  
4 'crystal symmetry operation' 2_656 -x+1,-y,z+1 0.0476480637 0.9985929647 0.0232755867 55.2443632115 0.9985929647 -0.0481651772 0.0221857301 11.5495771003  0.0232755867 0.0221857301 -0.9994828865 32.2040668736 
# 
_struct_biol.id   1 
# 
loop_
_struct_conf.conf_type_id 
_struct_conf.id 
_struct_conf.pdbx_PDB_helix_id 
_struct_conf.beg_label_comp_id 
_struct_conf.beg_label_asym_id 
_struct_conf.beg_label_seq_id 
_struct_conf.pdbx_beg_PDB_ins_code 
_struct_conf.end_label_comp_id 
_struct_conf.end_label_asym_id 
_struct_conf.end_label_seq_id 
_struct_conf.pdbx_end_PDB_ins_code 
_struct_conf.beg_auth_comp_id 
_struct_conf.beg_auth_asym_id 
_struct_conf.beg_auth_seq_id 
_struct_conf.end_auth_comp_id 
_struct_conf.end_auth_asym_id 
_struct_conf.end_auth_seq_id 
_struct_conf.pdbx_PDB_helix_class 
_struct_conf.details 
_struct_conf.pdbx_PDB_helix_length 
HELX_P HELX_P1 1 ASP A 13 ? ALA A 27 ? ASP A 13 ALA A 27 1 ? 15 
HELX_P HELX_P2 2 SER A 31 ? ASN A 70 ? SER A 31 ASN A 70 1 ? 40 
HELX_P HELX_P3 3 ASN A 70 ? GLU A 83 ? ASN A 70 GLU A 83 1 ? 14 
HELX_P HELX_P4 4 ASP B 13 ? ALA B 27 ? ASP B 13 ALA B 27 1 ? 15 
HELX_P HELX_P5 5 SER B 31 ? SER B 57 ? SER B 31 SER B 57 1 ? 27 
HELX_P HELX_P6 6 GLN B 58 ? ASN B 70 ? GLN B 58 ASN B 70 1 ? 13 
HELX_P HELX_P7 7 ASN B 70 ? SER B 82 ? ASN B 70 SER B 82 1 ? 13 
# 
_struct_conf_type.id          HELX_P 
_struct_conf_type.criteria    ? 
_struct_conf_type.reference   ? 
# 
loop_
_struct_conn.id 
_struct_conn.conn_type_id 
_struct_conn.pdbx_leaving_atom_flag 
_struct_conn.pdbx_PDB_id 
_struct_conn.ptnr1_label_asym_id 
_struct_conn.ptnr1_label_comp_id 
_struct_conn.ptnr1_label_seq_id 
_struct_conn.ptnr1_label_atom_id 
_struct_conn.pdbx_ptnr1_label_alt_id 
_struct_conn.pdbx_ptnr1_PDB_ins_code 
_struct_conn.pdbx_ptnr1_standard_comp_id 
_struct_conn.ptnr1_symmetry 
_struct_conn.ptnr2_label_asym_id 
_struct_conn.ptnr2_label_comp_id 
_struct_conn.ptnr2_label_seq_id 
_struct_conn.ptnr2_label_atom_id 
_struct_conn.pdbx_ptnr2_label_alt_id 
_struct_conn.pdbx_ptnr2_PDB_ins_code 
_struct_conn.ptnr1_auth_asym_id 
_struct_conn.ptnr1_auth_comp_id 
_struct_conn.ptnr1_auth_seq_id 
_struct_conn.ptnr2_auth_asym_id 
_struct_conn.ptnr2_auth_comp_id 
_struct_conn.ptnr2_auth_seq_id 
_struct_conn.ptnr2_symmetry 
_struct_conn.pdbx_ptnr3_label_atom_id 
_struct_conn.pdbx_ptnr3_label_seq_id 
_struct_conn.pdbx_ptnr3_label_comp_id 
_struct_conn.pdbx_ptnr3_label_asym_id 
_struct_conn.pdbx_ptnr3_label_alt_id 
_struct_conn.pdbx_ptnr3_PDB_ins_code 
_struct_conn.details 
_struct_conn.pdbx_dist_value 
_struct_conn.pdbx_value_order 
_struct_conn.pdbx_role 
covale1 covale both ? A GLY 28 C ? ? ? 1_555 A MSE 29 N ? ? A GLY 28 A MSE 29 1_555 ? ? ? ? ? ? ? 1.333 ? ? 
covale2 covale both ? A MSE 29 C ? ? ? 1_555 A SER 30 N ? ? A MSE 29 A SER 30 1_555 ? ? ? ? ? ? ? 1.330 ? ? 
covale3 covale both ? A LEU 64 C ? ? ? 1_555 A MSE 65 N ? ? A LEU 64 A MSE 65 1_555 ? ? ? ? ? ? ? 1.331 ? ? 
covale4 covale both ? A MSE 65 C ? ? ? 1_555 A GLU 66 N ? ? A MSE 65 A GLU 66 1_555 ? ? ? ? ? ? ? 1.329 ? ? 
covale5 covale both ? B GLY 28 C ? ? ? 1_555 B MSE 29 N ? ? B GLY 28 B MSE 29 1_555 ? ? ? ? ? ? ? 1.346 ? ? 
covale6 covale both ? B MSE 29 C ? ? ? 1_555 B SER 30 N ? ? B MSE 29 B SER 30 1_555 ? ? ? ? ? ? ? 1.329 ? ? 
covale7 covale both ? B LEU 64 C ? ? ? 1_555 B MSE 65 N ? ? B LEU 64 B MSE 65 1_555 ? ? ? ? ? ? ? 1.329 ? ? 
covale8 covale both ? B MSE 65 C ? ? ? 1_555 B GLU 66 N ? ? B MSE 65 B GLU 66 1_555 ? ? ? ? ? ? ? 1.324 ? ? 
# 
_struct_conn_type.id          covale 
_struct_conn_type.criteria    ? 
_struct_conn_type.reference   ? 
# 
loop_
_pdbx_modification_feature.ordinal 
_pdbx_modification_feature.label_comp_id 
_pdbx_modification_feature.label_asym_id 
_pdbx_modification_feature.label_seq_id 
_pdbx_modification_feature.label_alt_id 
_pdbx_modification_feature.modified_residue_label_comp_id 
_pdbx_modification_feature.modified_residue_label_asym_id 
_pdbx_modification_feature.modified_residue_label_seq_id 
_pdbx_modification_feature.modified_residue_label_alt_id 
_pdbx_modification_feature.auth_comp_id 
_pdbx_modification_feature.auth_asym_id 
_pdbx_modification_feature.auth_seq_id 
_pdbx_modification_feature.PDB_ins_code 
_pdbx_modification_feature.symmetry 
_pdbx_modification_feature.modified_residue_auth_comp_id 
_pdbx_modification_feature.modified_residue_auth_asym_id 
_pdbx_modification_feature.modified_residue_auth_seq_id 
_pdbx_modification_feature.modified_residue_PDB_ins_code 
_pdbx_modification_feature.modified_residue_symmetry 
_pdbx_modification_feature.comp_id_linking_atom 
_pdbx_modification_feature.modified_residue_id_linking_atom 
_pdbx_modification_feature.modified_residue_id 
_pdbx_modification_feature.ref_pcm_id 
_pdbx_modification_feature.ref_comp_id 
_pdbx_modification_feature.type 
_pdbx_modification_feature.category 
1 MSE A 29 ? . . . . MSE A 29 ? 1_555 . . . . . . . MET 1 MSE Selenomethionine 'Named protein modification' 
2 MSE A 65 ? . . . . MSE A 65 ? 1_555 . . . . . . . MET 1 MSE Selenomethionine 'Named protein modification' 
3 MSE B 29 ? . . . . MSE B 29 ? 1_555 . . . . . . . MET 1 MSE Selenomethionine 'Named protein modification' 
4 MSE B 65 ? . . . . MSE B 65 ? 1_555 . . . . . . . MET 1 MSE Selenomethionine 'Named protein modification' 
# 
_struct_sheet.id               A 
_struct_sheet.type             ? 
_struct_sheet.number_strands   2 
_struct_sheet.details          ? 
# 
_struct_sheet_order.sheet_id     A 
_struct_sheet_order.range_id_1   1 
_struct_sheet_order.range_id_2   2 
_struct_sheet_order.offset       ? 
_struct_sheet_order.sense        anti-parallel 
# 
loop_
_struct_sheet_range.sheet_id 
_struct_sheet_range.id 
_struct_sheet_range.beg_label_comp_id 
_struct_sheet_range.beg_label_asym_id 
_struct_sheet_range.beg_label_seq_id 
_struct_sheet_range.pdbx_beg_PDB_ins_code 
_struct_sheet_range.end_label_comp_id 
_struct_sheet_range.end_label_asym_id 
_struct_sheet_range.end_label_seq_id 
_struct_sheet_range.pdbx_end_PDB_ins_code 
_struct_sheet_range.beg_auth_comp_id 
_struct_sheet_range.beg_auth_asym_id 
_struct_sheet_range.beg_auth_seq_id 
_struct_sheet_range.end_auth_comp_id 
_struct_sheet_range.end_auth_asym_id 
_struct_sheet_range.end_auth_seq_id 
A 1 ILE A 8 ? ARG A 11 ? ILE A 8 ARG A 11 
A 2 ARG B 7 ? ALA B 10 ? ARG B 7 ALA B 10 
# 
_pdbx_struct_sheet_hbond.sheet_id                A 
_pdbx_struct_sheet_hbond.range_id_1              1 
_pdbx_struct_sheet_hbond.range_id_2              2 
_pdbx_struct_sheet_hbond.range_1_label_atom_id   N 
_pdbx_struct_sheet_hbond.range_1_label_comp_id   ILE 
_pdbx_struct_sheet_hbond.range_1_label_asym_id   A 
_pdbx_struct_sheet_hbond.range_1_label_seq_id    8 
_pdbx_struct_sheet_hbond.range_1_PDB_ins_code    ? 
_pdbx_struct_sheet_hbond.range_1_auth_atom_id    N 
_pdbx_struct_sheet_hbond.range_1_auth_comp_id    ILE 
_pdbx_struct_sheet_hbond.range_1_auth_asym_id    A 
_pdbx_struct_sheet_hbond.range_1_auth_seq_id     8 
_pdbx_struct_sheet_hbond.range_2_label_atom_id   O 
_pdbx_struct_sheet_hbond.range_2_label_comp_id   ALA 
_pdbx_struct_sheet_hbond.range_2_label_asym_id   B 
_pdbx_struct_sheet_hbond.range_2_label_seq_id    10 
_pdbx_struct_sheet_hbond.range_2_PDB_ins_code    ? 
_pdbx_struct_sheet_hbond.range_2_auth_atom_id    O 
_pdbx_struct_sheet_hbond.range_2_auth_comp_id    ALA 
_pdbx_struct_sheet_hbond.range_2_auth_asym_id    B 
_pdbx_struct_sheet_hbond.range_2_auth_seq_id     10 
# 
_pdbx_entry_details.entry_id                   1Y9B 
_pdbx_entry_details.compound_details           ? 
_pdbx_entry_details.source_details             ? 
_pdbx_entry_details.nonpolymer_details         ? 
_pdbx_entry_details.sequence_details           ? 
_pdbx_entry_details.has_ligand_of_interest     ? 
_pdbx_entry_details.has_protein_modification   Y 
# 
loop_
_pdbx_validate_close_contact.id 
_pdbx_validate_close_contact.PDB_model_num 
_pdbx_validate_close_contact.auth_atom_id_1 
_pdbx_validate_close_contact.auth_asym_id_1 
_pdbx_validate_close_contact.auth_comp_id_1 
_pdbx_validate_close_contact.auth_seq_id_1 
_pdbx_validate_close_contact.PDB_ins_code_1 
_pdbx_validate_close_contact.label_alt_id_1 
_pdbx_validate_close_contact.auth_atom_id_2 
_pdbx_validate_close_contact.auth_asym_id_2 
_pdbx_validate_close_contact.auth_comp_id_2 
_pdbx_validate_close_contact.auth_seq_id_2 
_pdbx_validate_close_contact.PDB_ins_code_2 
_pdbx_validate_close_contact.label_alt_id_2 
_pdbx_validate_close_contact.dist 
1 1 O   A HOH 91  ? ? O A HOH 146 ? ? 1.72 
2 1 O   B HOH 139 ? ? O B HOH 150 ? ? 2.01 
3 1 OE1 A GLU 42  ? B O A HOH 148 ? ? 2.05 
# 
_pdbx_validate_torsion.id              1 
_pdbx_validate_torsion.PDB_model_num   1 
_pdbx_validate_torsion.auth_comp_id    SER 
_pdbx_validate_torsion.auth_asym_id    B 
_pdbx_validate_torsion.auth_seq_id     82 
_pdbx_validate_torsion.PDB_ins_code    ? 
_pdbx_validate_torsion.label_alt_id    ? 
_pdbx_validate_torsion.phi             -91.06 
_pdbx_validate_torsion.psi             35.28 
# 
_pdbx_SG_project.id                    1 
_pdbx_SG_project.project_name          'PSI, Protein Structure Initiative' 
_pdbx_SG_project.full_name_of_center   'Midwest Center for Structural Genomics' 
_pdbx_SG_project.initial_of_center     MCSG 
# 
loop_
_pdbx_struct_mod_residue.id 
_pdbx_struct_mod_residue.label_asym_id 
_pdbx_struct_mod_residue.label_comp_id 
_pdbx_struct_mod_residue.label_seq_id 
_pdbx_struct_mod_residue.auth_asym_id 
_pdbx_struct_mod_residue.auth_comp_id 
_pdbx_struct_mod_residue.auth_seq_id 
_pdbx_struct_mod_residue.PDB_ins_code 
_pdbx_struct_mod_residue.parent_comp_id 
_pdbx_struct_mod_residue.details 
1 A MSE 29 A MSE 29 ? MET SELENOMETHIONINE 
2 A MSE 65 A MSE 65 ? MET SELENOMETHIONINE 
3 B MSE 29 B MSE 29 ? MET SELENOMETHIONINE 
4 B MSE 65 B MSE 65 ? MET SELENOMETHIONINE 
# 
loop_
_pdbx_unobs_or_zero_occ_residues.id 
_pdbx_unobs_or_zero_occ_residues.PDB_model_num 
_pdbx_unobs_or_zero_occ_residues.polymer_flag 
_pdbx_unobs_or_zero_occ_residues.occupancy_flag 
_pdbx_unobs_or_zero_occ_residues.auth_asym_id 
_pdbx_unobs_or_zero_occ_residues.auth_comp_id 
_pdbx_unobs_or_zero_occ_residues.auth_seq_id 
_pdbx_unobs_or_zero_occ_residues.PDB_ins_code 
_pdbx_unobs_or_zero_occ_residues.label_asym_id 
_pdbx_unobs_or_zero_occ_residues.label_comp_id 
_pdbx_unobs_or_zero_occ_residues.label_seq_id 
1  1 Y 1 A MET 1  ? A MET 1  
2  1 Y 1 A ALA 2  ? A ALA 2  
3  1 Y 1 A ARG 84 ? A ARG 84 
4  1 Y 1 A TYR 85 ? A TYR 85 
5  1 Y 1 A GLU 86 ? A GLU 86 
6  1 Y 1 A SER 87 ? A SER 87 
7  1 Y 1 A LYS 88 ? A LYS 88 
8  1 Y 1 A THR 89 ? A THR 89 
9  1 Y 1 A GLN 90 ? A GLN 90 
10 1 Y 1 B MET 1  ? B MET 1  
11 1 Y 1 B ALA 2  ? B ALA 2  
12 1 Y 1 B THR 3  ? B THR 3  
13 1 Y 1 B THR 4  ? B THR 4  
14 1 Y 1 B LEU 5  ? B LEU 5  
15 1 Y 1 B ARG 84 ? B ARG 84 
16 1 Y 1 B TYR 85 ? B TYR 85 
17 1 Y 1 B GLU 86 ? B GLU 86 
18 1 Y 1 B SER 87 ? B SER 87 
19 1 Y 1 B LYS 88 ? B LYS 88 
20 1 Y 1 B THR 89 ? B THR 89 
21 1 Y 1 B GLN 90 ? B GLN 90 
# 
loop_
_chem_comp_atom.comp_id 
_chem_comp_atom.atom_id 
_chem_comp_atom.type_symbol 
_chem_comp_atom.pdbx_aromatic_flag 
_chem_comp_atom.pdbx_stereo_config 
_chem_comp_atom.pdbx_ordinal 
ALA N    N  N N 1   
ALA CA   C  N S 2   
ALA C    C  N N 3   
ALA O    O  N N 4   
ALA CB   C  N N 5   
ALA OXT  O  N N 6   
ALA H    H  N N 7   
ALA H2   H  N N 8   
ALA HA   H  N N 9   
ALA HB1  H  N N 10  
ALA HB2  H  N N 11  
ALA HB3  H  N N 12  
ALA HXT  H  N N 13  
ARG N    N  N N 14  
ARG CA   C  N S 15  
ARG C    C  N N 16  
ARG O    O  N N 17  
ARG CB   C  N N 18  
ARG CG   C  N N 19  
ARG CD   C  N N 20  
ARG NE   N  N N 21  
ARG CZ   C  N N 22  
ARG NH1  N  N N 23  
ARG NH2  N  N N 24  
ARG OXT  O  N N 25  
ARG H    H  N N 26  
ARG H2   H  N N 27  
ARG HA   H  N N 28  
ARG HB2  H  N N 29  
ARG HB3  H  N N 30  
ARG HG2  H  N N 31  
ARG HG3  H  N N 32  
ARG HD2  H  N N 33  
ARG HD3  H  N N 34  
ARG HE   H  N N 35  
ARG HH11 H  N N 36  
ARG HH12 H  N N 37  
ARG HH21 H  N N 38  
ARG HH22 H  N N 39  
ARG HXT  H  N N 40  
ASN N    N  N N 41  
ASN CA   C  N S 42  
ASN C    C  N N 43  
ASN O    O  N N 44  
ASN CB   C  N N 45  
ASN CG   C  N N 46  
ASN OD1  O  N N 47  
ASN ND2  N  N N 48  
ASN OXT  O  N N 49  
ASN H    H  N N 50  
ASN H2   H  N N 51  
ASN HA   H  N N 52  
ASN HB2  H  N N 53  
ASN HB3  H  N N 54  
ASN HD21 H  N N 55  
ASN HD22 H  N N 56  
ASN HXT  H  N N 57  
ASP N    N  N N 58  
ASP CA   C  N S 59  
ASP C    C  N N 60  
ASP O    O  N N 61  
ASP CB   C  N N 62  
ASP CG   C  N N 63  
ASP OD1  O  N N 64  
ASP OD2  O  N N 65  
ASP OXT  O  N N 66  
ASP H    H  N N 67  
ASP H2   H  N N 68  
ASP HA   H  N N 69  
ASP HB2  H  N N 70  
ASP HB3  H  N N 71  
ASP HD2  H  N N 72  
ASP HXT  H  N N 73  
GLN N    N  N N 74  
GLN CA   C  N S 75  
GLN C    C  N N 76  
GLN O    O  N N 77  
GLN CB   C  N N 78  
GLN CG   C  N N 79  
GLN CD   C  N N 80  
GLN OE1  O  N N 81  
GLN NE2  N  N N 82  
GLN OXT  O  N N 83  
GLN H    H  N N 84  
GLN H2   H  N N 85  
GLN HA   H  N N 86  
GLN HB2  H  N N 87  
GLN HB3  H  N N 88  
GLN HG2  H  N N 89  
GLN HG3  H  N N 90  
GLN HE21 H  N N 91  
GLN HE22 H  N N 92  
GLN HXT  H  N N 93  
GLU N    N  N N 94  
GLU CA   C  N S 95  
GLU C    C  N N 96  
GLU O    O  N N 97  
GLU CB   C  N N 98  
GLU CG   C  N N 99  
GLU CD   C  N N 100 
GLU OE1  O  N N 101 
GLU OE2  O  N N 102 
GLU OXT  O  N N 103 
GLU H    H  N N 104 
GLU H2   H  N N 105 
GLU HA   H  N N 106 
GLU HB2  H  N N 107 
GLU HB3  H  N N 108 
GLU HG2  H  N N 109 
GLU HG3  H  N N 110 
GLU HE2  H  N N 111 
GLU HXT  H  N N 112 
GLY N    N  N N 113 
GLY CA   C  N N 114 
GLY C    C  N N 115 
GLY O    O  N N 116 
GLY OXT  O  N N 117 
GLY H    H  N N 118 
GLY H2   H  N N 119 
GLY HA2  H  N N 120 
GLY HA3  H  N N 121 
GLY HXT  H  N N 122 
HOH O    O  N N 123 
HOH H1   H  N N 124 
HOH H2   H  N N 125 
ILE N    N  N N 126 
ILE CA   C  N S 127 
ILE C    C  N N 128 
ILE O    O  N N 129 
ILE CB   C  N S 130 
ILE CG1  C  N N 131 
ILE CG2  C  N N 132 
ILE CD1  C  N N 133 
ILE OXT  O  N N 134 
ILE H    H  N N 135 
ILE H2   H  N N 136 
ILE HA   H  N N 137 
ILE HB   H  N N 138 
ILE HG12 H  N N 139 
ILE HG13 H  N N 140 
ILE HG21 H  N N 141 
ILE HG22 H  N N 142 
ILE HG23 H  N N 143 
ILE HD11 H  N N 144 
ILE HD12 H  N N 145 
ILE HD13 H  N N 146 
ILE HXT  H  N N 147 
LEU N    N  N N 148 
LEU CA   C  N S 149 
LEU C    C  N N 150 
LEU O    O  N N 151 
LEU CB   C  N N 152 
LEU CG   C  N N 153 
LEU CD1  C  N N 154 
LEU CD2  C  N N 155 
LEU OXT  O  N N 156 
LEU H    H  N N 157 
LEU H2   H  N N 158 
LEU HA   H  N N 159 
LEU HB2  H  N N 160 
LEU HB3  H  N N 161 
LEU HG   H  N N 162 
LEU HD11 H  N N 163 
LEU HD12 H  N N 164 
LEU HD13 H  N N 165 
LEU HD21 H  N N 166 
LEU HD22 H  N N 167 
LEU HD23 H  N N 168 
LEU HXT  H  N N 169 
LYS N    N  N N 170 
LYS CA   C  N S 171 
LYS C    C  N N 172 
LYS O    O  N N 173 
LYS CB   C  N N 174 
LYS CG   C  N N 175 
LYS CD   C  N N 176 
LYS CE   C  N N 177 
LYS NZ   N  N N 178 
LYS OXT  O  N N 179 
LYS H    H  N N 180 
LYS H2   H  N N 181 
LYS HA   H  N N 182 
LYS HB2  H  N N 183 
LYS HB3  H  N N 184 
LYS HG2  H  N N 185 
LYS HG3  H  N N 186 
LYS HD2  H  N N 187 
LYS HD3  H  N N 188 
LYS HE2  H  N N 189 
LYS HE3  H  N N 190 
LYS HZ1  H  N N 191 
LYS HZ2  H  N N 192 
LYS HZ3  H  N N 193 
LYS HXT  H  N N 194 
MET N    N  N N 195 
MET CA   C  N S 196 
MET C    C  N N 197 
MET O    O  N N 198 
MET CB   C  N N 199 
MET CG   C  N N 200 
MET SD   S  N N 201 
MET CE   C  N N 202 
MET OXT  O  N N 203 
MET H    H  N N 204 
MET H2   H  N N 205 
MET HA   H  N N 206 
MET HB2  H  N N 207 
MET HB3  H  N N 208 
MET HG2  H  N N 209 
MET HG3  H  N N 210 
MET HE1  H  N N 211 
MET HE2  H  N N 212 
MET HE3  H  N N 213 
MET HXT  H  N N 214 
MSE N    N  N N 215 
MSE CA   C  N S 216 
MSE C    C  N N 217 
MSE O    O  N N 218 
MSE OXT  O  N N 219 
MSE CB   C  N N 220 
MSE CG   C  N N 221 
MSE SE   SE N N 222 
MSE CE   C  N N 223 
MSE H    H  N N 224 
MSE H2   H  N N 225 
MSE HA   H  N N 226 
MSE HXT  H  N N 227 
MSE HB2  H  N N 228 
MSE HB3  H  N N 229 
MSE HG2  H  N N 230 
MSE HG3  H  N N 231 
MSE HE1  H  N N 232 
MSE HE2  H  N N 233 
MSE HE3  H  N N 234 
PHE N    N  N N 235 
PHE CA   C  N S 236 
PHE C    C  N N 237 
PHE O    O  N N 238 
PHE CB   C  N N 239 
PHE CG   C  Y N 240 
PHE CD1  C  Y N 241 
PHE CD2  C  Y N 242 
PHE CE1  C  Y N 243 
PHE CE2  C  Y N 244 
PHE CZ   C  Y N 245 
PHE OXT  O  N N 246 
PHE H    H  N N 247 
PHE H2   H  N N 248 
PHE HA   H  N N 249 
PHE HB2  H  N N 250 
PHE HB3  H  N N 251 
PHE HD1  H  N N 252 
PHE HD2  H  N N 253 
PHE HE1  H  N N 254 
PHE HE2  H  N N 255 
PHE HZ   H  N N 256 
PHE HXT  H  N N 257 
PRO N    N  N N 258 
PRO CA   C  N S 259 
PRO C    C  N N 260 
PRO O    O  N N 261 
PRO CB   C  N N 262 
PRO CG   C  N N 263 
PRO CD   C  N N 264 
PRO OXT  O  N N 265 
PRO H    H  N N 266 
PRO HA   H  N N 267 
PRO HB2  H  N N 268 
PRO HB3  H  N N 269 
PRO HG2  H  N N 270 
PRO HG3  H  N N 271 
PRO HD2  H  N N 272 
PRO HD3  H  N N 273 
PRO HXT  H  N N 274 
SER N    N  N N 275 
SER CA   C  N S 276 
SER C    C  N N 277 
SER O    O  N N 278 
SER CB   C  N N 279 
SER OG   O  N N 280 
SER OXT  O  N N 281 
SER H    H  N N 282 
SER H2   H  N N 283 
SER HA   H  N N 284 
SER HB2  H  N N 285 
SER HB3  H  N N 286 
SER HG   H  N N 287 
SER HXT  H  N N 288 
THR N    N  N N 289 
THR CA   C  N S 290 
THR C    C  N N 291 
THR O    O  N N 292 
THR CB   C  N R 293 
THR OG1  O  N N 294 
THR CG2  C  N N 295 
THR OXT  O  N N 296 
THR H    H  N N 297 
THR H2   H  N N 298 
THR HA   H  N N 299 
THR HB   H  N N 300 
THR HG1  H  N N 301 
THR HG21 H  N N 302 
THR HG22 H  N N 303 
THR HG23 H  N N 304 
THR HXT  H  N N 305 
TYR N    N  N N 306 
TYR CA   C  N S 307 
TYR C    C  N N 308 
TYR O    O  N N 309 
TYR CB   C  N N 310 
TYR CG   C  Y N 311 
TYR CD1  C  Y N 312 
TYR CD2  C  Y N 313 
TYR CE1  C  Y N 314 
TYR CE2  C  Y N 315 
TYR CZ   C  Y N 316 
TYR OH   O  N N 317 
TYR OXT  O  N N 318 
TYR H    H  N N 319 
TYR H2   H  N N 320 
TYR HA   H  N N 321 
TYR HB2  H  N N 322 
TYR HB3  H  N N 323 
TYR HD1  H  N N 324 
TYR HD2  H  N N 325 
TYR HE1  H  N N 326 
TYR HE2  H  N N 327 
TYR HH   H  N N 328 
TYR HXT  H  N N 329 
VAL N    N  N N 330 
VAL CA   C  N S 331 
VAL C    C  N N 332 
VAL O    O  N N 333 
VAL CB   C  N N 334 
VAL CG1  C  N N 335 
VAL CG2  C  N N 336 
VAL OXT  O  N N 337 
VAL H    H  N N 338 
VAL H2   H  N N 339 
VAL HA   H  N N 340 
VAL HB   H  N N 341 
VAL HG11 H  N N 342 
VAL HG12 H  N N 343 
VAL HG13 H  N N 344 
VAL HG21 H  N N 345 
VAL HG22 H  N N 346 
VAL HG23 H  N N 347 
VAL HXT  H  N N 348 
# 
loop_
_chem_comp_bond.comp_id 
_chem_comp_bond.atom_id_1 
_chem_comp_bond.atom_id_2 
_chem_comp_bond.value_order 
_chem_comp_bond.pdbx_aromatic_flag 
_chem_comp_bond.pdbx_stereo_config 
_chem_comp_bond.pdbx_ordinal 
ALA N   CA   sing N N 1   
ALA N   H    sing N N 2   
ALA N   H2   sing N N 3   
ALA CA  C    sing N N 4   
ALA CA  CB   sing N N 5   
ALA CA  HA   sing N N 6   
ALA C   O    doub N N 7   
ALA C   OXT  sing N N 8   
ALA CB  HB1  sing N N 9   
ALA CB  HB2  sing N N 10  
ALA CB  HB3  sing N N 11  
ALA OXT HXT  sing N N 12  
ARG N   CA   sing N N 13  
ARG N   H    sing N N 14  
ARG N   H2   sing N N 15  
ARG CA  C    sing N N 16  
ARG CA  CB   sing N N 17  
ARG CA  HA   sing N N 18  
ARG C   O    doub N N 19  
ARG C   OXT  sing N N 20  
ARG CB  CG   sing N N 21  
ARG CB  HB2  sing N N 22  
ARG CB  HB3  sing N N 23  
ARG CG  CD   sing N N 24  
ARG CG  HG2  sing N N 25  
ARG CG  HG3  sing N N 26  
ARG CD  NE   sing N N 27  
ARG CD  HD2  sing N N 28  
ARG CD  HD3  sing N N 29  
ARG NE  CZ   sing N N 30  
ARG NE  HE   sing N N 31  
ARG CZ  NH1  sing N N 32  
ARG CZ  NH2  doub N N 33  
ARG NH1 HH11 sing N N 34  
ARG NH1 HH12 sing N N 35  
ARG NH2 HH21 sing N N 36  
ARG NH2 HH22 sing N N 37  
ARG OXT HXT  sing N N 38  
ASN N   CA   sing N N 39  
ASN N   H    sing N N 40  
ASN N   H2   sing N N 41  
ASN CA  C    sing N N 42  
ASN CA  CB   sing N N 43  
ASN CA  HA   sing N N 44  
ASN C   O    doub N N 45  
ASN C   OXT  sing N N 46  
ASN CB  CG   sing N N 47  
ASN CB  HB2  sing N N 48  
ASN CB  HB3  sing N N 49  
ASN CG  OD1  doub N N 50  
ASN CG  ND2  sing N N 51  
ASN ND2 HD21 sing N N 52  
ASN ND2 HD22 sing N N 53  
ASN OXT HXT  sing N N 54  
ASP N   CA   sing N N 55  
ASP N   H    sing N N 56  
ASP N   H2   sing N N 57  
ASP CA  C    sing N N 58  
ASP CA  CB   sing N N 59  
ASP CA  HA   sing N N 60  
ASP C   O    doub N N 61  
ASP C   OXT  sing N N 62  
ASP CB  CG   sing N N 63  
ASP CB  HB2  sing N N 64  
ASP CB  HB3  sing N N 65  
ASP CG  OD1  doub N N 66  
ASP CG  OD2  sing N N 67  
ASP OD2 HD2  sing N N 68  
ASP OXT HXT  sing N N 69  
GLN N   CA   sing N N 70  
GLN N   H    sing N N 71  
GLN N   H2   sing N N 72  
GLN CA  C    sing N N 73  
GLN CA  CB   sing N N 74  
GLN CA  HA   sing N N 75  
GLN C   O    doub N N 76  
GLN C   OXT  sing N N 77  
GLN CB  CG   sing N N 78  
GLN CB  HB2  sing N N 79  
GLN CB  HB3  sing N N 80  
GLN CG  CD   sing N N 81  
GLN CG  HG2  sing N N 82  
GLN CG  HG3  sing N N 83  
GLN CD  OE1  doub N N 84  
GLN CD  NE2  sing N N 85  
GLN NE2 HE21 sing N N 86  
GLN NE2 HE22 sing N N 87  
GLN OXT HXT  sing N N 88  
GLU N   CA   sing N N 89  
GLU N   H    sing N N 90  
GLU N   H2   sing N N 91  
GLU CA  C    sing N N 92  
GLU CA  CB   sing N N 93  
GLU CA  HA   sing N N 94  
GLU C   O    doub N N 95  
GLU C   OXT  sing N N 96  
GLU CB  CG   sing N N 97  
GLU CB  HB2  sing N N 98  
GLU CB  HB3  sing N N 99  
GLU CG  CD   sing N N 100 
GLU CG  HG2  sing N N 101 
GLU CG  HG3  sing N N 102 
GLU CD  OE1  doub N N 103 
GLU CD  OE2  sing N N 104 
GLU OE2 HE2  sing N N 105 
GLU OXT HXT  sing N N 106 
GLY N   CA   sing N N 107 
GLY N   H    sing N N 108 
GLY N   H2   sing N N 109 
GLY CA  C    sing N N 110 
GLY CA  HA2  sing N N 111 
GLY CA  HA3  sing N N 112 
GLY C   O    doub N N 113 
GLY C   OXT  sing N N 114 
GLY OXT HXT  sing N N 115 
HOH O   H1   sing N N 116 
HOH O   H2   sing N N 117 
ILE N   CA   sing N N 118 
ILE N   H    sing N N 119 
ILE N   H2   sing N N 120 
ILE CA  C    sing N N 121 
ILE CA  CB   sing N N 122 
ILE CA  HA   sing N N 123 
ILE C   O    doub N N 124 
ILE C   OXT  sing N N 125 
ILE CB  CG1  sing N N 126 
ILE CB  CG2  sing N N 127 
ILE CB  HB   sing N N 128 
ILE CG1 CD1  sing N N 129 
ILE CG1 HG12 sing N N 130 
ILE CG1 HG13 sing N N 131 
ILE CG2 HG21 sing N N 132 
ILE CG2 HG22 sing N N 133 
ILE CG2 HG23 sing N N 134 
ILE CD1 HD11 sing N N 135 
ILE CD1 HD12 sing N N 136 
ILE CD1 HD13 sing N N 137 
ILE OXT HXT  sing N N 138 
LEU N   CA   sing N N 139 
LEU N   H    sing N N 140 
LEU N   H2   sing N N 141 
LEU CA  C    sing N N 142 
LEU CA  CB   sing N N 143 
LEU CA  HA   sing N N 144 
LEU C   O    doub N N 145 
LEU C   OXT  sing N N 146 
LEU CB  CG   sing N N 147 
LEU CB  HB2  sing N N 148 
LEU CB  HB3  sing N N 149 
LEU CG  CD1  sing N N 150 
LEU CG  CD2  sing N N 151 
LEU CG  HG   sing N N 152 
LEU CD1 HD11 sing N N 153 
LEU CD1 HD12 sing N N 154 
LEU CD1 HD13 sing N N 155 
LEU CD2 HD21 sing N N 156 
LEU CD2 HD22 sing N N 157 
LEU CD2 HD23 sing N N 158 
LEU OXT HXT  sing N N 159 
LYS N   CA   sing N N 160 
LYS N   H    sing N N 161 
LYS N   H2   sing N N 162 
LYS CA  C    sing N N 163 
LYS CA  CB   sing N N 164 
LYS CA  HA   sing N N 165 
LYS C   O    doub N N 166 
LYS C   OXT  sing N N 167 
LYS CB  CG   sing N N 168 
LYS CB  HB2  sing N N 169 
LYS CB  HB3  sing N N 170 
LYS CG  CD   sing N N 171 
LYS CG  HG2  sing N N 172 
LYS CG  HG3  sing N N 173 
LYS CD  CE   sing N N 174 
LYS CD  HD2  sing N N 175 
LYS CD  HD3  sing N N 176 
LYS CE  NZ   sing N N 177 
LYS CE  HE2  sing N N 178 
LYS CE  HE3  sing N N 179 
LYS NZ  HZ1  sing N N 180 
LYS NZ  HZ2  sing N N 181 
LYS NZ  HZ3  sing N N 182 
LYS OXT HXT  sing N N 183 
MET N   CA   sing N N 184 
MET N   H    sing N N 185 
MET N   H2   sing N N 186 
MET CA  C    sing N N 187 
MET CA  CB   sing N N 188 
MET CA  HA   sing N N 189 
MET C   O    doub N N 190 
MET C   OXT  sing N N 191 
MET CB  CG   sing N N 192 
MET CB  HB2  sing N N 193 
MET CB  HB3  sing N N 194 
MET CG  SD   sing N N 195 
MET CG  HG2  sing N N 196 
MET CG  HG3  sing N N 197 
MET SD  CE   sing N N 198 
MET CE  HE1  sing N N 199 
MET CE  HE2  sing N N 200 
MET CE  HE3  sing N N 201 
MET OXT HXT  sing N N 202 
MSE N   CA   sing N N 203 
MSE N   H    sing N N 204 
MSE N   H2   sing N N 205 
MSE CA  C    sing N N 206 
MSE CA  CB   sing N N 207 
MSE CA  HA   sing N N 208 
MSE C   O    doub N N 209 
MSE C   OXT  sing N N 210 
MSE OXT HXT  sing N N 211 
MSE CB  CG   sing N N 212 
MSE CB  HB2  sing N N 213 
MSE CB  HB3  sing N N 214 
MSE CG  SE   sing N N 215 
MSE CG  HG2  sing N N 216 
MSE CG  HG3  sing N N 217 
MSE SE  CE   sing N N 218 
MSE CE  HE1  sing N N 219 
MSE CE  HE2  sing N N 220 
MSE CE  HE3  sing N N 221 
PHE N   CA   sing N N 222 
PHE N   H    sing N N 223 
PHE N   H2   sing N N 224 
PHE CA  C    sing N N 225 
PHE CA  CB   sing N N 226 
PHE CA  HA   sing N N 227 
PHE C   O    doub N N 228 
PHE C   OXT  sing N N 229 
PHE CB  CG   sing N N 230 
PHE CB  HB2  sing N N 231 
PHE CB  HB3  sing N N 232 
PHE CG  CD1  doub Y N 233 
PHE CG  CD2  sing Y N 234 
PHE CD1 CE1  sing Y N 235 
PHE CD1 HD1  sing N N 236 
PHE CD2 CE2  doub Y N 237 
PHE CD2 HD2  sing N N 238 
PHE CE1 CZ   doub Y N 239 
PHE CE1 HE1  sing N N 240 
PHE CE2 CZ   sing Y N 241 
PHE CE2 HE2  sing N N 242 
PHE CZ  HZ   sing N N 243 
PHE OXT HXT  sing N N 244 
PRO N   CA   sing N N 245 
PRO N   CD   sing N N 246 
PRO N   H    sing N N 247 
PRO CA  C    sing N N 248 
PRO CA  CB   sing N N 249 
PRO CA  HA   sing N N 250 
PRO C   O    doub N N 251 
PRO C   OXT  sing N N 252 
PRO CB  CG   sing N N 253 
PRO CB  HB2  sing N N 254 
PRO CB  HB3  sing N N 255 
PRO CG  CD   sing N N 256 
PRO CG  HG2  sing N N 257 
PRO CG  HG3  sing N N 258 
PRO CD  HD2  sing N N 259 
PRO CD  HD3  sing N N 260 
PRO OXT HXT  sing N N 261 
SER N   CA   sing N N 262 
SER N   H    sing N N 263 
SER N   H2   sing N N 264 
SER CA  C    sing N N 265 
SER CA  CB   sing N N 266 
SER CA  HA   sing N N 267 
SER C   O    doub N N 268 
SER C   OXT  sing N N 269 
SER CB  OG   sing N N 270 
SER CB  HB2  sing N N 271 
SER CB  HB3  sing N N 272 
SER OG  HG   sing N N 273 
SER OXT HXT  sing N N 274 
THR N   CA   sing N N 275 
THR N   H    sing N N 276 
THR N   H2   sing N N 277 
THR CA  C    sing N N 278 
THR CA  CB   sing N N 279 
THR CA  HA   sing N N 280 
THR C   O    doub N N 281 
THR C   OXT  sing N N 282 
THR CB  OG1  sing N N 283 
THR CB  CG2  sing N N 284 
THR CB  HB   sing N N 285 
THR OG1 HG1  sing N N 286 
THR CG2 HG21 sing N N 287 
THR CG2 HG22 sing N N 288 
THR CG2 HG23 sing N N 289 
THR OXT HXT  sing N N 290 
TYR N   CA   sing N N 291 
TYR N   H    sing N N 292 
TYR N   H2   sing N N 293 
TYR CA  C    sing N N 294 
TYR CA  CB   sing N N 295 
TYR CA  HA   sing N N 296 
TYR C   O    doub N N 297 
TYR C   OXT  sing N N 298 
TYR CB  CG   sing N N 299 
TYR CB  HB2  sing N N 300 
TYR CB  HB3  sing N N 301 
TYR CG  CD1  doub Y N 302 
TYR CG  CD2  sing Y N 303 
TYR CD1 CE1  sing Y N 304 
TYR CD1 HD1  sing N N 305 
TYR CD2 CE2  doub Y N 306 
TYR CD2 HD2  sing N N 307 
TYR CE1 CZ   doub Y N 308 
TYR CE1 HE1  sing N N 309 
TYR CE2 CZ   sing Y N 310 
TYR CE2 HE2  sing N N 311 
TYR CZ  OH   sing N N 312 
TYR OH  HH   sing N N 313 
TYR OXT HXT  sing N N 314 
VAL N   CA   sing N N 315 
VAL N   H    sing N N 316 
VAL N   H2   sing N N 317 
VAL CA  C    sing N N 318 
VAL CA  CB   sing N N 319 
VAL CA  HA   sing N N 320 
VAL C   O    doub N N 321 
VAL C   OXT  sing N N 322 
VAL CB  CG1  sing N N 323 
VAL CB  CG2  sing N N 324 
VAL CB  HB   sing N N 325 
VAL CG1 HG11 sing N N 326 
VAL CG1 HG12 sing N N 327 
VAL CG1 HG13 sing N N 328 
VAL CG2 HG21 sing N N 329 
VAL CG2 HG22 sing N N 330 
VAL CG2 HG23 sing N N 331 
VAL OXT HXT  sing N N 332 
# 
_atom_sites.entry_id                    1Y9B 
_atom_sites.fract_transf_matrix[1][1]   0.01037002 
_atom_sites.fract_transf_matrix[1][2]   -0.01090813 
_atom_sites.fract_transf_matrix[1][3]   0.00123112 
_atom_sites.fract_transf_matrix[2][1]   0.00093297 
_atom_sites.fract_transf_matrix[2][2]   -0.00065944 
_atom_sites.fract_transf_matrix[2][3]   -0.01370145 
_atom_sites.fract_transf_matrix[3][1]   0.01493255 
_atom_sites.fract_transf_matrix[3][2]   0.01423335 
_atom_sites.fract_transf_matrix[3][3]   0.00033176 
_atom_sites.fract_transf_vector[1]      0.256720 
_atom_sites.fract_transf_vector[2]      0.198659 
_atom_sites.fract_transf_vector[3]      0.511376 
# 
loop_
_atom_type.symbol 
C  
N  
O  
SE 
# 
loop_
_atom_site.group_PDB 
_atom_site.id 
_atom_site.type_symbol 
_atom_site.label_atom_id 
_atom_site.label_alt_id 
_atom_site.label_comp_id 
_atom_site.label_asym_id 
_atom_site.label_entity_id 
_atom_site.label_seq_id 
_atom_site.pdbx_PDB_ins_code 
_atom_site.Cartn_x 
_atom_site.Cartn_y 
_atom_site.Cartn_z 
_atom_site.occupancy 
_atom_site.B_iso_or_equiv 
_atom_site.pdbx_formal_charge 
_atom_site.auth_seq_id 
_atom_site.auth_comp_id 
_atom_site.auth_asym_id 
_atom_site.auth_atom_id 
_atom_site.pdbx_PDB_model_num 
ATOM   1    N  N   . THR A 1 3  ? -13.824 21.254  -13.738 1.00 37.43 ? 3   THR A N   1 
ATOM   2    C  CA  . THR A 1 3  ? -12.992 21.229  -14.997 1.00 37.41 ? 3   THR A CA  1 
ATOM   3    C  C   . THR A 1 3  ? -12.037 22.400  -15.186 1.00 36.63 ? 3   THR A C   1 
ATOM   4    O  O   . THR A 1 3  ? -11.446 22.532  -16.262 1.00 37.30 ? 3   THR A O   1 
ATOM   5    C  CB  . THR A 1 3  ? -13.842 21.156  -16.303 1.00 37.62 ? 3   THR A CB  1 
ATOM   6    O  OG1 . THR A 1 3  ? -14.928 22.089  -16.231 1.00 38.74 ? 3   THR A OG1 1 
ATOM   7    C  CG2 . THR A 1 3  ? -14.353 19.719  -16.588 1.00 38.41 ? 3   THR A CG2 1 
ATOM   8    N  N   . THR A 1 4  ? -11.892 23.253  -14.177 1.00 35.49 ? 4   THR A N   1 
ATOM   9    C  CA  . THR A 1 4  ? -10.953 24.372  -14.266 1.00 34.72 ? 4   THR A CA  1 
ATOM   10   C  C   . THR A 1 4  ? -9.503  23.874  -14.438 1.00 33.51 ? 4   THR A C   1 
ATOM   11   O  O   . THR A 1 4  ? -8.736  24.397  -15.262 1.00 33.28 ? 4   THR A O   1 
ATOM   12   C  CB  . THR A 1 4  ? -11.048 25.313  -13.015 1.00 35.24 ? 4   THR A CB  1 
ATOM   13   O  OG1 . THR A 1 4  ? -12.425 25.515  -12.649 1.00 36.47 ? 4   THR A OG1 1 
ATOM   14   C  CG2 . THR A 1 4  ? -10.349 26.682  -13.274 1.00 34.13 ? 4   THR A CG2 1 
ATOM   15   N  N   . LEU A 1 5  ? -9.160  22.856  -13.647 1.00 32.34 ? 5   LEU A N   1 
ATOM   16   C  CA  . LEU A 1 5  ? -7.834  22.227  -13.628 1.00 30.70 ? 5   LEU A CA  1 
ATOM   17   C  C   . LEU A 1 5  ? -7.748  21.091  -14.665 1.00 30.08 ? 5   LEU A C   1 
ATOM   18   O  O   . LEU A 1 5  ? -8.775  20.496  -15.019 1.00 29.46 ? 5   LEU A O   1 
ATOM   19   C  CB  . LEU A 1 5  ? -7.517  21.716  -12.207 1.00 30.23 ? 5   LEU A CB  1 
ATOM   20   C  CG  . LEU A 1 5  ? -7.441  22.805  -11.114 1.00 29.36 ? 5   LEU A CG  1 
ATOM   21   C  CD1 . LEU A 1 5  ? -7.323  22.225  -9.710  1.00 27.49 ? 5   LEU A CD1 1 
ATOM   22   C  CD2 . LEU A 1 5  ? -6.298  23.798  -11.395 1.00 29.48 ? 5   LEU A CD2 1 
ATOM   23   N  N   . PRO A 1 6  ? -6.526  20.768  -15.138 1.00 29.31 ? 6   PRO A N   1 
ATOM   24   C  CA  . PRO A 1 6  ? -6.435  19.717  -16.162 1.00 29.49 ? 6   PRO A CA  1 
ATOM   25   C  C   . PRO A 1 6  ? -6.906  18.372  -15.602 1.00 29.57 ? 6   PRO A C   1 
ATOM   26   O  O   . PRO A 1 6  ? -6.552  18.002  -14.458 1.00 29.63 ? 6   PRO A O   1 
ATOM   27   C  CB  . PRO A 1 6  ? -4.936  19.660  -16.498 1.00 29.25 ? 6   PRO A CB  1 
ATOM   28   C  CG  . PRO A 1 6  ? -4.341  20.914  -15.896 1.00 29.25 ? 6   PRO A CG  1 
ATOM   29   C  CD  . PRO A 1 6  ? -5.204  21.292  -14.747 1.00 29.10 ? 6   PRO A CD  1 
ATOM   30   N  N   . ARG A 1 7  ? -7.714  17.657  -16.375 1.00 29.58 ? 7   ARG A N   1 
ATOM   31   C  CA  . ARG A 1 7  ? -8.155  16.335  -15.948 1.00 30.49 ? 7   ARG A CA  1 
ATOM   32   C  C   . ARG A 1 7  ? -6.969  15.377  -15.889 1.00 29.76 ? 7   ARG A C   1 
ATOM   33   O  O   . ARG A 1 7  ? -6.003  15.527  -16.650 1.00 28.72 ? 7   ARG A O   1 
ATOM   34   C  CB  . ARG A 1 7  ? -9.203  15.771  -16.907 1.00 30.98 ? 7   ARG A CB  1 
ATOM   35   C  CG  . ARG A 1 7  ? -10.519 16.570  -17.032 1.00 34.62 ? 7   ARG A CG  1 
ATOM   36   C  CD  . ARG A 1 7  ? -10.952 16.643  -18.528 1.00 41.26 ? 7   ARG A CD  1 
ATOM   37   N  NE  . ARG A 1 7  ? -10.426 15.534  -19.361 1.00 45.40 ? 7   ARG A NE  1 
ATOM   38   C  CZ  . ARG A 1 7  ? -9.521  15.655  -20.344 1.00 46.47 ? 7   ARG A CZ  1 
ATOM   39   N  NH1 . ARG A 1 7  ? -9.012  16.843  -20.672 1.00 46.82 ? 7   ARG A NH1 1 
ATOM   40   N  NH2 . ARG A 1 7  ? -9.123  14.577  -21.015 1.00 46.96 ? 7   ARG A NH2 1 
ATOM   41   N  N   . ILE A 1 8  ? -7.041  14.399  -14.985 1.00 30.09 ? 8   ILE A N   1 
ATOM   42   C  CA  . ILE A 1 8  ? -6.197  13.217  -15.104 1.00 30.76 ? 8   ILE A CA  1 
ATOM   43   C  C   . ILE A 1 8  ? -6.695  12.391  -16.279 1.00 31.43 ? 8   ILE A C   1 
ATOM   44   O  O   . ILE A 1 8  ? -7.910  12.243  -16.477 1.00 31.61 ? 8   ILE A O   1 
ATOM   45   C  CB  . ILE A 1 8  ? -6.198  12.324  -13.854 1.00 30.93 ? 8   ILE A CB  1 
ATOM   46   C  CG1 . ILE A 1 8  ? -5.657  13.088  -12.645 1.00 31.19 ? 8   ILE A CG1 1 
ATOM   47   C  CG2 . ILE A 1 8  ? -5.398  11.034  -14.118 1.00 29.73 ? 8   ILE A CG2 1 
ATOM   48   C  CD1 . ILE A 1 8  ? -6.105  12.468  -11.338 1.00 33.68 ? 8   ILE A CD1 1 
ATOM   49   N  N   . THR A 1 9  ? -5.740  11.873  -17.049 1.00 31.96 ? 9   THR A N   1 
ATOM   50   C  CA  . THR A 1 9  ? -5.997  11.106  -18.245 1.00 32.70 ? 9   THR A CA  1 
ATOM   51   C  C   . THR A 1 9  ? -4.771  10.259  -18.533 1.00 32.99 ? 9   THR A C   1 
ATOM   52   O  O   . THR A 1 9  ? -3.656  10.777  -18.552 1.00 33.48 ? 9   THR A O   1 
ATOM   53   C  CB  . THR A 1 9  ? -6.299  12.026  -19.457 1.00 33.11 ? 9   THR A CB  1 
ATOM   54   O  OG1 . THR A 1 9  ? -6.244  11.261  -20.661 1.00 35.00 ? 9   THR A OG1 1 
ATOM   55   C  CG2 . THR A 1 9  ? -5.287  13.180  -19.571 1.00 33.32 ? 9   THR A CG2 1 
ATOM   56   N  N   . ALA A 1 10 ? -4.968  8.959   -18.731 1.00 32.95 ? 10  ALA A N   1 
ATOM   57   C  CA  . ALA A 1 10 ? -3.911  8.092   -19.264 1.00 33.03 ? 10  ALA A CA  1 
ATOM   58   C  C   . ALA A 1 10 ? -4.539  7.058   -20.176 1.00 33.18 ? 10  ALA A C   1 
ATOM   59   O  O   . ALA A 1 10 ? -5.692  6.676   -19.981 1.00 33.05 ? 10  ALA A O   1 
ATOM   60   C  CB  . ALA A 1 10 ? -3.099  7.429   -18.140 1.00 32.55 ? 10  ALA A CB  1 
ATOM   61   N  N   . ARG A 1 11 ? -3.804  6.645   -21.204 1.00 33.81 ? 11  ARG A N   1 
ATOM   62   C  CA  . ARG A 1 11 ? -4.243  5.546   -22.056 1.00 34.75 ? 11  ARG A CA  1 
ATOM   63   C  C   . ARG A 1 11 ? -3.838  4.231   -21.382 1.00 34.61 ? 11  ARG A C   1 
ATOM   64   O  O   . ARG A 1 11 ? -2.760  4.139   -20.777 1.00 35.17 ? 11  ARG A O   1 
ATOM   65   C  CB  . ARG A 1 11 ? -3.685  5.674   -23.496 1.00 35.19 ? 11  ARG A CB  1 
ATOM   66   C  CG  . ARG A 1 11 ? -2.188  5.384   -23.670 1.00 38.52 ? 11  ARG A CG  1 
ATOM   67   C  CD  . ARG A 1 11 ? -1.713  5.485   -25.143 1.00 44.37 ? 11  ARG A CD  1 
ATOM   68   N  NE  . ARG A 1 11 ? -1.068  6.778   -25.407 1.00 48.42 ? 11  ARG A NE  1 
ATOM   69   C  CZ  . ARG A 1 11 ? -1.615  7.788   -26.089 1.00 50.13 ? 11  ARG A CZ  1 
ATOM   70   N  NH1 . ARG A 1 11 ? -2.831  7.670   -26.630 1.00 51.17 ? 11  ARG A NH1 1 
ATOM   71   N  NH2 . ARG A 1 11 ? -0.936  8.920   -26.243 1.00 49.72 ? 11  ARG A NH2 1 
ATOM   72   N  N   . VAL A 1 12 ? -4.705  3.227   -21.441 1.00 33.96 ? 12  VAL A N   1 
ATOM   73   C  CA  . VAL A 1 12 ? -4.361  1.928   -20.874 1.00 33.87 ? 12  VAL A CA  1 
ATOM   74   C  C   . VAL A 1 12 ? -4.436  0.857   -21.957 1.00 34.26 ? 12  VAL A C   1 
ATOM   75   O  O   . VAL A 1 12 ? -5.236  0.976   -22.885 1.00 33.88 ? 12  VAL A O   1 
ATOM   76   C  CB  . VAL A 1 12 ? -5.249  1.573   -19.642 1.00 33.50 ? 12  VAL A CB  1 
ATOM   77   C  CG1 . VAL A 1 12 ? -5.019  2.574   -18.520 1.00 33.03 ? 12  VAL A CG1 1 
ATOM   78   C  CG2 . VAL A 1 12 ? -6.717  1.529   -20.012 1.00 32.14 ? 12  VAL A CG2 1 
ATOM   79   N  N   . ASP A 1 13 ? -3.605  -0.178  -21.874 1.00 34.93 ? 13  ASP A N   1 
ATOM   80   C  CA  . ASP A 1 13 ? -3.844  -1.319  -22.768 1.00 35.76 ? 13  ASP A CA  1 
ATOM   81   C  C   . ASP A 1 13 ? -4.953  -2.206  -22.208 1.00 35.74 ? 13  ASP A C   1 
ATOM   82   O  O   . ASP A 1 13 ? -5.405  -1.997  -21.079 1.00 36.00 ? 13  ASP A O   1 
ATOM   83   C  CB  . ASP A 1 13 ? -2.564  -2.095  -23.130 1.00 36.22 ? 13  ASP A CB  1 
ATOM   84   C  CG  . ASP A 1 13 ? -1.909  -2.756  -21.944 1.00 37.90 ? 13  ASP A CG  1 
ATOM   85   O  OD1 . ASP A 1 13 ? -2.616  -3.248  -21.040 1.00 39.52 ? 13  ASP A OD1 1 
ATOM   86   O  OD2 . ASP A 1 13 ? -0.661  -2.804  -21.936 1.00 41.35 ? 13  ASP A OD2 1 
ATOM   87   N  N   . VAL A 1 14 ? -5.409  -3.180  -22.985 1.00 35.90 ? 14  VAL A N   1 
ATOM   88   C  CA  . VAL A 1 14 ? -6.538  -3.994  -22.545 1.00 35.67 ? 14  VAL A CA  1 
ATOM   89   C  C   . VAL A 1 14 ? -6.221  -4.732  -21.238 1.00 34.73 ? 14  VAL A C   1 
ATOM   90   O  O   . VAL A 1 14 ? -7.074  -4.827  -20.364 1.00 35.05 ? 14  VAL A O   1 
ATOM   91   C  CB  . VAL A 1 14 ? -7.081  -4.940  -23.675 1.00 36.18 ? 14  VAL A CB  1 
ATOM   92   C  CG1 . VAL A 1 14 ? -6.050  -6.047  -24.051 1.00 37.59 ? 14  VAL A CG1 1 
ATOM   93   C  CG2 . VAL A 1 14 ? -8.461  -5.531  -23.297 1.00 36.18 ? 14  VAL A CG2 1 
ATOM   94   N  N   . ASP A 1 15 ? -4.987  -5.212  -21.104 1.00 33.88 ? 15  ASP A N   1 
ATOM   95   C  CA  . ASP A 1 15 ? -4.544  -5.947  -19.917 1.00 32.99 ? 15  ASP A CA  1 
ATOM   96   C  C   . ASP A 1 15 ? -4.653  -5.111  -18.641 1.00 30.96 ? 15  ASP A C   1 
ATOM   97   O  O   . ASP A 1 15 ? -5.069  -5.607  -17.589 1.00 30.79 ? 15  ASP A O   1 
ATOM   98   C  CB  . ASP A 1 15 ? -3.091  -6.434  -20.087 1.00 34.03 ? 15  ASP A CB  1 
ATOM   99   C  CG  . ASP A 1 15 ? -2.946  -7.534  -21.145 1.00 37.68 ? 15  ASP A CG  1 
ATOM   100  O  OD1 . ASP A 1 15 ? -3.783  -7.610  -22.085 1.00 40.66 ? 15  ASP A OD1 1 
ATOM   101  O  OD2 . ASP A 1 15 ? -1.974  -8.323  -21.031 1.00 41.34 ? 15  ASP A OD2 1 
ATOM   102  N  N   . THR A 1 16 ? -4.262  -3.847  -18.746 1.00 28.53 ? 16  THR A N   1 
ATOM   103  C  CA  . THR A 1 16 ? -4.312  -2.917  -17.619 1.00 26.06 ? 16  THR A CA  1 
ATOM   104  C  C   . THR A 1 16 ? -5.753  -2.582  -17.262 1.00 24.99 ? 16  THR A C   1 
ATOM   105  O  O   . THR A 1 16 ? -6.123  -2.647  -16.092 1.00 23.43 ? 16  THR A O   1 
ATOM   106  C  CB  . THR A 1 16 ? -3.436  -1.678  -17.893 1.00 25.54 ? 16  THR A CB  1 
ATOM   107  O  OG1 . THR A 1 16 ? -2.067  -2.107  -17.906 1.00 26.28 ? 16  THR A OG1 1 
ATOM   108  C  CG2 . THR A 1 16 ? -3.605  -0.597  -16.820 1.00 21.99 ? 16  THR A CG2 1 
ATOM   109  N  N   . GLN A 1 17 ? -6.558  -2.269  -18.274 1.00 24.57 ? 17  GLN A N   1 
ATOM   110  C  CA  . GLN A 1 17 ? -7.980  -2.024  -18.076 1.00 25.17 ? 17  GLN A CA  1 
ATOM   111  C  C   . GLN A 1 17 ? -8.699  -3.164  -17.357 1.00 25.27 ? 17  GLN A C   1 
ATOM   112  O  O   . GLN A 1 17 ? -9.505  -2.936  -16.454 1.00 25.29 ? 17  GLN A O   1 
ATOM   113  C  CB  . GLN A 1 17 ? -8.683  -1.779  -19.401 1.00 25.35 ? 17  GLN A CB  1 
ATOM   114  C  CG  . GLN A 1 17 ? -10.116 -1.339  -19.173 1.00 26.73 ? 17  GLN A CG  1 
ATOM   115  C  CD  . GLN A 1 17 ? -11.002 -1.531  -20.379 1.00 27.80 ? 17  GLN A CD  1 
ATOM   116  O  OE1 . GLN A 1 17 ? -11.038 -2.614  -20.979 1.00 28.82 ? 17  GLN A OE1 1 
ATOM   117  N  NE2 . GLN A 1 17 ? -11.739 -0.484  -20.733 1.00 25.50 ? 17  GLN A NE2 1 
ATOM   118  N  N   . ASP A 1 18 ? -8.417  -4.392  -17.773 1.00 25.55 ? 18  ASP A N   1 
ATOM   119  C  CA  . ASP A 1 18 ? -9.059  -5.549  -17.176 1.00 25.77 ? 18  ASP A CA  1 
ATOM   120  C  C   . ASP A 1 18 ? -8.579  -5.804  -15.745 1.00 24.80 ? 18  ASP A C   1 
ATOM   121  O  O   . ASP A 1 18 ? -9.385  -6.161  -14.877 1.00 25.64 ? 18  ASP A O   1 
ATOM   122  C  CB  . ASP A 1 18 ? -8.951  -6.768  -18.101 1.00 27.03 ? 18  ASP A CB  1 
ATOM   123  C  CG  . ASP A 1 18 ? -9.946  -6.690  -19.281 1.00 30.33 ? 18  ASP A CG  1 
ATOM   124  O  OD1 . ASP A 1 18 ? -10.738 -5.703  -19.375 1.00 33.01 ? 18  ASP A OD1 1 
ATOM   125  O  OD2 . ASP A 1 18 ? -9.945  -7.620  -20.117 1.00 36.90 ? 18  ASP A OD2 1 
ATOM   126  N  N   . LEU A 1 19 ? -7.294  -5.558  -15.494 1.00 22.82 ? 19  LEU A N   1 
ATOM   127  C  CA  . LEU A 1 19 ? -6.761  -5.525  -14.136 1.00 21.63 ? 19  LEU A CA  1 
ATOM   128  C  C   . LEU A 1 19 ? -7.498  -4.536  -13.244 1.00 19.50 ? 19  LEU A C   1 
ATOM   129  O  O   . LEU A 1 19 ? -7.877  -4.878  -12.127 1.00 19.49 ? 19  LEU A O   1 
ATOM   130  C  CB  . LEU A 1 19 ? -5.258  -5.181  -14.142 1.00 22.21 ? 19  LEU A CB  1 
ATOM   131  C  CG  . LEU A 1 19 ? -4.489  -5.264  -12.813 1.00 24.20 ? 19  LEU A CG  1 
ATOM   132  C  CD1 . LEU A 1 19 ? -4.012  -6.687  -12.566 1.00 25.81 ? 19  LEU A CD1 1 
ATOM   133  C  CD2 . LEU A 1 19 ? -3.301  -4.309  -12.795 1.00 25.62 ? 19  LEU A CD2 1 
ATOM   134  N  N   . LEU A 1 20 ? -7.671  -3.308  -13.729 1.00 17.32 ? 20  LEU A N   1 
ATOM   135  C  CA  . LEU A 1 20 ? -8.331  -2.265  -12.951 1.00 16.34 ? 20  LEU A CA  1 
ATOM   136  C  C   . LEU A 1 20 ? -9.846  -2.517  -12.796 1.00 16.17 ? 20  LEU A C   1 
ATOM   137  O  O   . LEU A 1 20 ? -10.467 -2.171  -11.768 1.00 15.63 ? 20  LEU A O   1 
ATOM   138  C  CB  . LEU A 1 20 ? -8.080  -0.892  -13.583 1.00 15.96 ? 20  LEU A CB  1 
ATOM   139  C  CG  . LEU A 1 20 ? -6.672  -0.355  -13.846 1.00 14.62 ? 20  LEU A CG  1 
ATOM   140  C  CD1 . LEU A 1 20 ? -6.756  0.986   -14.626 1.00 16.24 ? 20  LEU A CD1 1 
ATOM   141  C  CD2 . LEU A 1 20 ? -5.878  -0.205  -12.541 1.00 10.95 ? 20  LEU A CD2 1 
ATOM   142  N  N   . ALA A 1 21 ? -10.432 -3.105  -13.838 1.00 16.15 ? 21  ALA A N   1 
ATOM   143  C  CA  . ALA A 1 21 ? -11.835 -3.524  -13.834 1.00 15.92 ? 21  ALA A CA  1 
ATOM   144  C  C   . ALA A 1 21 ? -12.064 -4.659  -12.836 1.00 15.79 ? 21  ALA A C   1 
ATOM   145  O  O   . ALA A 1 21 ? -12.985 -4.574  -12.025 1.00 15.05 ? 21  ALA A O   1 
ATOM   146  C  CB  . ALA A 1 21 ? -12.266 -3.930  -15.236 1.00 15.79 ? 21  ALA A CB  1 
ATOM   147  N  N   . LYS A 1 22 ? -11.219 -5.698  -12.866 1.00 16.41 ? 22  LYS A N   1 
ATOM   148  C  CA  . LYS A 1 22 ? -11.278 -6.742  -11.830 1.00 17.63 ? 22  LYS A CA  1 
ATOM   149  C  C   . LYS A 1 22 ? -11.087 -6.212  -10.385 1.00 17.96 ? 22  LYS A C   1 
ATOM   150  O  O   . LYS A 1 22 ? -11.837 -6.588  -9.461  1.00 18.61 ? 22  LYS A O   1 
ATOM   151  C  CB  . LYS A 1 22 ? -10.286 -7.880  -12.124 1.00 18.45 ? 22  LYS A CB  1 
ATOM   152  C  CG  . LYS A 1 22 ? -10.171 -8.895  -10.985 1.00 19.55 ? 22  LYS A CG  1 
ATOM   153  C  CD  . LYS A 1 22 ? -9.572  -10.211 -11.432 1.00 22.45 ? 22  LYS A CD  1 
ATOM   154  C  CE  . LYS A 1 22 ? -9.729  -11.295 -10.343 1.00 24.56 ? 22  LYS A CE  1 
ATOM   155  N  NZ  . LYS A 1 22 ? -8.904  -12.528 -10.653 1.00 26.62 ? 22  LYS A NZ  1 
ATOM   156  N  N   . ALA A 1 23 ? -10.086 -5.344  -10.188 1.00 17.71 ? 23  ALA A N   1 
ATOM   157  C  CA  . ALA A 1 23 ? -9.865  -4.717  -8.884  1.00 16.97 ? 23  ALA A CA  1 
ATOM   158  C  C   . ALA A 1 23 ? -11.005 -3.821  -8.464  1.00 16.36 ? 23  ALA A C   1 
ATOM   159  O  O   . ALA A 1 23 ? -11.351 -3.817  -7.301  1.00 16.61 ? 23  ALA A O   1 
ATOM   160  C  CB  . ALA A 1 23 ? -8.549  -3.956  -8.857  1.00 17.20 ? 23  ALA A CB  1 
ATOM   161  N  N   . ALA A 1 24 ? -11.585 -3.070  -9.406  1.00 16.64 ? 24  ALA A N   1 
ATOM   162  C  CA  . ALA A 1 24 ? -12.747 -2.203  -9.144  1.00 16.74 ? 24  ALA A CA  1 
ATOM   163  C  C   . ALA A 1 24 ? -13.971 -2.990  -8.657  1.00 17.54 ? 24  ALA A C   1 
ATOM   164  O  O   . ALA A 1 24 ? -14.642 -2.561  -7.728  1.00 17.33 ? 24  ALA A O   1 
ATOM   165  C  CB  . ALA A 1 24 ? -13.107 -1.340  -10.372 1.00 15.83 ? 24  ALA A CB  1 
ATOM   166  N  N   . ALA A 1 25 ? -14.237 -4.139  -9.288  1.00 18.74 ? 25  ALA A N   1 
ATOM   167  C  CA  . ALA A 1 25 ? -15.333 -5.027  -8.905  1.00 19.14 ? 25  ALA A CA  1 
ATOM   168  C  C   . ALA A 1 25 ? -15.143 -5.582  -7.477  1.00 19.84 ? 25  ALA A C   1 
ATOM   169  O  O   . ALA A 1 25 ? -16.064 -5.500  -6.639  1.00 20.60 ? 25  ALA A O   1 
ATOM   170  C  CB  . ALA A 1 25 ? -15.477 -6.151  -9.928  1.00 18.70 ? 25  ALA A CB  1 
ATOM   171  N  N   . LEU A 1 26 ? -13.941 -6.094  -7.191  1.00 20.37 ? 26  LEU A N   1 
ATOM   172  C  CA  . LEU A 1 26 ? -13.573 -6.558  -5.846  1.00 20.34 ? 26  LEU A CA  1 
ATOM   173  C  C   . LEU A 1 26 ? -13.636 -5.477  -4.799  1.00 21.24 ? 26  LEU A C   1 
ATOM   174  O  O   . LEU A 1 26 ? -13.939 -5.752  -3.647  1.00 22.44 ? 26  LEU A O   1 
ATOM   175  C  CB  . LEU A 1 26 ? -12.163 -7.142  -5.817  1.00 20.27 ? 26  LEU A CB  1 
ATOM   176  C  CG  . LEU A 1 26 ? -12.022 -8.505  -6.470  1.00 19.30 ? 26  LEU A CG  1 
ATOM   177  C  CD1 . LEU A 1 26 ? -10.546 -8.751  -6.742  1.00 15.51 ? 26  LEU A CD1 1 
ATOM   178  C  CD2 . LEU A 1 26 ? -12.654 -9.558  -5.561  1.00 17.57 ? 26  LEU A CD2 1 
ATOM   179  N  N   . ALA A 1 27 ? -13.331 -4.249  -5.163  1.00 21.62 ? 27  ALA A N   1 
ATOM   180  C  CA  . ALA A 1 27 ? -13.375 -3.185  -4.171  1.00 22.64 ? 27  ALA A CA  1 
ATOM   181  C  C   . ALA A 1 27 ? -14.794 -2.658  -4.040  1.00 23.68 ? 27  ALA A C   1 
ATOM   182  O  O   . ALA A 1 27 ? -15.043 -1.744  -3.259  1.00 24.50 ? 27  ALA A O   1 
ATOM   183  C  CB  . ALA A 1 27 ? -12.411 -2.065  -4.539  1.00 22.27 ? 27  ALA A CB  1 
ATOM   184  N  N   . GLY A 1 28 ? -15.723 -3.229  -4.806  1.00 24.34 ? 28  GLY A N   1 
ATOM   185  C  CA  . GLY A 1 28 ? -17.116 -2.796  -4.787  1.00 24.64 ? 28  GLY A CA  1 
ATOM   186  C  C   . GLY A 1 28 ? -17.363 -1.439  -5.434  1.00 25.18 ? 28  GLY A C   1 
ATOM   187  O  O   . GLY A 1 28 ? -18.377 -0.802  -5.164  1.00 26.04 ? 28  GLY A O   1 
HETATM 188  N  N   . MSE A 1 29 ? -16.454 -0.995  -6.303  1.00 25.00 ? 29  MSE A N   1 
HETATM 189  C  CA  . MSE A 1 29 ? -16.638 0.253   -7.054  1.00 24.55 ? 29  MSE A CA  1 
HETATM 190  C  C   . MSE A 1 29 ? -17.267 0.016   -8.421  1.00 23.95 ? 29  MSE A C   1 
HETATM 191  O  O   . MSE A 1 29 ? -17.095 -1.044  -9.038  1.00 23.87 ? 29  MSE A O   1 
HETATM 192  C  CB  . MSE A 1 29 ? -15.326 1.033   -7.190  1.00 24.72 ? 29  MSE A CB  1 
HETATM 193  C  CG  . MSE A 1 29 ? -14.980 1.771   -5.903  1.00 26.50 ? 29  MSE A CG  1 
HETATM 194  SE SE  . MSE A 1 29 ? -13.253 2.175   -5.657  1.00 23.72 ? 29  MSE A SE  1 
HETATM 195  C  CE  . MSE A 1 29 ? -13.136 1.776   -3.923  1.00 27.25 ? 29  MSE A CE  1 
ATOM   196  N  N   . SER A 1 30 ? -18.000 1.023   -8.885  1.00 22.95 ? 30  SER A N   1 
ATOM   197  C  CA  . SER A 1 30 ? -18.784 0.885   -10.094 1.00 21.99 ? 30  SER A CA  1 
ATOM   198  C  C   . SER A 1 30 ? -17.973 1.247   -11.327 1.00 21.03 ? 30  SER A C   1 
ATOM   199  O  O   . SER A 1 30 ? -18.232 0.725   -12.393 1.00 21.34 ? 30  SER A O   1 
ATOM   200  C  CB  . SER A 1 30 ? -20.092 1.674   -9.998  1.00 22.02 ? 30  SER A CB  1 
ATOM   201  O  OG  . SER A 1 30 ? -19.861 3.059   -10.202 1.00 24.72 ? 30  SER A OG  1 
ATOM   202  N  N   . SER A 1 31 ? -16.962 2.100   -11.185 1.00 20.14 ? 31  SER A N   1 
ATOM   203  C  CA  . SER A 1 31 ? -16.103 2.426   -12.321 1.00 19.04 ? 31  SER A CA  1 
ATOM   204  C  C   . SER A 1 31 ? -14.588 2.369   -12.041 1.00 18.34 ? 31  SER A C   1 
ATOM   205  O  O   . SER A 1 31 ? -14.131 2.489   -10.903 1.00 17.41 ? 31  SER A O   1 
ATOM   206  C  CB  . SER A 1 31 ? -16.512 3.759   -12.976 1.00 19.14 ? 31  SER A CB  1 
ATOM   207  O  OG  . SER A 1 31 ? -16.064 4.879   -12.247 1.00 20.25 ? 31  SER A OG  1 
ATOM   208  N  N   . ILE A 1 32 ? -13.838 2.155   -13.113 1.00 17.57 ? 32  ILE A N   1 
ATOM   209  C  CA  . ILE A 1 32 ? -12.389 2.186   -13.079 1.00 17.44 ? 32  ILE A CA  1 
ATOM   210  C  C   . ILE A 1 32 ? -11.895 3.564   -12.677 1.00 17.19 ? 32  ILE A C   1 
ATOM   211  O  O   . ILE A 1 32 ? -10.951 3.658   -11.920 1.00 17.66 ? 32  ILE A O   1 
ATOM   212  C  CB  . ILE A 1 32 ? -11.799 1.811   -14.448 1.00 17.08 ? 32  ILE A CB  1 
ATOM   213  C  CG1 . ILE A 1 32 ? -12.182 0.389   -14.806 1.00 15.88 ? 32  ILE A CG1 1 
ATOM   214  C  CG2 . ILE A 1 32 ? -10.262 1.939   -14.452 1.00 17.97 ? 32  ILE A CG2 1 
ATOM   215  C  CD1 . ILE A 1 32 ? -11.764 0.010   -16.227 1.00 14.72 ? 32  ILE A CD1 1 
ATOM   216  N  N   . ASN A 1 33 ? -12.531 4.623   -13.183 1.00 17.15 ? 33  ASN A N   1 
ATOM   217  C  CA  . ASN A 1 33 ? -12.076 5.995   -12.951 1.00 16.96 ? 33  ASN A CA  1 
ATOM   218  C  C   . ASN A 1 33 ? -12.159 6.381   -11.496 1.00 16.69 ? 33  ASN A C   1 
ATOM   219  O  O   . ASN A 1 33 ? -11.319 7.131   -11.000 1.00 16.50 ? 33  ASN A O   1 
ATOM   220  C  CB  . ASN A 1 33 ? -12.879 6.988   -13.793 1.00 16.59 ? 33  ASN A CB  1 
ATOM   221  C  CG  . ASN A 1 33 ? -12.567 6.874   -15.257 1.00 19.10 ? 33  ASN A CG  1 
ATOM   222  O  OD1 . ASN A 1 33 ? -11.462 6.459   -15.652 1.00 23.54 ? 33  ASN A OD1 1 
ATOM   223  N  ND2 . ASN A 1 33 ? -13.534 7.210   -16.083 1.00 20.71 ? 33  ASN A ND2 1 
ATOM   224  N  N   . SER A 1 34 ? -13.186 5.867   -10.823 1.00 16.30 ? 34  SER A N   1 
ATOM   225  C  CA  . SER A 1 34 ? -13.311 5.968   -9.374  1.00 16.40 ? 34  SER A CA  1 
ATOM   226  C  C   . SER A 1 34 ? -12.222 5.260   -8.602  1.00 14.77 ? 34  SER A C   1 
ATOM   227  O  O   . SER A 1 34 ? -11.700 5.792   -7.628  1.00 14.24 ? 34  SER A O   1 
ATOM   228  C  CB  . SER A 1 34 ? -14.626 5.379   -8.923  1.00 16.31 ? 34  SER A CB  1 
ATOM   229  O  OG  . SER A 1 34 ? -15.462 6.453   -8.606  1.00 21.87 ? 34  SER A OG  1 
ATOM   230  N  N   . PHE A 1 35 ? -11.958 4.030   -9.009  1.00 14.20 ? 35  PHE A N   1 
ATOM   231  C  CA  . PHE A 1 35 ? -10.944 3.191   -8.405  1.00 14.34 ? 35  PHE A CA  1 
ATOM   232  C  C   . PHE A 1 35 ? -9.582  3.863   -8.522  1.00 14.06 ? 35  PHE A C   1 
ATOM   233  O  O   . PHE A 1 35 ? -8.793  3.929   -7.566  1.00 13.43 ? 35  PHE A O   1 
ATOM   234  C  CB  . PHE A 1 35 ? -10.909 1.832   -9.126  1.00 14.17 ? 35  PHE A CB  1 
ATOM   235  C  CG  . PHE A 1 35 ? -9.813  0.953   -8.653  1.00 14.27 ? 35  PHE A CG  1 
ATOM   236  C  CD1 . PHE A 1 35 ? -9.974  0.204   -7.496  1.00 14.05 ? 35  PHE A CD1 1 
ATOM   237  C  CD2 . PHE A 1 35 ? -8.580  0.930   -9.316  1.00 13.01 ? 35  PHE A CD2 1 
ATOM   238  C  CE1 . PHE A 1 35 ? -8.944  -0.583  -7.021  1.00 14.38 ? 35  PHE A CE1 1 
ATOM   239  C  CE2 . PHE A 1 35 ? -7.550  0.152   -8.832  1.00 14.07 ? 35  PHE A CE2 1 
ATOM   240  C  CZ  . PHE A 1 35 ? -7.736  -0.606  -7.684  1.00 14.36 ? 35  PHE A CZ  1 
ATOM   241  N  N   . VAL A 1 36 ? -9.317  4.321   -9.738  1.00 14.30 ? 36  VAL A N   1 
ATOM   242  C  CA  . VAL A 1 36 ? -8.085  4.984   -10.102 1.00 14.26 ? 36  VAL A CA  1 
ATOM   243  C  C   . VAL A 1 36 ? -7.832  6.225   -9.234  1.00 15.21 ? 36  VAL A C   1 
ATOM   244  O  O   . VAL A 1 36 ? -6.760  6.348   -8.651  1.00 15.26 ? 36  VAL A O   1 
ATOM   245  C  CB  . VAL A 1 36 ? -8.109  5.328   -11.604 1.00 14.51 ? 36  VAL A CB  1 
ATOM   246  C  CG1 . VAL A 1 36 ? -6.985  6.269   -11.971 1.00 13.87 ? 36  VAL A CG1 1 
ATOM   247  C  CG2 . VAL A 1 36 ? -8.001  4.037   -12.418 1.00 12.98 ? 36  VAL A CG2 1 
ATOM   248  N  N   . LEU A 1 37 ? -8.807  7.135   -9.157  1.00 15.13 ? 37  LEU A N   1 
ATOM   249  C  CA  . LEU A 1 37 ? -8.650  8.339   -8.369  1.00 15.74 ? 37  LEU A CA  1 
ATOM   250  C  C   . LEU A 1 37 ? -8.486  8.053   -6.879  1.00 16.39 ? 37  LEU A C   1 
ATOM   251  O  O   . LEU A 1 37 ? -7.687  8.700   -6.221  1.00 16.32 ? 37  LEU A O   1 
ATOM   252  C  CB  . LEU A 1 37 ? -9.840  9.284   -8.570  1.00 15.81 ? 37  LEU A CB  1 
ATOM   253  C  CG  . LEU A 1 37 ? -9.863  10.631  -7.826  1.00 15.32 ? 37  LEU A CG  1 
ATOM   254  C  CD1 . LEU A 1 37 ? -8.691  11.542  -8.210  1.00 16.36 ? 37  LEU A CD1 1 
ATOM   255  C  CD2 . LEU A 1 37 ? -11.173 11.340  -8.093  1.00 16.53 ? 37  LEU A CD2 1 
ATOM   256  N  N   . ASN A 1 38 ? -9.282  7.134   -6.340  1.00 16.64 ? 38  ASN A N   1 
ATOM   257  C  CA  . ASN A 1 38 ? -9.153  6.743   -4.943  1.00 17.07 ? 38  ASN A CA  1 
ATOM   258  C  C   . ASN A 1 38 ? -7.837  6.015   -4.643  1.00 16.51 ? 38  ASN A C   1 
ATOM   259  O  O   . ASN A 1 38 ? -7.256  6.259   -3.584  1.00 16.77 ? 38  ASN A O   1 
ATOM   260  C  CB  . ASN A 1 38 ? -10.315 5.882   -4.482  1.00 17.95 ? 38  ASN A CB  1 
ATOM   261  C  CG  . ASN A 1 38 ? -10.130 5.412   -3.047  1.00 23.13 ? 38  ASN A CG  1 
ATOM   262  O  OD1 . ASN A 1 38 ? -9.582  4.324   -2.785  1.00 26.92 ? 38  ASN A OD1 1 
ATOM   263  N  ND2 . ASN A 1 38 ? -10.517 6.266   -2.098  1.00 28.70 ? 38  ASN A ND2 1 
ATOM   264  N  N   . ALA A 1 39 ? -7.390  5.135   -5.559  1.00 14.92 ? 39  ALA A N   1 
ATOM   265  C  CA  . ALA A 1 39 ? -6.033  4.548   -5.536  1.00 14.65 ? 39  ALA A CA  1 
ATOM   266  C  C   . ALA A 1 39 ? -4.929  5.613   -5.515  1.00 15.40 ? 39  ALA A C   1 
ATOM   267  O  O   . ALA A 1 39 ? -4.011  5.543   -4.704  1.00 16.21 ? 39  ALA A O   1 
ATOM   268  C  CB  . ALA A 1 39 ? -5.813  3.593   -6.711  1.00 12.67 ? 39  ALA A CB  1 
ATOM   269  N  N   . ALA A 1 40 ? -5.018  6.597   -6.403  1.00 15.72 ? 40  ALA A N   1 
ATOM   270  C  CA  . ALA A 1 40 ? -4.042  7.668   -6.468  1.00 15.64 ? 40  ALA A CA  1 
ATOM   271  C  C   . ALA A 1 40 ? -4.000  8.538   -5.200  1.00 15.71 ? 40  ALA A C   1 
ATOM   272  O  O   . ALA A 1 40 ? -2.934  8.890   -4.723  1.00 15.19 ? 40  ALA A O   1 
ATOM   273  C  CB  . ALA A 1 40 ? -4.302  8.521   -7.700  1.00 15.67 ? 40  ALA A CB  1 
ATOM   274  N  N   . ILE A 1 41 ? -5.163  8.908   -4.672  1.00 16.31 ? 41  ILE A N   1 
ATOM   275  C  CA  . ILE A 1 41 ? -5.231  9.712   -3.460  1.00 16.27 ? 41  ILE A CA  1 
ATOM   276  C  C   . ILE A 1 41 ? -4.636  9.000   -2.230  1.00 16.38 ? 41  ILE A C   1 
ATOM   277  O  O   . ILE A 1 41 ? -3.927  9.644   -1.436  1.00 16.19 ? 41  ILE A O   1 
ATOM   278  C  CB  . ILE A 1 41 ? -6.680  10.234  -3.207  1.00 16.80 ? 41  ILE A CB  1 
ATOM   279  C  CG1 . ILE A 1 41 ? -7.055  11.317  -4.231  1.00 16.23 ? 41  ILE A CG1 1 
ATOM   280  C  CG2 . ILE A 1 41 ? -6.895  10.758  -1.755  1.00 17.11 ? 41  ILE A CG2 1 
ATOM   281  C  CD1 . ILE A 1 41 ? -8.594  11.605  -4.293  1.00 13.16 ? 41  ILE A CD1 1 
ATOM   282  N  N   . GLU A 1 42 ? -4.905  7.700   -2.076  0.50 16.10 ? 42  GLU A N   1 
ATOM   283  C  CA  A GLU A 1 42 ? -4.425  6.989   -0.898  0.50 16.52 ? 42  GLU A CA  1 
ATOM   284  C  CA  B GLU A 1 42 ? -4.433  6.947   -0.914  0.50 16.63 ? 42  GLU A CA  1 
ATOM   285  C  C   . GLU A 1 42 ? -2.920  6.714   -0.975  0.50 16.36 ? 42  GLU A C   1 
ATOM   286  O  O   . GLU A 1 42 ? -2.236  6.719   0.036   0.50 15.56 ? 42  GLU A O   1 
ATOM   287  C  CB  A GLU A 1 42 ? -5.238  5.711   -0.598  0.50 16.35 ? 42  GLU A CB  1 
ATOM   288  C  CB  B GLU A 1 42 ? -5.176  5.602   -0.758  0.50 16.46 ? 42  GLU A CB  1 
ATOM   289  C  CG  A GLU A 1 42 ? -4.964  4.532   -1.493  0.50 17.59 ? 42  GLU A CG  1 
ATOM   290  C  CG  B GLU A 1 42 ? -6.707  5.629   -0.961  0.50 18.33 ? 42  GLU A CG  1 
ATOM   291  C  CD  A GLU A 1 42 ? -5.374  3.191   -0.866  0.50 19.86 ? 42  GLU A CD  1 
ATOM   292  C  CD  B GLU A 1 42 ? -7.504  6.392   0.105   0.50 20.96 ? 42  GLU A CD  1 
ATOM   293  O  OE1 A GLU A 1 42 ? -4.698  2.730   0.087   0.50 18.57 ? 42  GLU A OE1 1 
ATOM   294  O  OE1 B GLU A 1 42 ? -6.958  7.324   0.730   0.50 21.08 ? 42  GLU A OE1 1 
ATOM   295  O  OE2 A GLU A 1 42 ? -6.369  2.599   -1.339  0.50 19.99 ? 42  GLU A OE2 1 
ATOM   296  O  OE2 B GLU A 1 42 ? -8.704  6.065   0.311   0.50 23.26 ? 42  GLU A OE2 1 
ATOM   297  N  N   . LYS A 1 43 ? -2.422  6.504   -2.182  1.00 16.79 ? 43  LYS A N   1 
ATOM   298  C  CA  . LYS A 1 43 ? -1.004  6.371   -2.449  1.00 17.93 ? 43  LYS A CA  1 
ATOM   299  C  C   . LYS A 1 43 ? -0.287  7.692   -2.217  1.00 18.51 ? 43  LYS A C   1 
ATOM   300  O  O   . LYS A 1 43 ? 0.843   7.697   -1.756  1.00 18.53 ? 43  LYS A O   1 
ATOM   301  C  CB  . LYS A 1 43 ? -0.785  5.947   -3.893  1.00 17.88 ? 43  LYS A CB  1 
ATOM   302  C  CG  . LYS A 1 43 ? 0.656   5.866   -4.309  1.00 19.57 ? 43  LYS A CG  1 
ATOM   303  C  CD  . LYS A 1 43 ? 1.224   4.454   -4.106  1.00 25.50 ? 43  LYS A CD  1 
ATOM   304  C  CE  . LYS A 1 43 ? 2.355   4.409   -3.091  1.00 27.48 ? 43  LYS A CE  1 
ATOM   305  N  NZ  . LYS A 1 43 ? 3.682   4.137   -3.732  1.00 28.69 ? 43  LYS A NZ  1 
ATOM   306  N  N   . ALA A 1 44 ? -0.936  8.810   -2.561  1.00 19.08 ? 44  ALA A N   1 
ATOM   307  C  CA  . ALA A 1 44 ? -0.337  10.129  -2.336  1.00 19.47 ? 44  ALA A CA  1 
ATOM   308  C  C   . ALA A 1 44 ? -0.145  10.414  -0.837  1.00 20.05 ? 44  ALA A C   1 
ATOM   309  O  O   . ALA A 1 44 ? 0.947   10.812  -0.418  1.00 19.41 ? 44  ALA A O   1 
ATOM   310  C  CB  . ALA A 1 44 ? -1.126  11.218  -3.015  1.00 18.11 ? 44  ALA A CB  1 
ATOM   311  N  N   . LYS A 1 45 ? -1.198  10.196  -0.037  1.00 21.25 ? 45  LYS A N   1 
ATOM   312  C  CA  . LYS A 1 45 ? -1.083  10.236  1.427   1.00 22.03 ? 45  LYS A CA  1 
ATOM   313  C  C   . LYS A 1 45 ? 0.051   9.335   1.964   1.00 22.00 ? 45  LYS A C   1 
ATOM   314  O  O   . LYS A 1 45 ? 0.875   9.791   2.755   1.00 21.76 ? 45  LYS A O   1 
ATOM   315  C  CB  . LYS A 1 45 ? -2.416  9.923   2.105   1.00 22.56 ? 45  LYS A CB  1 
ATOM   316  C  CG  . LYS A 1 45 ? -3.499  10.992  1.853   1.00 25.17 ? 45  LYS A CG  1 
ATOM   317  C  CD  . LYS A 1 45 ? -4.894  10.396  2.001   1.00 29.23 ? 45  LYS A CD  1 
ATOM   318  C  CE  . LYS A 1 45 ? -5.949  11.452  2.430   1.00 32.40 ? 45  LYS A CE  1 
ATOM   319  N  NZ  . LYS A 1 45 ? -6.064  12.641  1.519   1.00 35.03 ? 45  LYS A NZ  1 
ATOM   320  N  N   . GLN A 1 46 ? 0.137   8.091   1.513   1.00 22.65 ? 46  GLN A N   1 
ATOM   321  C  CA  . GLN A 1 46 ? 1.211   7.227   2.027   1.00 24.20 ? 46  GLN A CA  1 
ATOM   322  C  C   . GLN A 1 46 ? 2.628   7.620   1.597   1.00 23.89 ? 46  GLN A C   1 
ATOM   323  O  O   . GLN A 1 46 ? 3.561   7.490   2.386   1.00 24.26 ? 46  GLN A O   1 
ATOM   324  C  CB  . GLN A 1 46 ? 0.926   5.744   1.804   1.00 24.57 ? 46  GLN A CB  1 
ATOM   325  C  CG  . GLN A 1 46 ? 1.512   5.151   0.577   1.00 28.85 ? 46  GLN A CG  1 
ATOM   326  C  CD  . GLN A 1 46 ? 0.738   3.914   0.126   1.00 34.15 ? 46  GLN A CD  1 
ATOM   327  O  OE1 . GLN A 1 46 ? -0.513  3.915   0.041   1.00 34.55 ? 46  GLN A OE1 1 
ATOM   328  N  NE2 . GLN A 1 46 ? 1.479   2.851   -0.172  1.00 35.47 ? 46  GLN A NE2 1 
ATOM   329  N  N   . VAL A 1 47 ? 2.777   8.107   0.362   1.00 23.81 ? 47  VAL A N   1 
ATOM   330  C  CA  . VAL A 1 47 ? 4.039   8.687   -0.132  1.00 23.11 ? 47  VAL A CA  1 
ATOM   331  C  C   . VAL A 1 47 ? 4.446   9.907   0.727   1.00 23.04 ? 47  VAL A C   1 
ATOM   332  O  O   . VAL A 1 47 ? 5.577   9.979   1.216   1.00 21.35 ? 47  VAL A O   1 
ATOM   333  C  CB  . VAL A 1 47 ? 3.963   9.015   -1.662  1.00 23.14 ? 47  VAL A CB  1 
ATOM   334  C  CG1 . VAL A 1 47 ? 5.110   9.893   -2.105  1.00 21.59 ? 47  VAL A CG1 1 
ATOM   335  C  CG2 . VAL A 1 47 ? 3.964   7.728   -2.470  1.00 22.66 ? 47  VAL A CG2 1 
ATOM   336  N  N   . ILE A 1 48 ? 3.507   10.832  0.933   1.00 23.12 ? 48  ILE A N   1 
ATOM   337  C  CA  . ILE A 1 48 ? 3.754   12.017  1.751   1.00 24.59 ? 48  ILE A CA  1 
ATOM   338  C  C   . ILE A 1 48 ? 4.142   11.686  3.207   1.00 26.32 ? 48  ILE A C   1 
ATOM   339  O  O   . ILE A 1 48 ? 5.113   12.238  3.743   1.00 25.98 ? 48  ILE A O   1 
ATOM   340  C  CB  . ILE A 1 48 ? 2.564   13.005  1.672   1.00 24.65 ? 48  ILE A CB  1 
ATOM   341  C  CG1 . ILE A 1 48 ? 2.538   13.639  0.277   1.00 23.43 ? 48  ILE A CG1 1 
ATOM   342  C  CG2 . ILE A 1 48 ? 2.642   14.078  2.764   1.00 24.33 ? 48  ILE A CG2 1 
ATOM   343  C  CD1 . ILE A 1 48 ? 1.201   14.072  -0.134  1.00 23.71 ? 48  ILE A CD1 1 
ATOM   344  N  N   . GLU A 1 49 ? 3.408   10.774  3.842   1.00 27.75 ? 49  GLU A N   1 
ATOM   345  C  CA  . GLU A 1 49 ? 3.742   10.412  5.205   1.00 29.47 ? 49  GLU A CA  1 
ATOM   346  C  C   . GLU A 1 49 ? 5.019   9.519   5.338   1.00 29.80 ? 49  GLU A C   1 
ATOM   347  O  O   . GLU A 1 49 ? 5.784   9.665   6.299   1.00 29.78 ? 49  GLU A O   1 
ATOM   348  C  CB  . GLU A 1 49 ? 2.525   9.838   5.916   1.00 30.04 ? 49  GLU A CB  1 
ATOM   349  C  CG  . GLU A 1 49 ? 2.142   8.459   5.429   1.00 33.51 ? 49  GLU A CG  1 
ATOM   350  C  CD  . GLU A 1 49 ? 0.917   7.905   6.137   1.00 37.74 ? 49  GLU A CD  1 
ATOM   351  O  OE1 . GLU A 1 49 ? 0.119   8.723   6.698   1.00 38.39 ? 49  GLU A OE1 1 
ATOM   352  O  OE2 . GLU A 1 49 ? 0.767   6.649   6.113   1.00 36.37 ? 49  GLU A OE2 1 
ATOM   353  N  N   . ARG A 1 50 ? 5.275   8.640   4.375   1.00 30.23 ? 50  ARG A N   1 
ATOM   354  C  CA  . ARG A 1 50 ? 6.557   7.935   4.321   1.00 31.31 ? 50  ARG A CA  1 
ATOM   355  C  C   . ARG A 1 50 ? 7.763   8.887   4.259   1.00 31.49 ? 50  ARG A C   1 
ATOM   356  O  O   . ARG A 1 50 ? 8.811   8.600   4.841   1.00 31.20 ? 50  ARG A O   1 
ATOM   357  C  CB  . ARG A 1 50 ? 6.606   6.971   3.137   1.00 31.86 ? 50  ARG A CB  1 
ATOM   358  C  CG  . ARG A 1 50 ? 8.005   6.391   2.824   1.00 35.68 ? 50  ARG A CG  1 
ATOM   359  C  CD  . ARG A 1 50 ? 8.056   5.676   1.481   1.00 41.36 ? 50  ARG A CD  1 
ATOM   360  N  NE  . ARG A 1 50 ? 7.222   4.470   1.463   1.00 47.14 ? 50  ARG A NE  1 
ATOM   361  C  CZ  . ARG A 1 50 ? 5.977   4.389   0.979   1.00 49.73 ? 50  ARG A CZ  1 
ATOM   362  N  NH1 . ARG A 1 50 ? 5.373   5.454   0.455   1.00 50.95 ? 50  ARG A NH1 1 
ATOM   363  N  NH2 . ARG A 1 50 ? 5.328   3.224   1.018   1.00 50.26 ? 50  ARG A NH2 1 
ATOM   364  N  N   . GLU A 1 51 ? 7.629   10.002  3.543   1.00 31.76 ? 51  GLU A N   1 
ATOM   365  C  CA  . GLU A 1 51 ? 8.694   10.999  3.497   1.00 31.94 ? 51  GLU A CA  1 
ATOM   366  C  C   . GLU A 1 51 ? 8.822   11.757  4.822   1.00 31.96 ? 51  GLU A C   1 
ATOM   367  O  O   . GLU A 1 51 ? 9.925   12.054  5.265   1.00 31.86 ? 51  GLU A O   1 
ATOM   368  C  CB  . GLU A 1 51 ? 8.492   11.938  2.314   1.00 31.92 ? 51  GLU A CB  1 
ATOM   369  C  CG  . GLU A 1 51 ? 9.231   13.270  2.400   1.00 33.78 ? 51  GLU A CG  1 
ATOM   370  C  CD  . GLU A 1 51 ? 10.689  13.199  1.956   1.00 37.20 ? 51  GLU A CD  1 
ATOM   371  O  OE1 . GLU A 1 51 ? 11.124  12.155  1.418   1.00 37.90 ? 51  GLU A OE1 1 
ATOM   372  O  OE2 . GLU A 1 51 ? 11.407  14.213  2.140   1.00 40.04 ? 51  GLU A OE2 1 
ATOM   373  N  N   . GLN A 1 52 ? 7.700   12.048  5.466   1.00 32.58 ? 52  GLN A N   1 
ATOM   374  C  CA  . GLN A 1 52 ? 7.706   12.705  6.762   1.00 33.66 ? 52  GLN A CA  1 
ATOM   375  C  C   . GLN A 1 52 ? 8.402   11.813  7.801   1.00 33.53 ? 52  GLN A C   1 
ATOM   376  O  O   . GLN A 1 52 ? 9.201   12.308  8.623   1.00 34.05 ? 52  GLN A O   1 
ATOM   377  C  CB  . GLN A 1 52 ? 6.277   13.024  7.199   1.00 34.10 ? 52  GLN A CB  1 
ATOM   378  C  CG  . GLN A 1 52 ? 6.059   14.460  7.694   1.00 38.42 ? 52  GLN A CG  1 
ATOM   379  C  CD  . GLN A 1 52 ? 5.429   15.404  6.627   1.00 43.45 ? 52  GLN A CD  1 
ATOM   380  O  OE1 . GLN A 1 52 ? 4.375   15.107  6.037   1.00 44.32 ? 52  GLN A OE1 1 
ATOM   381  N  NE2 . GLN A 1 52 ? 6.074   16.551  6.404   1.00 44.56 ? 52  GLN A NE2 1 
ATOM   382  N  N   . ALA A 1 53 ? 8.100   10.508  7.745   1.00 32.91 ? 53  ALA A N   1 
ATOM   383  C  CA  . ALA A 1 53 ? 8.737   9.491   8.571   1.00 32.30 ? 53  ALA A CA  1 
ATOM   384  C  C   . ALA A 1 53 ? 10.212  9.364   8.254   1.00 32.35 ? 53  ALA A C   1 
ATOM   385  O  O   . ALA A 1 53 ? 11.017  9.165   9.152   1.00 33.00 ? 53  ALA A O   1 
ATOM   386  C  CB  . ALA A 1 53 ? 8.053   8.137   8.405   1.00 32.06 ? 53  ALA A CB  1 
ATOM   387  N  N   . LEU A 1 54 ? 10.568  9.460   6.983   1.00 31.86 ? 54  LEU A N   1 
ATOM   388  C  CA  . LEU A 1 54 ? 11.956  9.348   6.571   1.00 31.80 ? 54  LEU A CA  1 
ATOM   389  C  C   . LEU A 1 54 ? 12.847  10.469  7.111   1.00 31.55 ? 54  LEU A C   1 
ATOM   390  O  O   . LEU A 1 54 ? 14.014  10.234  7.431   1.00 31.37 ? 54  LEU A O   1 
ATOM   391  C  CB  . LEU A 1 54 ? 12.045  9.342   5.049   1.00 32.35 ? 54  LEU A CB  1 
ATOM   392  C  CG  . LEU A 1 54 ? 13.423  9.294   4.405   1.00 32.59 ? 54  LEU A CG  1 
ATOM   393  C  CD1 . LEU A 1 54 ? 13.992  7.896   4.557   1.00 33.10 ? 54  LEU A CD1 1 
ATOM   394  C  CD2 . LEU A 1 54 ? 13.297  9.696   2.937   1.00 35.00 ? 54  LEU A CD2 1 
ATOM   395  N  N   . LYS A 1 55 ? 12.303  11.683  7.173   1.00 31.30 ? 55  LYS A N   1 
ATOM   396  C  CA  . LYS A 1 55 ? 13.056  12.847  7.610   1.00 31.42 ? 55  LYS A CA  1 
ATOM   397  C  C   . LYS A 1 55 ? 13.301  12.745  9.100   1.00 31.25 ? 55  LYS A C   1 
ATOM   398  O  O   . LYS A 1 55 ? 14.418  12.997  9.544   1.00 31.25 ? 55  LYS A O   1 
ATOM   399  C  CB  . LYS A 1 55 ? 12.295  14.148  7.340   1.00 31.97 ? 55  LYS A CB  1 
ATOM   400  C  CG  . LYS A 1 55 ? 12.211  14.584  5.887   1.00 33.88 ? 55  LYS A CG  1 
ATOM   401  C  CD  . LYS A 1 55 ? 11.186  15.727  5.766   1.00 38.43 ? 55  LYS A CD  1 
ATOM   402  C  CE  . LYS A 1 55 ? 11.722  17.046  6.351   1.00 39.61 ? 55  LYS A CE  1 
ATOM   403  N  NZ  . LYS A 1 55 ? 12.904  17.559  5.576   1.00 41.05 ? 55  LYS A NZ  1 
ATOM   404  N  N   . LEU A 1 56 ? 12.249  12.387  9.848   1.00 30.39 ? 56  LEU A N   1 
ATOM   405  C  CA  . LEU A 1 56 ? 12.296  12.219  11.298  1.00 30.00 ? 56  LEU A CA  1 
ATOM   406  C  C   . LEU A 1 56 ? 13.348  11.181  11.711  1.00 29.31 ? 56  LEU A C   1 
ATOM   407  O  O   . LEU A 1 56 ? 14.185  11.409  12.598  1.00 28.99 ? 56  LEU A O   1 
ATOM   408  C  CB  . LEU A 1 56 ? 10.915  11.809  11.820  1.00 30.28 ? 56  LEU A CB  1 
ATOM   409  C  CG  . LEU A 1 56 ? 10.708  11.787  13.343  1.00 31.67 ? 56  LEU A CG  1 
ATOM   410  C  CD1 . LEU A 1 56 ? 11.001  13.171  14.003  1.00 33.65 ? 56  LEU A CD1 1 
ATOM   411  C  CD2 . LEU A 1 56 ? 9.302   11.297  13.715  1.00 32.23 ? 56  LEU A CD2 1 
ATOM   412  N  N   . SER A 1 57 ? 13.291  10.045  11.036  1.00 28.35 ? 57  SER A N   1 
ATOM   413  C  CA  . SER A 1 57 ? 14.263  8.998   11.190  1.00 27.61 ? 57  SER A CA  1 
ATOM   414  C  C   . SER A 1 57 ? 15.710  9.461   10.874  1.00 27.17 ? 57  SER A C   1 
ATOM   415  O  O   . SER A 1 57 ? 16.629  9.090   11.594  1.00 26.93 ? 57  SER A O   1 
ATOM   416  C  CB  . SER A 1 57 ? 13.809  7.786   10.373  1.00 27.61 ? 57  SER A CB  1 
ATOM   417  O  OG  . SER A 1 57 ? 14.896  7.092   9.812   1.00 29.70 ? 57  SER A OG  1 
ATOM   418  N  N   . GLN A 1 58 ? 15.927  10.278  9.838   1.00 26.35 ? 58  GLN A N   1 
ATOM   419  C  CA  . GLN A 1 58 ? 17.281  10.814  9.632   1.00 25.72 ? 58  GLN A CA  1 
ATOM   420  C  C   . GLN A 1 58 ? 17.665  11.932  10.621  1.00 23.97 ? 58  GLN A C   1 
ATOM   421  O  O   . GLN A 1 58 ? 18.809  12.006  11.045  1.00 24.11 ? 58  GLN A O   1 
ATOM   422  C  CB  . GLN A 1 58 ? 17.604  11.182  8.168   1.00 25.93 ? 58  GLN A CB  1 
ATOM   423  C  CG  . GLN A 1 58 ? 19.149  11.262  7.973   1.00 31.44 ? 58  GLN A CG  1 
ATOM   424  C  CD  . GLN A 1 58 ? 19.649  11.405  6.524   1.00 36.39 ? 58  GLN A CD  1 
ATOM   425  O  OE1 . GLN A 1 58 ? 20.447  12.313  6.218   1.00 39.16 ? 58  GLN A OE1 1 
ATOM   426  N  NE2 . GLN A 1 58 ? 19.226  10.488  5.642   1.00 37.82 ? 58  GLN A NE2 1 
ATOM   427  N  N   . ALA A 1 59 ? 16.706  12.755  11.024  1.00 22.49 ? 59  ALA A N   1 
ATOM   428  C  CA  . ALA A 1 59 ? 16.904  13.747  12.076  1.00 21.68 ? 59  ALA A CA  1 
ATOM   429  C  C   . ALA A 1 59 ? 17.346  13.125  13.406  1.00 20.82 ? 59  ALA A C   1 
ATOM   430  O  O   . ALA A 1 59 ? 18.135  13.738  14.153  1.00 20.80 ? 59  ALA A O   1 
ATOM   431  C  CB  . ALA A 1 59 ? 15.627  14.576  12.292  1.00 21.52 ? 59  ALA A CB  1 
ATOM   432  N  N   . ASP A 1 60 ? 16.813  11.936  13.702  1.00 19.61 ? 60  ASP A N   1 
ATOM   433  C  CA  . ASP A 1 60 ? 17.102  11.204  14.943  1.00 18.59 ? 60  ASP A CA  1 
ATOM   434  C  C   . ASP A 1 60 ? 18.511  10.576  14.980  1.00 17.35 ? 60  ASP A C   1 
ATOM   435  O  O   . ASP A 1 60 ? 19.143  10.495  16.035  1.00 17.36 ? 60  ASP A O   1 
ATOM   436  C  CB  . ASP A 1 60 ? 16.013  10.150  15.210  1.00 19.01 ? 60  ASP A CB  1 
ATOM   437  C  CG  . ASP A 1 60 ? 14.722  10.756  15.856  1.00 22.03 ? 60  ASP A CG  1 
ATOM   438  O  OD1 . ASP A 1 60 ? 14.702  11.973  16.185  1.00 25.34 ? 60  ASP A OD1 1 
ATOM   439  O  OD2 . ASP A 1 60 ? 13.724  10.012  16.036  1.00 22.92 ? 60  ASP A OD2 1 
ATOM   440  N  N   . ALA A 1 61 ? 18.979  10.126  13.824  1.00 15.73 ? 61  ALA A N   1 
ATOM   441  C  CA  . ALA A 1 61 ? 20.337  9.634   13.644  1.00 14.69 ? 61  ALA A CA  1 
ATOM   442  C  C   . ALA A 1 61 ? 21.361  10.741  13.685  1.00 13.42 ? 61  ALA A C   1 
ATOM   443  O  O   . ALA A 1 61 ? 22.477  10.511  14.119  1.00 13.07 ? 61  ALA A O   1 
ATOM   444  C  CB  . ALA A 1 61 ? 20.463  8.845   12.309  1.00 14.74 ? 61  ALA A CB  1 
ATOM   445  N  N   . VAL A 1 62 ? 21.009  11.938  13.201  1.00 13.54 ? 62  VAL A N   1 
ATOM   446  C  CA  . VAL A 1 62 ? 21.881  13.086  13.371  1.00 12.51 ? 62  VAL A CA  1 
ATOM   447  C  C   . VAL A 1 62 ? 22.085  13.350  14.897  1.00 12.20 ? 62  VAL A C   1 
ATOM   448  O  O   . VAL A 1 62 ? 23.208  13.524  15.344  1.00 11.66 ? 62  VAL A O   1 
ATOM   449  C  CB  . VAL A 1 62 ? 21.408  14.378  12.577  1.00 13.26 ? 62  VAL A CB  1 
ATOM   450  C  CG1 . VAL A 1 62 ? 22.330  15.576  12.877  1.00 11.52 ? 62  VAL A CG1 1 
ATOM   451  C  CG2 . VAL A 1 62 ? 21.432  14.142  11.081  1.00 13.06 ? 62  VAL A CG2 1 
ATOM   452  N  N   . LEU A 1 63 ? 20.996  13.354  15.658  1.00 11.72 ? 63  LEU A N   1 
ATOM   453  C  CA  . LEU A 1 63 ? 21.044  13.584  17.101  1.00 13.22 ? 63  LEU A CA  1 
ATOM   454  C  C   . LEU A 1 63 ? 21.796  12.452  17.847  1.00 12.70 ? 63  LEU A C   1 
ATOM   455  O  O   . LEU A 1 63 ? 22.600  12.717  18.731  1.00 13.05 ? 63  LEU A O   1 
ATOM   456  C  CB  . LEU A 1 63 ? 19.630  13.824  17.687  1.00 13.03 ? 63  LEU A CB  1 
ATOM   457  C  CG  . LEU A 1 63 ? 18.841  15.093  17.274  1.00 15.00 ? 63  LEU A CG  1 
ATOM   458  C  CD1 . LEU A 1 63 ? 17.353  14.986  17.678  1.00 16.36 ? 63  LEU A CD1 1 
ATOM   459  C  CD2 . LEU A 1 63 ? 19.425  16.415  17.801  1.00 15.39 ? 63  LEU A CD2 1 
ATOM   460  N  N   . LEU A 1 64 ? 21.557  11.202  17.469  1.00 12.07 ? 64  LEU A N   1 
ATOM   461  C  CA  . LEU A 1 64 ? 22.312  10.104  18.051  1.00 11.30 ? 64  LEU A CA  1 
ATOM   462  C  C   . LEU A 1 64 ? 23.789  10.198  17.707  1.00 10.75 ? 64  LEU A C   1 
ATOM   463  O  O   . LEU A 1 64 ? 24.636  9.913   18.557  1.00 10.95 ? 64  LEU A O   1 
ATOM   464  C  CB  . LEU A 1 64 ? 21.738  8.756   17.623  1.00 11.37 ? 64  LEU A CB  1 
ATOM   465  C  CG  . LEU A 1 64 ? 22.462  7.517   18.141  1.00 11.14 ? 64  LEU A CG  1 
ATOM   466  C  CD1 . LEU A 1 64 ? 22.506  7.460   19.678  1.00 9.24  ? 64  LEU A CD1 1 
ATOM   467  C  CD2 . LEU A 1 64 ? 21.808  6.300   17.561  1.00 15.04 ? 64  LEU A CD2 1 
HETATM 468  N  N   . MSE A 1 65 ? 24.103  10.634  16.490  1.00 9.88  ? 65  MSE A N   1 
HETATM 469  C  CA  . MSE A 1 65 ? 25.490  10.723  16.065  1.00 9.90  ? 65  MSE A CA  1 
HETATM 470  C  C   . MSE A 1 65 ? 26.216  11.816  16.869  1.00 10.58 ? 65  MSE A C   1 
HETATM 471  O  O   . MSE A 1 65 ? 27.388  11.675  17.235  1.00 9.39  ? 65  MSE A O   1 
HETATM 472  C  CB  . MSE A 1 65 ? 25.588  10.962  14.537  1.00 9.55  ? 65  MSE A CB  1 
HETATM 473  C  CG  . MSE A 1 65 ? 26.993  10.706  13.921  1.00 8.09  ? 65  MSE A CG  1 
HETATM 474  SE SE  . MSE A 1 65 ? 27.632  9.024   14.001  1.00 4.77  ? 65  MSE A SE  1 
HETATM 475  C  CE  . MSE A 1 65 ? 29.116  9.408   14.799  1.00 2.97  ? 65  MSE A CE  1 
ATOM   476  N  N   . GLU A 1 66 ? 25.495  12.895  17.156  1.00 12.19 ? 66  GLU A N   1 
ATOM   477  C  CA  . GLU A 1 66 ? 26.002  13.963  18.002  1.00 14.02 ? 66  GLU A CA  1 
ATOM   478  C  C   . GLU A 1 66 ? 26.259  13.475  19.439  1.00 13.51 ? 66  GLU A C   1 
ATOM   479  O  O   . GLU A 1 66 ? 27.312  13.771  19.992  1.00 13.80 ? 66  GLU A O   1 
ATOM   480  C  CB  . GLU A 1 66 ? 25.058  15.160  17.961  1.00 14.53 ? 66  GLU A CB  1 
ATOM   481  C  CG  . GLU A 1 66 ? 25.486  16.357  18.796  1.00 20.58 ? 66  GLU A CG  1 
ATOM   482  C  CD  . GLU A 1 66 ? 24.367  17.420  18.921  1.00 28.95 ? 66  GLU A CD  1 
ATOM   483  O  OE1 . GLU A 1 66 ? 23.254  17.135  19.470  1.00 31.58 ? 66  GLU A OE1 1 
ATOM   484  O  OE2 . GLU A 1 66 ? 24.612  18.554  18.451  1.00 31.97 ? 66  GLU A OE2 1 
ATOM   485  N  N   . ALA A 1 67 ? 25.315  12.719  20.022  1.00 12.64 ? 67  ALA A N   1 
ATOM   486  C  CA  . ALA A 1 67 ? 25.546  12.019  21.313  1.00 11.58 ? 67  ALA A CA  1 
ATOM   487  C  C   . ALA A 1 67 ? 26.734  11.070  21.350  1.00 10.74 ? 67  ALA A C   1 
ATOM   488  O  O   . ALA A 1 67 ? 27.500  11.083  22.303  1.00 11.34 ? 67  ALA A O   1 
ATOM   489  C  CB  . ALA A 1 67 ? 24.277  11.272  21.766  1.00 11.67 ? 67  ALA A CB  1 
ATOM   490  N  N   . LEU A 1 68 ? 26.892  10.224  20.345  1.00 10.52 ? 68  LEU A N   1 
ATOM   491  C  CA  . LEU A 1 68 ? 28.099  9.361   20.236  1.00 10.56 ? 68  LEU A CA  1 
ATOM   492  C  C   . LEU A 1 68 ? 29.446  10.122  20.129  1.00 11.13 ? 68  LEU A C   1 
ATOM   493  O  O   . LEU A 1 68 ? 30.463  9.622   20.566  1.00 12.28 ? 68  LEU A O   1 
ATOM   494  C  CB  . LEU A 1 68 ? 27.963  8.375   19.050  1.00 10.02 ? 68  LEU A CB  1 
ATOM   495  C  CG  . LEU A 1 68 ? 26.802  7.388   19.027  1.00 7.97  ? 68  LEU A CG  1 
ATOM   496  C  CD1 . LEU A 1 68 ? 26.758  6.688   17.725  1.00 4.56  ? 68  LEU A CD1 1 
ATOM   497  C  CD2 . LEU A 1 68 ? 26.915  6.398   20.194  1.00 7.36  ? 68  LEU A CD2 1 
ATOM   498  N  N   . ASP A 1 69 ? 29.436  11.308  19.533  1.00 11.86 ? 69  ASP A N   1 
ATOM   499  C  CA  . ASP A 1 69 ? 30.571  12.240  19.558  1.00 13.17 ? 69  ASP A CA  1 
ATOM   500  C  C   . ASP A 1 69 ? 30.799  12.990  20.886  1.00 13.45 ? 69  ASP A C   1 
ATOM   501  O  O   . ASP A 1 69 ? 31.861  13.576  21.089  1.00 13.89 ? 69  ASP A O   1 
ATOM   502  C  CB  . ASP A 1 69 ? 30.449  13.274  18.432  1.00 13.04 ? 69  ASP A CB  1 
ATOM   503  C  CG  . ASP A 1 69 ? 30.720  12.687  17.069  1.00 15.59 ? 69  ASP A CG  1 
ATOM   504  O  OD1 . ASP A 1 69 ? 31.381  11.623  16.985  1.00 19.96 ? 69  ASP A OD1 1 
ATOM   505  O  OD2 . ASP A 1 69 ? 30.266  13.293  16.067  1.00 20.39 ? 69  ASP A OD2 1 
ATOM   506  N  N   . ASN A 1 70 ? 29.805  12.994  21.768  1.00 13.68 ? 70  ASN A N   1 
ATOM   507  C  CA  . ASN A 1 70 ? 29.906  13.706  23.043  1.00 13.65 ? 70  ASN A CA  1 
ATOM   508  C  C   . ASN A 1 70 ? 29.369  12.873  24.166  1.00 13.36 ? 70  ASN A C   1 
ATOM   509  O  O   . ASN A 1 70 ? 28.443  13.279  24.852  1.00 13.29 ? 70  ASN A O   1 
ATOM   510  C  CB  . ASN A 1 70 ? 29.201  15.052  22.950  1.00 14.13 ? 70  ASN A CB  1 
ATOM   511  C  CG  . ASN A 1 70 ? 29.795  15.917  21.871  1.00 16.69 ? 70  ASN A CG  1 
ATOM   512  O  OD1 . ASN A 1 70 ? 30.898  16.441  22.038  1.00 19.84 ? 70  ASN A OD1 1 
ATOM   513  N  ND2 . ASN A 1 70 ? 29.090  16.046  20.731  1.00 17.73 ? 70  ASN A ND2 1 
ATOM   514  N  N   . PRO A 1 71 ? 29.975  11.690  24.372  1.00 13.72 ? 71  PRO A N   1 
ATOM   515  C  CA  . PRO A 1 71 ? 29.439  10.714  25.305  1.00 14.21 ? 71  PRO A CA  1 
ATOM   516  C  C   . PRO A 1 71 ? 29.526  11.135  26.814  1.00 14.35 ? 71  PRO A C   1 
ATOM   517  O  O   . PRO A 1 71 ? 28.656  10.743  27.613  1.00 14.41 ? 71  PRO A O   1 
ATOM   518  C  CB  . PRO A 1 71 ? 30.281  9.469   25.003  1.00 13.79 ? 71  PRO A CB  1 
ATOM   519  C  CG  . PRO A 1 71 ? 31.622  10.045  24.528  1.00 13.97 ? 71  PRO A CG  1 
ATOM   520  C  CD  . PRO A 1 71 ? 31.247  11.246  23.756  1.00 13.36 ? 71  PRO A CD  1 
ATOM   521  N  N   . ALA A 1 72 ? 30.544  11.906  27.204  1.00 13.71 ? 72  ALA A N   1 
ATOM   522  C  CA  . ALA A 1 72 ? 30.591  12.447  28.590  1.00 13.44 ? 72  ALA A CA  1 
ATOM   523  C  C   . ALA A 1 72 ? 29.408  13.387  28.951  1.00 12.93 ? 72  ALA A C   1 
ATOM   524  O  O   . ALA A 1 72 ? 28.831  13.264  30.020  1.00 12.68 ? 72  ALA A O   1 
ATOM   525  C  CB  . ALA A 1 72 ? 31.940  13.139  28.891  1.00 12.29 ? 72  ALA A CB  1 
ATOM   526  N  N   . VAL A 1 73 ? 29.117  14.353  28.084  1.00 13.05 ? 73  VAL A N   1 
ATOM   527  C  CA  . VAL A 1 73 ? 27.939  15.186  28.194  1.00 13.41 ? 73  VAL A CA  1 
ATOM   528  C  C   . VAL A 1 73 ? 26.627  14.360  28.124  1.00 14.61 ? 73  VAL A C   1 
ATOM   529  O  O   . VAL A 1 73 ? 25.661  14.625  28.868  1.00 13.70 ? 73  VAL A O   1 
ATOM   530  C  CB  . VAL A 1 73 ? 27.950  16.313  27.118  1.00 13.40 ? 73  VAL A CB  1 
ATOM   531  C  CG1 . VAL A 1 73 ? 26.707  17.189  27.236  1.00 12.03 ? 73  VAL A CG1 1 
ATOM   532  C  CG2 . VAL A 1 73 ? 29.225  17.159  27.225  1.00 13.24 ? 73  VAL A CG2 1 
ATOM   533  N  N   . VAL A 1 74 ? 26.596  13.351  27.258  1.00 15.89 ? 74  VAL A N   1 
ATOM   534  C  CA  . VAL A 1 74 ? 25.421  12.473  27.169  1.00 17.50 ? 74  VAL A CA  1 
ATOM   535  C  C   . VAL A 1 74 ? 25.229  11.760  28.500  1.00 18.36 ? 74  VAL A C   1 
ATOM   536  O  O   . VAL A 1 74 ? 24.161  11.838  29.108  1.00 18.25 ? 74  VAL A O   1 
ATOM   537  C  CB  . VAL A 1 74 ? 25.505  11.448  25.986  1.00 17.45 ? 74  VAL A CB  1 
ATOM   538  C  CG1 . VAL A 1 74 ? 24.263  10.611  25.927  1.00 17.89 ? 74  VAL A CG1 1 
ATOM   539  C  CG2 . VAL A 1 74 ? 25.647  12.172  24.701  1.00 17.60 ? 74  VAL A CG2 1 
ATOM   540  N  N   . ASN A 1 75 ? 26.277  11.088  28.955  1.00 19.48 ? 75  ASN A N   1 
ATOM   541  C  CA  . ASN A 1 75 ? 26.277  10.447  30.266  1.00 20.92 ? 75  ASN A CA  1 
ATOM   542  C  C   . ASN A 1 75 ? 25.979  11.388  31.458  1.00 22.18 ? 75  ASN A C   1 
ATOM   543  O  O   . ASN A 1 75 ? 25.324  10.957  32.418  1.00 23.68 ? 75  ASN A O   1 
ATOM   544  C  CB  . ASN A 1 75 ? 27.572  9.635   30.460  1.00 19.99 ? 75  ASN A CB  1 
ATOM   545  C  CG  . ASN A 1 75 ? 27.639  8.422   29.503  1.00 21.12 ? 75  ASN A CG  1 
ATOM   546  O  OD1 . ASN A 1 75 ? 26.608  7.907   29.055  1.00 20.22 ? 75  ASN A OD1 1 
ATOM   547  N  ND2 . ASN A 1 75 ? 28.846  7.993   29.167  1.00 21.48 ? 75  ASN A ND2 1 
ATOM   548  N  N   . ALA A 1 76 ? 26.439  12.644  31.407  1.00 22.32 ? 76  ALA A N   1 
ATOM   549  C  CA  . ALA A 1 76 ? 26.044  13.646  32.412  1.00 23.06 ? 76  ALA A CA  1 
ATOM   550  C  C   . ALA A 1 76 ? 24.531  13.903  32.431  1.00 23.54 ? 76  ALA A C   1 
ATOM   551  O  O   . ALA A 1 76 ? 23.929  13.858  33.496  1.00 23.82 ? 76  ALA A O   1 
ATOM   552  C  CB  . ALA A 1 76 ? 26.838  14.955  32.264  1.00 21.83 ? 76  ALA A CB  1 
ATOM   553  N  N   . LYS A 1 77 ? 23.926  14.154  31.266  1.00 25.38 ? 77  LYS A N   1 
ATOM   554  C  CA  . LYS A 1 77 ? 22.447  14.299  31.107  1.00 27.22 ? 77  LYS A CA  1 
ATOM   555  C  C   . LYS A 1 77 ? 21.587  13.090  31.517  1.00 28.70 ? 77  LYS A C   1 
ATOM   556  O  O   . LYS A 1 77 ? 20.493  13.255  32.072  1.00 28.86 ? 77  LYS A O   1 
ATOM   557  C  CB  . LYS A 1 77 ? 22.087  14.605  29.660  1.00 27.52 ? 77  LYS A CB  1 
ATOM   558  C  CG  . LYS A 1 77 ? 22.465  15.955  29.136  1.00 28.35 ? 77  LYS A CG  1 
ATOM   559  C  CD  . LYS A 1 77 ? 22.139  15.986  27.665  1.00 31.77 ? 77  LYS A CD  1 
ATOM   560  C  CE  . LYS A 1 77 ? 22.920  17.054  26.905  1.00 35.15 ? 77  LYS A CE  1 
ATOM   561  N  NZ  . LYS A 1 77 ? 23.025  16.648  25.463  1.00 36.33 ? 77  LYS A NZ  1 
ATOM   562  N  N   . LEU A 1 78 ? 22.052  11.888  31.177  1.00 30.59 ? 78  LEU A N   1 
ATOM   563  C  CA  . LEU A 1 78 ? 21.407  10.647  31.579  1.00 32.47 ? 78  LEU A CA  1 
ATOM   564  C  C   . LEU A 1 78 ? 21.475  10.461  33.086  1.00 33.90 ? 78  LEU A C   1 
ATOM   565  O  O   . LEU A 1 78 ? 20.550  9.899   33.678  1.00 33.59 ? 78  LEU A O   1 
ATOM   566  C  CB  . LEU A 1 78 ? 22.071  9.430   30.909  1.00 32.62 ? 78  LEU A CB  1 
ATOM   567  C  CG  . LEU A 1 78 ? 22.046  9.258   29.386  1.00 33.30 ? 78  LEU A CG  1 
ATOM   568  C  CD1 . LEU A 1 78 ? 22.648  7.912   28.990  1.00 34.39 ? 78  LEU A CD1 1 
ATOM   569  C  CD2 . LEU A 1 78 ? 20.639  9.426   28.793  1.00 33.76 ? 78  LEU A CD2 1 
ATOM   570  N  N   . LYS A 1 79 ? 22.578  10.912  33.701  1.00 35.56 ? 79  LYS A N   1 
ATOM   571  C  CA  . LYS A 1 79 ? 22.749  10.760  35.147  1.00 36.92 ? 79  LYS A CA  1 
ATOM   572  C  C   . LYS A 1 79 ? 21.802  11.680  35.900  1.00 37.70 ? 79  LYS A C   1 
ATOM   573  O  O   . LYS A 1 79 ? 21.236  11.287  36.904  1.00 37.66 ? 79  LYS A O   1 
ATOM   574  C  CB  . LYS A 1 79 ? 24.205  10.970  35.579  1.00 37.18 ? 79  LYS A CB  1 
ATOM   575  C  CG  . LYS A 1 79 ? 24.477  10.639  37.043  1.00 38.76 ? 79  LYS A CG  1 
ATOM   576  C  CD  . LYS A 1 79 ? 25.954  10.779  37.366  1.00 43.58 ? 79  LYS A CD  1 
ATOM   577  C  CE  . LYS A 1 79 ? 26.182  11.325  38.797  1.00 45.78 ? 79  LYS A CE  1 
ATOM   578  N  NZ  . LYS A 1 79 ? 27.592  11.825  38.993  1.00 46.75 ? 79  LYS A NZ  1 
ATOM   579  N  N   . LEU A 1 80 ? 21.617  12.895  35.397  1.00 39.23 ? 80  LEU A N   1 
ATOM   580  C  CA  . LEU A 1 80 ? 20.660  13.829  35.984  1.00 40.84 ? 80  LEU A CA  1 
ATOM   581  C  C   . LEU A 1 80 ? 19.251  13.251  36.011  1.00 42.18 ? 80  LEU A C   1 
ATOM   582  O  O   . LEU A 1 80 ? 18.618  13.224  37.066  1.00 42.49 ? 80  LEU A O   1 
ATOM   583  C  CB  . LEU A 1 80 ? 20.698  15.189  35.275  1.00 40.61 ? 80  LEU A CB  1 
ATOM   584  C  CG  . LEU A 1 80 ? 21.978  16.019  35.491  1.00 39.95 ? 80  LEU A CG  1 
ATOM   585  C  CD1 . LEU A 1 80 ? 22.089  17.190  34.501  1.00 38.66 ? 80  LEU A CD1 1 
ATOM   586  C  CD2 . LEU A 1 80 ? 22.104  16.499  36.938  1.00 39.66 ? 80  LEU A CD2 1 
ATOM   587  N  N   . ALA A 1 81 ? 18.775  12.771  34.863  1.00 44.11 ? 81  ALA A N   1 
ATOM   588  C  CA  . ALA A 1 81 ? 17.465  12.104  34.765  1.00 45.87 ? 81  ALA A CA  1 
ATOM   589  C  C   . ALA A 1 81 ? 17.379  10.819  35.628  1.00 47.01 ? 81  ALA A C   1 
ATOM   590  O  O   . ALA A 1 81 ? 16.381  10.591  36.326  1.00 47.42 ? 81  ALA A O   1 
ATOM   591  C  CB  . ALA A 1 81 ? 17.110  11.819  33.290  1.00 45.82 ? 81  ALA A CB  1 
ATOM   592  N  N   . SER A 1 82 ? 18.428  9.998   35.585  1.00 48.15 ? 82  SER A N   1 
ATOM   593  C  CA  . SER A 1 82 ? 18.555  8.849   36.489  1.00 49.61 ? 82  SER A CA  1 
ATOM   594  C  C   . SER A 1 82 ? 18.328  9.221   37.985  1.00 50.43 ? 82  SER A C   1 
ATOM   595  O  O   . SER A 1 82 ? 17.495  8.604   38.667  1.00 50.44 ? 82  SER A O   1 
ATOM   596  C  CB  . SER A 1 82 ? 19.932  8.193   36.297  1.00 49.76 ? 82  SER A CB  1 
ATOM   597  O  OG  . SER A 1 82 ? 19.873  6.784   36.461  1.00 50.31 ? 82  SER A OG  1 
ATOM   598  N  N   . GLU A 1 83 ? 19.061  10.236  38.466  1.00 51.16 ? 83  GLU A N   1 
ATOM   599  C  CA  . GLU A 1 83 ? 18.951  10.742  39.847  1.00 51.81 ? 83  GLU A CA  1 
ATOM   600  C  C   . GLU A 1 83 ? 18.129  12.040  39.942  1.00 51.68 ? 83  GLU A C   1 
ATOM   601  O  O   . GLU A 1 83 ? 16.896  12.029  39.853  1.00 51.74 ? 83  GLU A O   1 
ATOM   602  C  CB  . GLU A 1 83 ? 20.350  10.926  40.486  1.00 52.09 ? 83  GLU A CB  1 
ATOM   603  C  CG  . GLU A 1 83 ? 21.222  12.096  39.931  1.00 53.64 ? 83  GLU A CG  1 
ATOM   604  C  CD  . GLU A 1 83 ? 22.703  12.034  40.377  1.00 56.05 ? 83  GLU A CD  1 
ATOM   605  O  OE1 . GLU A 1 83 ? 23.211  10.916  40.641  1.00 57.36 ? 83  GLU A OE1 1 
ATOM   606  O  OE2 . GLU A 1 83 ? 23.362  13.100  40.461  1.00 55.30 ? 83  GLU A OE2 1 
ATOM   607  N  N   . PRO B 1 6  ? -10.813 2.718   -23.173 1.00 45.48 ? 6   PRO B N   1 
ATOM   608  C  CA  . PRO B 1 6  ? -9.358  2.509   -23.232 1.00 45.02 ? 6   PRO B CA  1 
ATOM   609  C  C   . PRO B 1 6  ? -8.560  3.670   -22.603 1.00 44.48 ? 6   PRO B C   1 
ATOM   610  O  O   . PRO B 1 6  ? -7.322  3.733   -22.753 1.00 44.39 ? 6   PRO B O   1 
ATOM   611  C  CB  . PRO B 1 6  ? -9.088  2.433   -24.734 1.00 45.08 ? 6   PRO B CB  1 
ATOM   612  C  CG  . PRO B 1 6  ? -10.164 3.362   -25.347 1.00 45.86 ? 6   PRO B CG  1 
ATOM   613  C  CD  . PRO B 1 6  ? -11.319 3.449   -24.351 1.00 45.63 ? 6   PRO B CD  1 
ATOM   614  N  N   . ARG B 1 7  ? -9.269  4.562   -21.904 1.00 43.43 ? 7   ARG B N   1 
ATOM   615  C  CA  . ARG B 1 7  ? -8.694  5.784   -21.317 1.00 42.51 ? 7   ARG B CA  1 
ATOM   616  C  C   . ARG B 1 7  ? -9.127  5.908   -19.849 1.00 41.73 ? 7   ARG B C   1 
ATOM   617  O  O   . ARG B 1 7  ? -10.322 5.907   -19.564 1.00 42.00 ? 7   ARG B O   1 
ATOM   618  C  CB  . ARG B 1 7  ? -9.196  7.010   -22.100 1.00 42.35 ? 7   ARG B CB  1 
ATOM   619  C  CG  . ARG B 1 7  ? -8.390  8.284   -21.945 1.00 41.87 ? 7   ARG B CG  1 
ATOM   620  C  CD  . ARG B 1 7  ? -7.412  8.479   -23.111 1.00 42.66 ? 7   ARG B CD  1 
ATOM   621  N  NE  . ARG B 1 7  ? -6.332  9.402   -22.744 1.00 42.89 ? 7   ARG B NE  1 
ATOM   622  C  CZ  . ARG B 1 7  ? -5.162  9.520   -23.377 1.00 42.69 ? 7   ARG B CZ  1 
ATOM   623  N  NH1 . ARG B 1 7  ? -4.884  8.779   -24.452 1.00 42.11 ? 7   ARG B NH1 1 
ATOM   624  N  NH2 . ARG B 1 7  ? -4.260  10.387  -22.922 1.00 40.51 ? 7   ARG B NH2 1 
ATOM   625  N  N   . ILE B 1 8  ? -8.185  6.008   -18.918 1.00 40.74 ? 8   ILE B N   1 
ATOM   626  C  CA  . ILE B 1 8  ? -8.561  6.407   -17.544 1.00 39.85 ? 8   ILE B CA  1 
ATOM   627  C  C   . ILE B 1 8  ? -8.551  7.935   -17.422 1.00 39.58 ? 8   ILE B C   1 
ATOM   628  O  O   . ILE B 1 8  ? -7.643  8.610   -17.913 1.00 39.56 ? 8   ILE B O   1 
ATOM   629  C  CB  . ILE B 1 8  ? -7.721  5.724   -16.418 1.00 39.60 ? 8   ILE B CB  1 
ATOM   630  C  CG1 . ILE B 1 8  ? -6.222  5.985   -16.589 1.00 38.89 ? 8   ILE B CG1 1 
ATOM   631  C  CG2 . ILE B 1 8  ? -8.008  4.229   -16.381 1.00 39.42 ? 8   ILE B CG2 1 
ATOM   632  C  CD1 . ILE B 1 8  ? -5.460  6.063   -15.288 1.00 37.83 ? 8   ILE B CD1 1 
ATOM   633  N  N   . THR B 1 9  ? -9.584  8.476   -16.795 1.00 39.06 ? 9   THR B N   1 
ATOM   634  C  CA  . THR B 1 9  ? -9.794  9.915   -16.786 1.00 38.72 ? 9   THR B CA  1 
ATOM   635  C  C   . THR B 1 9  ? -10.543 10.345  -15.527 1.00 38.33 ? 9   THR B C   1 
ATOM   636  O  O   . THR B 1 9  ? -11.527 9.711   -15.134 1.00 38.96 ? 9   THR B O   1 
ATOM   637  C  CB  . THR B 1 9  ? -10.535 10.398  -18.067 1.00 38.53 ? 9   THR B CB  1 
ATOM   638  O  OG1 . THR B 1 9  ? -10.852 11.788  -17.940 1.00 40.08 ? 9   THR B OG1 1 
ATOM   639  C  CG2 . THR B 1 9  ? -11.819 9.627   -18.284 1.00 38.39 ? 9   THR B CG2 1 
ATOM   640  N  N   . ALA B 1 10 ? -10.078 11.418  -14.895 1.00 37.27 ? 10  ALA B N   1 
ATOM   641  C  CA  . ALA B 1 10 ? -10.718 11.923  -13.683 1.00 36.25 ? 10  ALA B CA  1 
ATOM   642  C  C   . ALA B 1 10 ? -10.557 13.426  -13.503 1.00 35.59 ? 10  ALA B C   1 
ATOM   643  O  O   . ALA B 1 10 ? -9.499  13.991  -13.776 1.00 34.69 ? 10  ALA B O   1 
ATOM   644  C  CB  . ALA B 1 10 ? -10.204 11.168  -12.438 1.00 36.28 ? 10  ALA B CB  1 
ATOM   645  N  N   . ARG B 1 11 ? -11.632 14.057  -13.046 1.00 35.30 ? 11  ARG B N   1 
ATOM   646  C  CA  . ARG B 1 11 ? -11.590 15.430  -12.560 1.00 35.10 ? 11  ARG B CA  1 
ATOM   647  C  C   . ARG B 1 11 ? -10.854 15.524  -11.215 1.00 33.90 ? 11  ARG B C   1 
ATOM   648  O  O   . ARG B 1 11 ? -11.073 14.703  -10.310 1.00 33.28 ? 11  ARG B O   1 
ATOM   649  C  CB  . ARG B 1 11 ? -13.014 15.969  -12.383 1.00 35.76 ? 11  ARG B CB  1 
ATOM   650  C  CG  . ARG B 1 11 ? -13.661 16.531  -13.639 1.00 39.00 ? 11  ARG B CG  1 
ATOM   651  C  CD  . ARG B 1 11 ? -15.173 16.727  -13.419 1.00 44.61 ? 11  ARG B CD  1 
ATOM   652  N  NE  . ARG B 1 11 ? -15.701 17.918  -14.096 1.00 48.78 ? 11  ARG B NE  1 
ATOM   653  C  CZ  . ARG B 1 11 ? -16.995 18.167  -14.322 1.00 50.61 ? 11  ARG B CZ  1 
ATOM   654  N  NH1 . ARG B 1 11 ? -17.938 17.304  -13.947 1.00 50.06 ? 11  ARG B NH1 1 
ATOM   655  N  NH2 . ARG B 1 11 ? -17.347 19.291  -14.938 1.00 51.65 ? 11  ARG B NH2 1 
ATOM   656  N  N   . VAL B 1 12 ? -9.985  16.529  -11.085 1.00 32.60 ? 12  VAL B N   1 
ATOM   657  C  CA  . VAL B 1 12 ? -9.418  16.880  -9.773  1.00 31.23 ? 12  VAL B CA  1 
ATOM   658  C  C   . VAL B 1 12 ? -9.769  18.310  -9.392  1.00 30.16 ? 12  VAL B C   1 
ATOM   659  O  O   . VAL B 1 12 ? -9.833  19.207  -10.250 1.00 29.80 ? 12  VAL B O   1 
ATOM   660  C  CB  . VAL B 1 12 ? -7.856  16.699  -9.678  1.00 31.44 ? 12  VAL B CB  1 
ATOM   661  C  CG1 . VAL B 1 12 ? -7.479  15.259  -9.867  1.00 31.90 ? 12  VAL B CG1 1 
ATOM   662  C  CG2 . VAL B 1 12 ? -7.120  17.600  -10.667 1.00 30.21 ? 12  VAL B CG2 1 
ATOM   663  N  N   . ASP B 1 13 ? -9.985  18.504  -8.096  1.00 29.17 ? 13  ASP B N   1 
ATOM   664  C  CA  . ASP B 1 13 ? -10.118 19.829  -7.524  1.00 28.24 ? 13  ASP B CA  1 
ATOM   665  C  C   . ASP B 1 13 ? -8.773  20.282  -6.963  1.00 26.77 ? 13  ASP B C   1 
ATOM   666  O  O   . ASP B 1 13 ? -7.782  19.552  -7.051  1.00 26.56 ? 13  ASP B O   1 
ATOM   667  C  CB  . ASP B 1 13 ? -11.226 19.844  -6.464  1.00 29.04 ? 13  ASP B CB  1 
ATOM   668  C  CG  . ASP B 1 13 ? -10.939 18.942  -5.288  1.00 30.76 ? 13  ASP B CG  1 
ATOM   669  O  OD1 . ASP B 1 13 ? -9.903  18.262  -5.298  1.00 34.02 ? 13  ASP B OD1 1 
ATOM   670  O  OD2 . ASP B 1 13 ? -11.754 18.906  -4.342  1.00 33.37 ? 13  ASP B OD2 1 
ATOM   671  N  N   . VAL B 1 14 ? -8.748  21.480  -6.383  1.00 25.58 ? 14  VAL B N   1 
ATOM   672  C  CA  . VAL B 1 14 ? -7.512  22.128  -5.926  1.00 23.54 ? 14  VAL B CA  1 
ATOM   673  C  C   . VAL B 1 14 ? -6.738  21.280  -4.926  1.00 22.94 ? 14  VAL B C   1 
ATOM   674  O  O   . VAL B 1 14 ? -5.524  21.100  -5.069  1.00 22.81 ? 14  VAL B O   1 
ATOM   675  C  CB  . VAL B 1 14 ? -7.796  23.566  -5.380  1.00 23.39 ? 14  VAL B CB  1 
ATOM   676  C  CG1 . VAL B 1 14 ? -6.588  24.128  -4.663  1.00 21.61 ? 14  VAL B CG1 1 
ATOM   677  C  CG2 . VAL B 1 14 ? -8.184  24.484  -6.527  1.00 21.23 ? 14  VAL B CG2 1 
ATOM   678  N  N   . ASP B 1 15 ? -7.450  20.758  -3.925  1.00 22.36 ? 15  ASP B N   1 
ATOM   679  C  CA  . ASP B 1 15 ? -6.846  19.988  -2.845  1.00 22.43 ? 15  ASP B CA  1 
ATOM   680  C  C   . ASP B 1 15 ? -6.222  18.679  -3.312  1.00 20.99 ? 15  ASP B C   1 
ATOM   681  O  O   . ASP B 1 15 ? -5.210  18.270  -2.800  1.00 21.02 ? 15  ASP B O   1 
ATOM   682  C  CB  . ASP B 1 15 ? -7.884  19.694  -1.749  1.00 23.24 ? 15  ASP B CB  1 
ATOM   683  C  CG  . ASP B 1 15 ? -8.239  20.928  -0.920  1.00 27.50 ? 15  ASP B CG  1 
ATOM   684  O  OD1 . ASP B 1 15 ? -7.396  21.859  -0.783  1.00 31.47 ? 15  ASP B OD1 1 
ATOM   685  O  OD2 . ASP B 1 15 ? -9.384  20.963  -0.408  1.00 31.27 ? 15  ASP B OD2 1 
ATOM   686  N  N   . THR B 1 16 ? -6.855  18.023  -4.274  1.00 20.23 ? 16  THR B N   1 
ATOM   687  C  CA  . THR B 1 16 ? -6.393  16.747  -4.809  1.00 19.20 ? 16  THR B CA  1 
ATOM   688  C  C   . THR B 1 16 ? -5.197  16.956  -5.721  1.00 17.96 ? 16  THR B C   1 
ATOM   689  O  O   . THR B 1 16 ? -4.215  16.225  -5.625  1.00 16.99 ? 16  THR B O   1 
ATOM   690  C  CB  . THR B 1 16 ? -7.539  16.033  -5.563  1.00 19.54 ? 16  THR B CB  1 
ATOM   691  O  OG1 . THR B 1 16 ? -8.669  15.941  -4.695  1.00 21.97 ? 16  THR B OG1 1 
ATOM   692  C  CG2 . THR B 1 16 ? -7.154  14.630  -5.981  1.00 21.09 ? 16  THR B CG2 1 
ATOM   693  N  N   . GLN B 1 17 ? -5.269  17.961  -6.591  1.00 16.81 ? 17  GLN B N   1 
ATOM   694  C  CA  . GLN B 1 17 ? -4.123  18.325  -7.396  1.00 17.06 ? 17  GLN B CA  1 
ATOM   695  C  C   . GLN B 1 17 ? -2.858  18.598  -6.532  1.00 16.80 ? 17  GLN B C   1 
ATOM   696  O  O   . GLN B 1 17 ? -1.759  18.124  -6.832  1.00 17.25 ? 17  GLN B O   1 
ATOM   697  C  CB  . GLN B 1 17 ? -4.445  19.532  -8.301  1.00 16.39 ? 17  GLN B CB  1 
ATOM   698  C  CG  . GLN B 1 17 ? -3.363  19.706  -9.365  1.00 16.58 ? 17  GLN B CG  1 
ATOM   699  C  CD  . GLN B 1 17 ? -3.381  21.017  -10.099 1.00 16.88 ? 17  GLN B CD  1 
ATOM   700  O  OE1 . GLN B 1 17 ? -3.853  21.091  -11.232 1.00 19.50 ? 17  GLN B OE1 1 
ATOM   701  N  NE2 . GLN B 1 17 ? -2.820  22.053  -9.484  1.00 15.91 ? 17  GLN B NE2 1 
ATOM   702  N  N   . ASP B 1 18 ? -3.035  19.354  -5.453  1.00 17.92 ? 18  ASP B N   1 
ATOM   703  C  CA  . ASP B 1 18 ? -1.969  19.684  -4.504  1.00 18.67 ? 18  ASP B CA  1 
ATOM   704  C  C   . ASP B 1 18 ? -1.367  18.438  -3.901  1.00 18.79 ? 18  ASP B C   1 
ATOM   705  O  O   . ASP B 1 18 ? -0.139  18.322  -3.768  1.00 19.13 ? 18  ASP B O   1 
ATOM   706  C  CB  . ASP B 1 18 ? -2.515  20.526  -3.363  1.00 19.13 ? 18  ASP B CB  1 
ATOM   707  C  CG  . ASP B 1 18 ? -2.738  21.961  -3.756  1.00 22.12 ? 18  ASP B CG  1 
ATOM   708  O  OD1 . ASP B 1 18 ? -2.281  22.359  -4.846  1.00 27.48 ? 18  ASP B OD1 1 
ATOM   709  O  OD2 . ASP B 1 18 ? -3.391  22.700  -2.990  1.00 25.72 ? 18  ASP B OD2 1 
ATOM   710  N  N   . LEU B 1 19 ? -2.248  17.520  -3.518  1.00 17.81 ? 19  LEU B N   1 
ATOM   711  C  CA  . LEU B 1 19 ? -1.837  16.267  -2.932  1.00 17.53 ? 19  LEU B CA  1 
ATOM   712  C  C   . LEU B 1 19 ? -1.076  15.444  -3.938  1.00 16.11 ? 19  LEU B C   1 
ATOM   713  O  O   . LEU B 1 19 ? 0.002   14.928  -3.620  1.00 16.21 ? 19  LEU B O   1 
ATOM   714  C  CB  . LEU B 1 19 ? -3.079  15.508  -2.468  1.00 17.85 ? 19  LEU B CB  1 
ATOM   715  C  CG  . LEU B 1 19 ? -3.016  14.230  -1.656  1.00 19.99 ? 19  LEU B CG  1 
ATOM   716  C  CD1 . LEU B 1 19 ? -2.197  14.459  -0.379  1.00 21.22 ? 19  LEU B CD1 1 
ATOM   717  C  CD2 . LEU B 1 19 ? -4.473  13.870  -1.323  1.00 21.06 ? 19  LEU B CD2 1 
ATOM   718  N  N   . LEU B 1 20 ? -1.620  15.329  -5.153  1.00 14.82 ? 20  LEU B N   1 
ATOM   719  C  CA  . LEU B 1 20 ? -1.033  14.425  -6.161  1.00 14.58 ? 20  LEU B CA  1 
ATOM   720  C  C   . LEU B 1 20 ? 0.283   14.929  -6.743  1.00 14.00 ? 20  LEU B C   1 
ATOM   721  O  O   . LEU B 1 20 ? 1.149   14.120  -7.123  1.00 14.32 ? 20  LEU B O   1 
ATOM   722  C  CB  . LEU B 1 20 ? -2.015  14.102  -7.273  1.00 13.51 ? 20  LEU B CB  1 
ATOM   723  C  CG  . LEU B 1 20 ? -3.330  13.436  -6.815  1.00 15.36 ? 20  LEU B CG  1 
ATOM   724  C  CD1 . LEU B 1 20 ? -4.243  13.355  -8.003  1.00 12.20 ? 20  LEU B CD1 1 
ATOM   725  C  CD2 . LEU B 1 20 ? -3.139  12.030  -6.152  1.00 12.69 ? 20  LEU B CD2 1 
ATOM   726  N  N   . ALA B 1 21 ? 0.413   16.254  -6.832  1.00 13.63 ? 21  ALA B N   1 
ATOM   727  C  CA  . ALA B 1 21 ? 1.626   16.903  -7.360  1.00 13.54 ? 21  ALA B CA  1 
ATOM   728  C  C   . ALA B 1 21 ? 2.793   16.785  -6.398  1.00 14.36 ? 21  ALA B C   1 
ATOM   729  O  O   . ALA B 1 21 ? 3.904   16.571  -6.843  1.00 13.65 ? 21  ALA B O   1 
ATOM   730  C  CB  . ALA B 1 21 ? 1.358   18.337  -7.669  1.00 13.21 ? 21  ALA B CB  1 
ATOM   731  N  N   . LYS B 1 22 ? 2.517   16.907  -5.089  1.00 15.59 ? 22  LYS B N   1 
ATOM   732  C  CA  . LYS B 1 22 ? 3.514   16.765  -4.024  1.00 16.85 ? 22  LYS B CA  1 
ATOM   733  C  C   . LYS B 1 22 ? 3.980   15.333  -3.945  1.00 17.18 ? 22  LYS B C   1 
ATOM   734  O  O   . LYS B 1 22 ? 5.179   15.075  -3.897  1.00 18.30 ? 22  LYS B O   1 
ATOM   735  C  CB  . LYS B 1 22 ? 2.949   17.237  -2.679  1.00 17.75 ? 22  LYS B CB  1 
ATOM   736  C  CG  . LYS B 1 22 ? 3.917   17.127  -1.485  1.00 20.62 ? 22  LYS B CG  1 
ATOM   737  C  CD  . LYS B 1 22 ? 3.364   17.785  -0.221  1.00 24.72 ? 22  LYS B CD  1 
ATOM   738  C  CE  . LYS B 1 22 ? 4.212   17.464  1.044   1.00 29.12 ? 22  LYS B CE  1 
ATOM   739  N  NZ  . LYS B 1 22 ? 5.658   17.923  1.005   1.00 29.86 ? 22  LYS B NZ  1 
ATOM   740  N  N   . ALA B 1 23 ? 3.042   14.393  -3.995  1.00 17.00 ? 23  ALA B N   1 
ATOM   741  C  CA  . ALA B 1 23 ? 3.384   12.977  -4.095  1.00 16.88 ? 23  ALA B CA  1 
ATOM   742  C  C   . ALA B 1 23 ? 4.133   12.596  -5.381  1.00 16.81 ? 23  ALA B C   1 
ATOM   743  O  O   . ALA B 1 23 ? 5.044   11.774  -5.338  1.00 16.75 ? 23  ALA B O   1 
ATOM   744  C  CB  . ALA B 1 23 ? 2.125   12.110  -3.928  1.00 16.79 ? 23  ALA B CB  1 
ATOM   745  N  N   . ALA B 1 24 ? 3.730   13.143  -6.532  1.00 17.33 ? 24  ALA B N   1 
ATOM   746  C  CA  . ALA B 1 24 ? 4.461   12.888  -7.794  1.00 16.81 ? 24  ALA B CA  1 
ATOM   747  C  C   . ALA B 1 24 ? 5.898   13.436  -7.734  1.00 16.65 ? 24  ALA B C   1 
ATOM   748  O  O   . ALA B 1 24 ? 6.832   12.829  -8.263  1.00 15.78 ? 24  ALA B O   1 
ATOM   749  C  CB  . ALA B 1 24 ? 3.682   13.475  -9.033  1.00 16.43 ? 24  ALA B CB  1 
ATOM   750  N  N   . ALA B 1 25 ? 6.075   14.597  -7.106  1.00 17.44 ? 25  ALA B N   1 
ATOM   751  C  CA  . ALA B 1 25 ? 7.421   15.166  -6.933  1.00 18.07 ? 25  ALA B CA  1 
ATOM   752  C  C   . ALA B 1 25 ? 8.292   14.197  -6.113  1.00 19.00 ? 25  ALA B C   1 
ATOM   753  O  O   . ALA B 1 25 ? 9.390   13.766  -6.569  1.00 19.46 ? 25  ALA B O   1 
ATOM   754  C  CB  . ALA B 1 25 ? 7.339   16.521  -6.254  1.00 18.21 ? 25  ALA B CB  1 
ATOM   755  N  N   . LEU B 1 26 ? 7.784   13.830  -4.933  1.00 19.20 ? 26  LEU B N   1 
ATOM   756  C  CA  . LEU B 1 26 ? 8.475   12.907  -4.013  1.00 20.39 ? 26  LEU B CA  1 
ATOM   757  C  C   . LEU B 1 26 ? 8.740   11.566  -4.643  1.00 20.97 ? 26  LEU B C   1 
ATOM   758  O  O   . LEU B 1 26 ? 9.790   11.000  -4.423  1.00 22.39 ? 26  LEU B O   1 
ATOM   759  C  CB  . LEU B 1 26 ? 7.705   12.703  -2.677  1.00 19.96 ? 26  LEU B CB  1 
ATOM   760  C  CG  . LEU B 1 26 ? 7.574   13.902  -1.712  1.00 19.84 ? 26  LEU B CG  1 
ATOM   761  C  CD1 . LEU B 1 26 ? 6.639   13.633  -0.550  1.00 16.07 ? 26  LEU B CD1 1 
ATOM   762  C  CD2 . LEU B 1 26 ? 8.941   14.333  -1.207  1.00 19.87 ? 26  LEU B CD2 1 
ATOM   763  N  N   . ALA B 1 27 ? 7.787   11.052  -5.406  1.00 21.26 ? 27  ALA B N   1 
ATOM   764  C  CA  . ALA B 1 27 ? 7.926   9.754   -6.054  1.00 21.83 ? 27  ALA B CA  1 
ATOM   765  C  C   . ALA B 1 27 ? 8.801   9.821   -7.307  1.00 22.18 ? 27  ALA B C   1 
ATOM   766  O  O   . ALA B 1 27 ? 8.930   8.835   -8.031  1.00 21.88 ? 27  ALA B O   1 
ATOM   767  C  CB  . ALA B 1 27 ? 6.547   9.186   -6.385  1.00 21.75 ? 27  ALA B CB  1 
ATOM   768  N  N   . GLY B 1 28 ? 9.394   10.982  -7.568  1.00 22.91 ? 28  GLY B N   1 
ATOM   769  C  CA  . GLY B 1 28 ? 10.250  11.170  -8.750  1.00 24.73 ? 28  GLY B CA  1 
ATOM   770  C  C   . GLY B 1 28 ? 9.581   11.170  -10.127 1.00 25.70 ? 28  GLY B C   1 
ATOM   771  O  O   . GLY B 1 28 ? 10.284  11.067  -11.139 1.00 26.42 ? 28  GLY B O   1 
HETATM 772  N  N   . MSE B 1 29 ? 8.241   11.278  -10.173 1.00 26.28 ? 29  MSE B N   1 
HETATM 773  C  CA  . MSE B 1 29 ? 7.453   11.289  -11.430 1.00 26.31 ? 29  MSE B CA  1 
HETATM 774  C  C   . MSE B 1 29 ? 7.474   12.692  -11.990 1.00 25.73 ? 29  MSE B C   1 
HETATM 775  O  O   . MSE B 1 29 ? 7.615   13.655  -11.236 1.00 26.27 ? 29  MSE B O   1 
HETATM 776  C  CB  . MSE B 1 29 ? 5.983   10.925  -11.179 1.00 27.02 ? 29  MSE B CB  1 
HETATM 777  C  CG  . MSE B 1 29 ? 5.749   9.731   -10.288 1.00 29.12 ? 29  MSE B CG  1 
HETATM 778  SE SE  . MSE B 1 29 ? 5.968   8.189   -11.179 1.00 35.75 ? 29  MSE B SE  1 
HETATM 779  C  CE  . MSE B 1 29 ? 5.058   7.126   -10.098 1.00 32.10 ? 29  MSE B CE  1 
ATOM   780  N  N   . SER B 1 30 ? 7.324   12.824  -13.304 1.00 24.97 ? 30  SER B N   1 
ATOM   781  C  CA  . SER B 1 30 ? 7.282   14.162  -13.908 1.00 23.96 ? 30  SER B CA  1 
ATOM   782  C  C   . SER B 1 30 ? 5.863   14.647  -14.222 1.00 22.10 ? 30  SER B C   1 
ATOM   783  O  O   . SER B 1 30 ? 5.662   15.824  -14.503 1.00 22.14 ? 30  SER B O   1 
ATOM   784  C  CB  . SER B 1 30 ? 8.152   14.212  -15.143 1.00 24.81 ? 30  SER B CB  1 
ATOM   785  O  OG  . SER B 1 30 ? 7.841   13.100  -15.962 1.00 28.15 ? 30  SER B OG  1 
ATOM   786  N  N   . SER B 1 31 ? 4.884   13.752  -14.128 1.00 20.04 ? 31  SER B N   1 
ATOM   787  C  CA  . SER B 1 31 ? 3.484   14.135  -14.258 1.00 18.65 ? 31  SER B CA  1 
ATOM   788  C  C   . SER B 1 31 ? 2.578   13.518  -13.191 1.00 17.67 ? 31  SER B C   1 
ATOM   789  O  O   . SER B 1 31 ? 2.847   12.441  -12.655 1.00 18.03 ? 31  SER B O   1 
ATOM   790  C  CB  . SER B 1 31 ? 2.951   13.790  -15.653 1.00 18.72 ? 31  SER B CB  1 
ATOM   791  O  OG  . SER B 1 31 ? 2.987   12.410  -15.901 1.00 19.13 ? 31  SER B OG  1 
ATOM   792  N  N   . ILE B 1 32 ? 1.507   14.226  -12.886 1.00 16.20 ? 32  ILE B N   1 
ATOM   793  C  CA  . ILE B 1 32 ? 0.414   13.673  -12.105 1.00 15.56 ? 32  ILE B CA  1 
ATOM   794  C  C   . ILE B 1 32 ? -0.136  12.392  -12.766 1.00 15.79 ? 32  ILE B C   1 
ATOM   795  O  O   . ILE B 1 32 ? -0.291  11.379  -12.093 1.00 16.26 ? 32  ILE B O   1 
ATOM   796  C  CB  . ILE B 1 32 ? -0.702  14.763  -11.850 1.00 14.70 ? 32  ILE B CB  1 
ATOM   797  C  CG1 . ILE B 1 32 ? -0.205  15.777  -10.805 1.00 12.35 ? 32  ILE B CG1 1 
ATOM   798  C  CG2 . ILE B 1 32 ? -2.034  14.121  -11.421 1.00 14.65 ? 32  ILE B CG2 1 
ATOM   799  C  CD1 . ILE B 1 32 ? -1.136  16.987  -10.537 1.00 9.24  ? 32  ILE B CD1 1 
ATOM   800  N  N   . ASN B 1 33 ? -0.372  12.446  -14.086 1.00 16.05 ? 33  ASN B N   1 
ATOM   801  C  CA  . ASN B 1 33 ? -0.937  11.346  -14.891 1.00 16.56 ? 33  ASN B CA  1 
ATOM   802  C  C   . ASN B 1 33 ? -0.178  10.042  -14.708 1.00 16.19 ? 33  ASN B C   1 
ATOM   803  O  O   . ASN B 1 33 ? -0.773  8.953   -14.587 1.00 16.97 ? 33  ASN B O   1 
ATOM   804  C  CB  . ASN B 1 33 ? -0.910  11.701  -16.402 1.00 16.71 ? 33  ASN B CB  1 
ATOM   805  C  CG  . ASN B 1 33 ? -2.009  12.682  -16.829 1.00 19.49 ? 33  ASN B CG  1 
ATOM   806  O  OD1 . ASN B 1 33 ? -2.999  12.915  -16.114 1.00 22.87 ? 33  ASN B OD1 1 
ATOM   807  N  ND2 . ASN B 1 33 ? -1.839  13.258  -18.019 1.00 18.95 ? 33  ASN B ND2 1 
ATOM   808  N  N   . SER B 1 34 ? 1.143   10.157  -14.747 1.00 16.44 ? 34  SER B N   1 
ATOM   809  C  CA  . SER B 1 34 ? 2.062   9.055   -14.472 1.00 16.54 ? 34  SER B CA  1 
ATOM   810  C  C   . SER B 1 34 ? 1.963   8.529   -13.056 1.00 15.62 ? 34  SER B C   1 
ATOM   811  O  O   . SER B 1 34 ? 1.863   7.322   -12.847 1.00 16.62 ? 34  SER B O   1 
ATOM   812  C  CB  . SER B 1 34 ? 3.491   9.492   -14.721 1.00 16.62 ? 34  SER B CB  1 
ATOM   813  O  OG  . SER B 1 34 ? 3.836   8.980   -15.973 1.00 20.98 ? 34  SER B OG  1 
ATOM   814  N  N   . PHE B 1 35 ? 2.029   9.426   -12.080 1.00 14.87 ? 35  PHE B N   1 
ATOM   815  C  CA  . PHE B 1 35 ? 1.801   9.031   -10.708 1.00 14.04 ? 35  PHE B CA  1 
ATOM   816  C  C   . PHE B 1 35 ? 0.489   8.229   -10.528 1.00 14.15 ? 35  PHE B C   1 
ATOM   817  O  O   . PHE B 1 35 ? 0.462   7.162   -9.909  1.00 15.10 ? 35  PHE B O   1 
ATOM   818  C  CB  . PHE B 1 35 ? 1.813   10.249  -9.773  1.00 13.78 ? 35  PHE B CB  1 
ATOM   819  C  CG  . PHE B 1 35 ? 1.536   9.872   -8.353  1.00 12.41 ? 35  PHE B CG  1 
ATOM   820  C  CD1 . PHE B 1 35 ? 2.574   9.410   -7.538  1.00 11.57 ? 35  PHE B CD1 1 
ATOM   821  C  CD2 . PHE B 1 35 ? 0.213   9.854   -7.865  1.00 11.20 ? 35  PHE B CD2 1 
ATOM   822  C  CE1 . PHE B 1 35 ? 2.306   8.998   -6.203  1.00 12.74 ? 35  PHE B CE1 1 
ATOM   823  C  CE2 . PHE B 1 35 ? -0.068  9.438   -6.563  1.00 10.53 ? 35  PHE B CE2 1 
ATOM   824  C  CZ  . PHE B 1 35 ? 0.979   9.004   -5.725  1.00 12.69 ? 35  PHE B CZ  1 
ATOM   825  N  N   . VAL B 1 36 ? -0.593  8.761   -11.080 1.00 14.72 ? 36  VAL B N   1 
ATOM   826  C  CA  . VAL B 1 36 ? -1.941  8.206   -10.939 1.00 14.43 ? 36  VAL B CA  1 
ATOM   827  C  C   . VAL B 1 36 ? -2.064  6.803   -11.536 1.00 15.45 ? 36  VAL B C   1 
ATOM   828  O  O   . VAL B 1 36 ? -2.536  5.878   -10.864 1.00 16.16 ? 36  VAL B O   1 
ATOM   829  C  CB  . VAL B 1 36 ? -3.001  9.198   -11.523 1.00 14.53 ? 36  VAL B CB  1 
ATOM   830  C  CG1 . VAL B 1 36 ? -4.396  8.561   -11.638 1.00 12.91 ? 36  VAL B CG1 1 
ATOM   831  C  CG2 . VAL B 1 36 ? -3.040  10.478  -10.688 1.00 12.52 ? 36  VAL B CG2 1 
ATOM   832  N  N   . LEU B 1 37 ? -1.648  6.646   -12.789 1.00 15.92 ? 37  LEU B N   1 
ATOM   833  C  CA  . LEU B 1 37 ? -1.675  5.342   -13.458 1.00 16.23 ? 37  LEU B CA  1 
ATOM   834  C  C   . LEU B 1 37 ? -0.917  4.270   -12.676 1.00 16.66 ? 37  LEU B C   1 
ATOM   835  O  O   . LEU B 1 37 ? -1.459  3.191   -12.445 1.00 16.01 ? 37  LEU B O   1 
ATOM   836  C  CB  . LEU B 1 37 ? -1.104  5.445   -14.864 1.00 15.75 ? 37  LEU B CB  1 
ATOM   837  C  CG  . LEU B 1 37 ? -0.960  4.126   -15.619 1.00 17.70 ? 37  LEU B CG  1 
ATOM   838  C  CD1 . LEU B 1 37 ? -2.321  3.478   -15.915 1.00 17.12 ? 37  LEU B CD1 1 
ATOM   839  C  CD2 . LEU B 1 37 ? -0.107  4.324   -16.908 1.00 19.71 ? 37  LEU B CD2 1 
ATOM   840  N  N   . ASN B 1 38 ? 0.327   4.591   -12.285 1.00 17.00 ? 38  ASN B N   1 
ATOM   841  C  CA  . ASN B 1 38 ? 1.165   3.717   -11.464 1.00 18.19 ? 38  ASN B CA  1 
ATOM   842  C  C   . ASN B 1 38 ? 0.570   3.371   -10.090 1.00 17.40 ? 38  ASN B C   1 
ATOM   843  O  O   . ASN B 1 38 ? 0.610   2.204   -9.686  1.00 18.07 ? 38  ASN B O   1 
ATOM   844  C  CB  . ASN B 1 38 ? 2.576   4.309   -11.302 1.00 18.74 ? 38  ASN B CB  1 
ATOM   845  C  CG  . ASN B 1 38 ? 3.498   3.423   -10.431 1.00 24.69 ? 38  ASN B CG  1 
ATOM   846  O  OD1 . ASN B 1 38 ? 3.449   3.454   -9.181  1.00 29.54 ? 38  ASN B OD1 1 
ATOM   847  N  ND2 . ASN B 1 38 ? 4.349   2.628   -11.096 1.00 29.21 ? 38  ASN B ND2 1 
ATOM   848  N  N   . ALA B 1 39 ? 0.073   4.385   -9.367  1.00 16.29 ? 39  ALA B N   1 
ATOM   849  C  CA  . ALA B 1 39 ? -0.677  4.176   -8.134  1.00 15.38 ? 39  ALA B CA  1 
ATOM   850  C  C   . ALA B 1 39 ? -1.870  3.217   -8.320  1.00 15.17 ? 39  ALA B C   1 
ATOM   851  O  O   . ALA B 1 39 ? -2.136  2.430   -7.457  1.00 14.99 ? 39  ALA B O   1 
ATOM   852  C  CB  . ALA B 1 39 ? -1.144  5.483   -7.592  1.00 15.29 ? 39  ALA B CB  1 
ATOM   853  N  N   . ALA B 1 40 ? -2.557  3.285   -9.463  1.00 15.09 ? 40  ALA B N   1 
ATOM   854  C  CA  . ALA B 1 40 ? -3.762  2.491   -9.737  1.00 15.13 ? 40  ALA B CA  1 
ATOM   855  C  C   . ALA B 1 40 ? -3.446  1.029   -10.002 1.00 15.37 ? 40  ALA B C   1 
ATOM   856  O  O   . ALA B 1 40 ? -4.173  0.147   -9.560  1.00 14.58 ? 40  ALA B O   1 
ATOM   857  C  CB  . ALA B 1 40 ? -4.505  3.060   -10.920 1.00 14.31 ? 40  ALA B CB  1 
ATOM   858  N  N   . ILE B 1 41 ? -2.380  0.798   -10.762 1.00 16.35 ? 41  ILE B N   1 
ATOM   859  C  CA  . ILE B 1 41 ? -1.930  -0.535  -11.119 1.00 17.83 ? 41  ILE B CA  1 
ATOM   860  C  C   . ILE B 1 41 ? -1.421  -1.283  -9.896  1.00 18.89 ? 41  ILE B C   1 
ATOM   861  O  O   . ILE B 1 41 ? -1.758  -2.447  -9.699  1.00 19.88 ? 41  ILE B O   1 
ATOM   862  C  CB  . ILE B 1 41 ? -0.872  -0.487  -12.259 1.00 17.89 ? 41  ILE B CB  1 
ATOM   863  C  CG1 . ILE B 1 41 ? -1.517  -0.008  -13.564 1.00 15.95 ? 41  ILE B CG1 1 
ATOM   864  C  CG2 . ILE B 1 41 ? -0.196  -1.834  -12.461 1.00 18.31 ? 41  ILE B CG2 1 
ATOM   865  C  CD1 . ILE B 1 41 ? -0.462  0.425   -14.588 1.00 16.54 ? 41  ILE B CD1 1 
ATOM   866  N  N   . GLU B 1 42 ? -0.651  -0.597  -9.057  1.00 20.12 ? 42  GLU B N   1 
ATOM   867  C  CA  . GLU B 1 42 ? -0.115  -1.161  -7.815  1.00 20.57 ? 42  GLU B CA  1 
ATOM   868  C  C   . GLU B 1 42 ? -1.249  -1.557  -6.845  1.00 19.99 ? 42  GLU B C   1 
ATOM   869  O  O   . GLU B 1 42 ? -1.250  -2.655  -6.299  1.00 20.26 ? 42  GLU B O   1 
ATOM   870  C  CB  . GLU B 1 42 ? 0.846   -0.144  -7.204  1.00 21.17 ? 42  GLU B CB  1 
ATOM   871  C  CG  . GLU B 1 42 ? 1.701   -0.622  -6.020  1.00 27.52 ? 42  GLU B CG  1 
ATOM   872  C  CD  . GLU B 1 42 ? 2.275   0.543   -5.167  1.00 34.15 ? 42  GLU B CD  1 
ATOM   873  O  OE1 . GLU B 1 42 ? 2.469   1.684   -5.684  1.00 37.15 ? 42  GLU B OE1 1 
ATOM   874  O  OE2 . GLU B 1 42 ? 2.529   0.303   -3.964  1.00 37.31 ? 42  GLU B OE2 1 
ATOM   875  N  N   . LYS B 1 43 ? -2.209  -0.662  -6.648  1.00 19.09 ? 43  LYS B N   1 
ATOM   876  C  CA  . LYS B 1 43 ? -3.421  -0.938  -5.885  1.00 18.84 ? 43  LYS B CA  1 
ATOM   877  C  C   . LYS B 1 43 ? -4.315  -2.052  -6.471  1.00 18.38 ? 43  LYS B C   1 
ATOM   878  O  O   . LYS B 1 43 ? -4.832  -2.881  -5.713  1.00 18.72 ? 43  LYS B O   1 
ATOM   879  C  CB  . LYS B 1 43 ? -4.215  0.366   -5.661  1.00 18.64 ? 43  LYS B CB  1 
ATOM   880  C  CG  . LYS B 1 43 ? -5.465  0.259   -4.796  1.00 20.22 ? 43  LYS B CG  1 
ATOM   881  C  CD  . LYS B 1 43 ? -5.216  -0.126  -3.320  1.00 23.75 ? 43  LYS B CD  1 
ATOM   882  C  CE  . LYS B 1 43 ? -6.539  0.008   -2.537  1.00 27.37 ? 43  LYS B CE  1 
ATOM   883  N  NZ  . LYS B 1 43 ? -6.503  -0.416  -1.090  1.00 29.62 ? 43  LYS B NZ  1 
ATOM   884  N  N   . ALA B 1 44 ? -4.490  -2.086  -7.796  1.00 17.70 ? 44  ALA B N   1 
ATOM   885  C  CA  . ALA B 1 44 ? -5.215  -3.195  -8.449  1.00 17.32 ? 44  ALA B CA  1 
ATOM   886  C  C   . ALA B 1 44 ? -4.590  -4.544  -8.103  1.00 17.80 ? 44  ALA B C   1 
ATOM   887  O  O   . ALA B 1 44 ? -5.279  -5.478  -7.668  1.00 17.88 ? 44  ALA B O   1 
ATOM   888  C  CB  . ALA B 1 44 ? -5.295  -3.001  -9.970  1.00 16.69 ? 44  ALA B CB  1 
ATOM   889  N  N   . LYS B 1 45 ? -3.276  -4.632  -8.280  1.00 18.20 ? 45  LYS B N   1 
ATOM   890  C  CA  . LYS B 1 45 ? -2.499  -5.806  -7.869  1.00 18.32 ? 45  LYS B CA  1 
ATOM   891  C  C   . LYS B 1 45 ? -2.641  -6.157  -6.392  1.00 18.60 ? 45  LYS B C   1 
ATOM   892  O  O   . LYS B 1 45 ? -2.730  -7.327  -6.050  1.00 19.21 ? 45  LYS B O   1 
ATOM   893  C  CB  . LYS B 1 45 ? -1.036  -5.624  -8.263  1.00 17.75 ? 45  LYS B CB  1 
ATOM   894  C  CG  . LYS B 1 45 ? -0.841  -5.701  -9.778  1.00 18.59 ? 45  LYS B CG  1 
ATOM   895  C  CD  . LYS B 1 45 ? 0.578   -5.428  -10.216 1.00 22.07 ? 45  LYS B CD  1 
ATOM   896  C  CE  . LYS B 1 45 ? 0.691   -5.586  -11.739 1.00 25.19 ? 45  LYS B CE  1 
ATOM   897  N  NZ  . LYS B 1 45 ? 2.033   -5.147  -12.265 1.00 29.44 ? 45  LYS B NZ  1 
ATOM   898  N  N   . GLN B 1 46 ? -2.686  -5.152  -5.524  1.00 19.09 ? 46  GLN B N   1 
ATOM   899  C  CA  . GLN B 1 46 ? -2.868  -5.380  -4.096  1.00 19.64 ? 46  GLN B CA  1 
ATOM   900  C  C   . GLN B 1 46 ? -4.255  -5.881  -3.727  1.00 19.06 ? 46  GLN B C   1 
ATOM   901  O  O   . GLN B 1 46 ? -4.415  -6.676  -2.804  1.00 19.07 ? 46  GLN B O   1 
ATOM   902  C  CB  . GLN B 1 46 ? -2.660  -4.085  -3.333  1.00 20.35 ? 46  GLN B CB  1 
ATOM   903  C  CG  . GLN B 1 46 ? -1.392  -4.020  -2.548  1.00 25.22 ? 46  GLN B CG  1 
ATOM   904  C  CD  . GLN B 1 46 ? -0.788  -2.621  -2.544  1.00 29.55 ? 46  GLN B CD  1 
ATOM   905  O  OE1 . GLN B 1 46 ? 0.422   -2.452  -2.787  1.00 32.94 ? 46  GLN B OE1 1 
ATOM   906  N  NE2 . GLN B 1 46 ? -1.627  -1.609  -2.300  1.00 29.24 ? 46  GLN B NE2 1 
ATOM   907  N  N   . VAL B 1 47 ? -5.268  -5.342  -4.396  1.00 18.50 ? 47  VAL B N   1 
ATOM   908  C  CA  . VAL B 1 47 ? -6.638  -5.725  -4.133  1.00 17.74 ? 47  VAL B CA  1 
ATOM   909  C  C   . VAL B 1 47 ? -6.834  -7.181  -4.544  1.00 17.98 ? 47  VAL B C   1 
ATOM   910  O  O   . VAL B 1 47 ? -7.416  -7.972  -3.814  1.00 17.72 ? 47  VAL B O   1 
ATOM   911  C  CB  . VAL B 1 47 ? -7.631  -4.766  -4.866  1.00 17.21 ? 47  VAL B CB  1 
ATOM   912  C  CG1 . VAL B 1 47 ? -9.049  -5.328  -4.877  1.00 15.15 ? 47  VAL B CG1 1 
ATOM   913  C  CG2 . VAL B 1 47 ? -7.589  -3.373  -4.227  1.00 15.60 ? 47  VAL B CG2 1 
ATOM   914  N  N   . ILE B 1 48 ? -6.318  -7.514  -5.717  1.00 18.64 ? 48  ILE B N   1 
ATOM   915  C  CA  . ILE B 1 48 ? -6.436  -8.839  -6.299  1.00 19.78 ? 48  ILE B CA  1 
ATOM   916  C  C   . ILE B 1 48 ? -5.720  -9.885  -5.446  1.00 21.42 ? 48  ILE B C   1 
ATOM   917  O  O   . ILE B 1 48 ? -6.283  -10.951 -5.153  1.00 22.12 ? 48  ILE B O   1 
ATOM   918  C  CB  . ILE B 1 48 ? -5.928  -8.831  -7.786  1.00 19.62 ? 48  ILE B CB  1 
ATOM   919  C  CG1 . ILE B 1 48 ? -6.936  -8.101  -8.686  1.00 19.32 ? 48  ILE B CG1 1 
ATOM   920  C  CG2 . ILE B 1 48 ? -5.706  -10.235 -8.307  1.00 18.35 ? 48  ILE B CG2 1 
ATOM   921  C  CD1 . ILE B 1 48 ? -6.417  -7.770  -10.087 1.00 19.08 ? 48  ILE B CD1 1 
ATOM   922  N  N   . GLU B 1 49 ? -4.482  -9.578  -5.056  1.00 22.65 ? 49  GLU B N   1 
ATOM   923  C  CA  . GLU B 1 49 ? -3.669  -10.420 -4.167  1.00 23.73 ? 49  GLU B CA  1 
ATOM   924  C  C   . GLU B 1 49 ? -4.330  -10.626 -2.791  1.00 24.32 ? 49  GLU B C   1 
ATOM   925  O  O   . GLU B 1 49 ? -4.316  -11.734 -2.263  1.00 24.09 ? 49  GLU B O   1 
ATOM   926  C  CB  . GLU B 1 49 ? -2.281  -9.787  -4.044  1.00 24.01 ? 49  GLU B CB  1 
ATOM   927  C  CG  . GLU B 1 49 ? -1.395  -10.242 -2.904  1.00 26.75 ? 49  GLU B CG  1 
ATOM   928  C  CD  . GLU B 1 49 ? -0.743  -11.613 -3.120  1.00 30.83 ? 49  GLU B CD  1 
ATOM   929  O  OE1 . GLU B 1 49 ? -0.632  -12.081 -4.284  1.00 30.75 ? 49  GLU B OE1 1 
ATOM   930  O  OE2 . GLU B 1 49 ? -0.340  -12.216 -2.093  1.00 31.67 ? 49  GLU B OE2 1 
ATOM   931  N  N   . ARG B 1 50 ? -4.909  -9.560  -2.230  1.00 25.10 ? 50  ARG B N   1 
ATOM   932  C  CA  . ARG B 1 50 ? -5.648  -9.602  -0.970  1.00 26.37 ? 50  ARG B CA  1 
ATOM   933  C  C   . ARG B 1 50 ? -6.841  -10.576 -0.971  1.00 26.56 ? 50  ARG B C   1 
ATOM   934  O  O   . ARG B 1 50 ? -7.038  -11.309 -0.013  1.00 25.92 ? 50  ARG B O   1 
ATOM   935  C  CB  . ARG B 1 50 ? -6.087  -8.185  -0.590  1.00 27.49 ? 50  ARG B CB  1 
ATOM   936  C  CG  . ARG B 1 50 ? -6.982  -8.034  0.640   1.00 31.22 ? 50  ARG B CG  1 
ATOM   937  C  CD  . ARG B 1 50 ? -6.194  -8.009  1.928   1.00 39.02 ? 50  ARG B CD  1 
ATOM   938  N  NE  . ARG B 1 50 ? -7.087  -7.779  3.067   1.00 44.77 ? 50  ARG B NE  1 
ATOM   939  C  CZ  . ARG B 1 50 ? -6.854  -8.172  4.324   1.00 48.11 ? 50  ARG B CZ  1 
ATOM   940  N  NH1 . ARG B 1 50 ? -5.744  -8.836  4.645   1.00 48.66 ? 50  ARG B NH1 1 
ATOM   941  N  NH2 . ARG B 1 50 ? -7.749  -7.901  5.271   1.00 49.02 ? 50  ARG B NH2 1 
ATOM   942  N  N   . GLU B 1 51 ? -7.625  -10.597 -2.044  1.00 27.04 ? 51  GLU B N   1 
ATOM   943  C  CA  . GLU B 1 51 ? -8.725  -11.549 -2.136  1.00 27.35 ? 51  GLU B CA  1 
ATOM   944  C  C   . GLU B 1 51 ? -8.230  -12.994 -2.159  1.00 26.85 ? 51  GLU B C   1 
ATOM   945  O  O   . GLU B 1 51 ? -8.800  -13.819 -1.444  1.00 26.55 ? 51  GLU B O   1 
ATOM   946  C  CB  . GLU B 1 51 ? -9.672  -11.253 -3.312  1.00 27.80 ? 51  GLU B CB  1 
ATOM   947  C  CG  . GLU B 1 51 ? -11.133 -11.737 -3.082  1.00 31.77 ? 51  GLU B CG  1 
ATOM   948  C  CD  . GLU B 1 51 ? -11.695 -12.582 -4.263  1.00 38.72 ? 51  GLU B CD  1 
ATOM   949  O  OE1 . GLU B 1 51 ? -11.119 -12.550 -5.385  1.00 41.38 ? 51  GLU B OE1 1 
ATOM   950  O  OE2 . GLU B 1 51 ? -12.722 -13.290 -4.073  1.00 40.83 ? 51  GLU B OE2 1 
ATOM   951  N  N   . GLN B 1 52 ? -7.193  -13.297 -2.964  1.00 26.30 ? 52  GLN B N   1 
ATOM   952  C  CA  . GLN B 1 52 ? -6.554  -14.624 -2.981  1.00 26.38 ? 52  GLN B CA  1 
ATOM   953  C  C   . GLN B 1 52 ? -6.002  -15.001 -1.609  1.00 26.04 ? 52  GLN B C   1 
ATOM   954  O  O   . GLN B 1 52 ? -6.114  -16.147 -1.189  1.00 25.61 ? 52  GLN B O   1 
ATOM   955  C  CB  . GLN B 1 52 ? -5.378  -14.705 -3.948  1.00 26.66 ? 52  GLN B CB  1 
ATOM   956  C  CG  . GLN B 1 52 ? -5.644  -14.387 -5.395  1.00 29.70 ? 52  GLN B CG  1 
ATOM   957  C  CD  . GLN B 1 52 ? -4.363  -14.243 -6.223  1.00 32.02 ? 52  GLN B CD  1 
ATOM   958  O  OE1 . GLN B 1 52 ? -3.397  -14.990 -6.054  1.00 34.01 ? 52  GLN B OE1 1 
ATOM   959  N  NE2 . GLN B 1 52 ? -4.363  -13.278 -7.129  1.00 34.75 ? 52  GLN B NE2 1 
ATOM   960  N  N   . ALA B 1 53 ? -5.384  -14.030 -0.938  1.00 26.15 ? 53  ALA B N   1 
ATOM   961  C  CA  . ALA B 1 53 ? -4.761  -14.220 0.367   1.00 26.57 ? 53  ALA B CA  1 
ATOM   962  C  C   . ALA B 1 53 ? -5.782  -14.453 1.486   1.00 27.27 ? 53  ALA B C   1 
ATOM   963  O  O   . ALA B 1 53 ? -5.519  -15.213 2.429   1.00 27.49 ? 53  ALA B O   1 
ATOM   964  C  CB  . ALA B 1 53 ? -3.880  -13.038 0.691   1.00 26.29 ? 53  ALA B CB  1 
ATOM   965  N  N   . LEU B 1 54 ? -6.932  -13.791 1.392   1.00 28.09 ? 54  LEU B N   1 
ATOM   966  C  CA  . LEU B 1 54 ? -8.032  -14.019 2.328   1.00 29.14 ? 54  LEU B CA  1 
ATOM   967  C  C   . LEU B 1 54 ? -8.599  -15.438 2.222   1.00 29.38 ? 54  LEU B C   1 
ATOM   968  O  O   . LEU B 1 54 ? -8.950  -16.025 3.235   1.00 29.87 ? 54  LEU B O   1 
ATOM   969  C  CB  . LEU B 1 54 ? -9.128  -12.951 2.202   1.00 29.28 ? 54  LEU B CB  1 
ATOM   970  C  CG  . LEU B 1 54 ? -8.899  -11.680 3.051   1.00 31.61 ? 54  LEU B CG  1 
ATOM   971  C  CD1 . LEU B 1 54 ? -9.814  -10.506 2.623   1.00 32.77 ? 54  LEU B CD1 1 
ATOM   972  C  CD2 . LEU B 1 54 ? -9.017  -11.943 4.568   1.00 31.20 ? 54  LEU B CD2 1 
ATOM   973  N  N   . LYS B 1 55 ? -8.648  -15.986 1.007   1.00 29.63 ? 55  LYS B N   1 
ATOM   974  C  CA  . LYS B 1 55 ? -9.025  -17.390 0.768   1.00 30.06 ? 55  LYS B CA  1 
ATOM   975  C  C   . LYS B 1 55 ? -8.087  -18.391 1.458   1.00 29.10 ? 55  LYS B C   1 
ATOM   976  O  O   . LYS B 1 55 ? -8.521  -19.297 2.167   1.00 29.89 ? 55  LYS B O   1 
ATOM   977  C  CB  . LYS B 1 55 ? -9.038  -17.691 -0.737  1.00 30.77 ? 55  LYS B CB  1 
ATOM   978  C  CG  . LYS B 1 55 ? -10.423 -17.711 -1.409  1.00 34.57 ? 55  LYS B CG  1 
ATOM   979  C  CD  . LYS B 1 55 ? -10.850 -16.360 -2.070  1.00 39.23 ? 55  LYS B CD  1 
ATOM   980  C  CE  . LYS B 1 55 ? -9.914  -15.893 -3.218  1.00 41.63 ? 55  LYS B CE  1 
ATOM   981  N  NZ  . LYS B 1 55 ? -9.850  -16.766 -4.437  1.00 43.84 ? 55  LYS B NZ  1 
ATOM   982  N  N   . LEU B 1 56 ? -6.795  -18.223 1.236   1.00 27.38 ? 56  LEU B N   1 
ATOM   983  C  CA  . LEU B 1 56 ? -5.798  -19.083 1.831   1.00 26.25 ? 56  LEU B CA  1 
ATOM   984  C  C   . LEU B 1 56 ? -5.723  -19.003 3.349   1.00 25.36 ? 56  LEU B C   1 
ATOM   985  O  O   . LEU B 1 56 ? -5.299  -19.958 4.013   1.00 25.16 ? 56  LEU B O   1 
ATOM   986  C  CB  . LEU B 1 56 ? -4.415  -18.764 1.247   1.00 26.26 ? 56  LEU B CB  1 
ATOM   987  C  CG  . LEU B 1 56 ? -4.226  -18.937 -0.255  1.00 26.43 ? 56  LEU B CG  1 
ATOM   988  C  CD1 . LEU B 1 56 ? -2.874  -18.317 -0.641  1.00 28.57 ? 56  LEU B CD1 1 
ATOM   989  C  CD2 . LEU B 1 56 ? -4.346  -20.393 -0.720  1.00 24.55 ? 56  LEU B CD2 1 
ATOM   990  N  N   . SER B 1 57 ? -6.099  -17.861 3.903   1.00 24.36 ? 57  SER B N   1 
ATOM   991  C  CA  . SER B 1 57 ? -6.017  -17.684 5.338   1.00 23.83 ? 57  SER B CA  1 
ATOM   992  C  C   . SER B 1 57 ? -7.114  -18.465 6.075   1.00 22.30 ? 57  SER B C   1 
ATOM   993  O  O   . SER B 1 57 ? -7.074  -18.601 7.297   1.00 22.19 ? 57  SER B O   1 
ATOM   994  C  CB  . SER B 1 57 ? -6.072  -16.198 5.692   1.00 24.00 ? 57  SER B CB  1 
ATOM   995  O  OG  . SER B 1 57 ? -7.342  -15.664 5.366   1.00 27.94 ? 57  SER B OG  1 
ATOM   996  N  N   . GLN B 1 58 ? -8.089  -18.971 5.333   1.00 20.71 ? 58  GLN B N   1 
ATOM   997  C  CA  . GLN B 1 58 ? -9.173  -19.732 5.930   1.00 20.12 ? 58  GLN B CA  1 
ATOM   998  C  C   . GLN B 1 58 ? -8.885  -21.218 5.826   1.00 18.28 ? 58  GLN B C   1 
ATOM   999  O  O   . GLN B 1 58 ? -9.700  -22.019 6.248   1.00 17.74 ? 58  GLN B O   1 
ATOM   1000 C  CB  . GLN B 1 58 ? -10.500 -19.448 5.235   1.00 20.56 ? 58  GLN B CB  1 
ATOM   1001 C  CG  . GLN B 1 58 ? -10.996 -17.998 5.262   1.00 24.24 ? 58  GLN B CG  1 
ATOM   1002 C  CD  . GLN B 1 58 ? -12.040 -17.740 4.146   1.00 30.67 ? 58  GLN B CD  1 
ATOM   1003 O  OE1 . GLN B 1 58 ? -13.023 -17.026 4.359   1.00 34.47 ? 58  GLN B OE1 1 
ATOM   1004 N  NE2 . GLN B 1 58 ? -11.842 -18.354 2.970   1.00 31.08 ? 58  GLN B NE2 1 
ATOM   1005 N  N   . ALA B 1 59 ? -7.729  -21.560 5.248   1.00 16.79 ? 59  ALA B N   1 
ATOM   1006 C  CA  . ALA B 1 59 ? -7.325  -22.934 5.000   1.00 15.51 ? 59  ALA B CA  1 
ATOM   1007 C  C   . ALA B 1 59 ? -7.257  -23.835 6.241   1.00 14.97 ? 59  ALA B C   1 
ATOM   1008 O  O   . ALA B 1 59 ? -7.627  -25.022 6.164   1.00 14.79 ? 59  ALA B O   1 
ATOM   1009 C  CB  . ALA B 1 59 ? -6.010  -22.969 4.247   1.00 14.31 ? 59  ALA B CB  1 
ATOM   1010 N  N   . ASP B 1 60 ? -6.742  -23.312 7.361   1.00 15.10 ? 60  ASP B N   1 
ATOM   1011 C  CA  . ASP B 1 60 ? -6.763  -24.074 8.634   1.00 14.80 ? 60  ASP B CA  1 
ATOM   1012 C  C   . ASP B 1 60 ? -8.173  -24.547 9.069   1.00 14.96 ? 60  ASP B C   1 
ATOM   1013 O  O   . ASP B 1 60 ? -8.375  -25.720 9.434   1.00 14.94 ? 60  ASP B O   1 
ATOM   1014 C  CB  . ASP B 1 60 ? -6.007  -23.368 9.770   1.00 14.35 ? 60  ASP B CB  1 
ATOM   1015 C  CG  . ASP B 1 60 ? -6.461  -21.910 10.034  1.00 15.88 ? 60  ASP B CG  1 
ATOM   1016 O  OD1 . ASP B 1 60 ? -7.545  -21.438 9.608   1.00 18.82 ? 60  ASP B OD1 1 
ATOM   1017 O  OD2 . ASP B 1 60 ? -5.692  -21.216 10.719  1.00 15.90 ? 60  ASP B OD2 1 
ATOM   1018 N  N   . ALA B 1 61 ? -9.139  -23.637 8.996   1.00 14.63 ? 61  ALA B N   1 
ATOM   1019 C  CA  . ALA B 1 61 ? -10.530 -23.921 9.325   1.00 14.99 ? 61  ALA B CA  1 
ATOM   1020 C  C   . ALA B 1 61 ? -11.249 -24.899 8.376   1.00 15.00 ? 61  ALA B C   1 
ATOM   1021 O  O   . ALA B 1 61 ? -12.039 -25.717 8.834   1.00 15.42 ? 61  ALA B O   1 
ATOM   1022 C  CB  . ALA B 1 61 ? -11.317 -22.599 9.457   1.00 14.79 ? 61  ALA B CB  1 
ATOM   1023 N  N   . VAL B 1 62 ? -10.986 -24.818 7.072   1.00 15.15 ? 62  VAL B N   1 
ATOM   1024 C  CA  . VAL B 1 62 ? -11.500 -25.804 6.098   1.00 15.30 ? 62  VAL B CA  1 
ATOM   1025 C  C   . VAL B 1 62 ? -11.026 -27.213 6.463   1.00 15.13 ? 62  VAL B C   1 
ATOM   1026 O  O   . VAL B 1 62 ? -11.811 -28.172 6.481   1.00 15.66 ? 62  VAL B O   1 
ATOM   1027 C  CB  . VAL B 1 62 ? -11.059 -25.463 4.628   1.00 15.75 ? 62  VAL B CB  1 
ATOM   1028 C  CG1 . VAL B 1 62 ? -11.597 -26.465 3.631   1.00 14.66 ? 62  VAL B CG1 1 
ATOM   1029 C  CG2 . VAL B 1 62 ? -11.522 -24.082 4.233   1.00 15.71 ? 62  VAL B CG2 1 
ATOM   1030 N  N   . LEU B 1 63 ? -9.733  -27.322 6.767   1.00 14.99 ? 63  LEU B N   1 
ATOM   1031 C  CA  . LEU B 1 63 ? -9.102  -28.568 7.202   1.00 13.67 ? 63  LEU B CA  1 
ATOM   1032 C  C   . LEU B 1 63 ? -9.609  -29.102 8.546   1.00 12.49 ? 63  LEU B C   1 
ATOM   1033 O  O   . LEU B 1 63 ? -9.791  -30.297 8.705   1.00 11.81 ? 63  LEU B O   1 
ATOM   1034 C  CB  . LEU B 1 63 ? -7.601  -28.358 7.262   1.00 14.26 ? 63  LEU B CB  1 
ATOM   1035 C  CG  . LEU B 1 63 ? -6.695  -29.561 7.532   1.00 17.09 ? 63  LEU B CG  1 
ATOM   1036 C  CD1 . LEU B 1 63 ? -6.886  -30.703 6.502   1.00 20.69 ? 63  LEU B CD1 1 
ATOM   1037 C  CD2 . LEU B 1 63 ? -5.267  -29.050 7.511   1.00 19.29 ? 63  LEU B CD2 1 
ATOM   1038 N  N   . LEU B 1 64 ? -9.808  -28.206 9.514   1.00 11.62 ? 64  LEU B N   1 
ATOM   1039 C  CA  . LEU B 1 64 ? -10.426 -28.530 10.794  1.00 11.53 ? 64  LEU B CA  1 
ATOM   1040 C  C   . LEU B 1 64 ? -11.857 -29.062 10.611  1.00 11.67 ? 64  LEU B C   1 
ATOM   1041 O  O   . LEU B 1 64 ? -12.215 -30.061 11.200  1.00 10.46 ? 64  LEU B O   1 
ATOM   1042 C  CB  . LEU B 1 64 ? -10.433 -27.298 11.708  1.00 9.83  ? 64  LEU B CB  1 
ATOM   1043 C  CG  . LEU B 1 64 ? -11.182 -27.440 13.026  1.00 9.70  ? 64  LEU B CG  1 
ATOM   1044 C  CD1 . LEU B 1 64 ? -10.676 -28.608 13.875  1.00 8.40  ? 64  LEU B CD1 1 
ATOM   1045 C  CD2 . LEU B 1 64 ? -11.038 -26.149 13.790  1.00 9.92  ? 64  LEU B CD2 1 
HETATM 1046 N  N   . MSE B 1 65 ? -12.659 -28.383 9.797   1.00 13.24 ? 65  MSE B N   1 
HETATM 1047 C  CA  . MSE B 1 65 ? -14.004 -28.856 9.444   1.00 15.40 ? 65  MSE B CA  1 
HETATM 1048 C  C   . MSE B 1 65 ? -14.013 -30.243 8.821   1.00 15.53 ? 65  MSE B C   1 
HETATM 1049 O  O   . MSE B 1 65 ? -14.853 -31.048 9.140   1.00 16.30 ? 65  MSE B O   1 
HETATM 1050 C  CB  . MSE B 1 65 ? -14.672 -27.920 8.455   1.00 15.91 ? 65  MSE B CB  1 
HETATM 1051 C  CG  . MSE B 1 65 ? -15.213 -26.643 9.042   1.00 19.32 ? 65  MSE B CG  1 
HETATM 1052 SE SE  . MSE B 1 65 ? -16.053 -25.769 7.721   1.00 26.43 ? 65  MSE B SE  1 
HETATM 1053 C  CE  . MSE B 1 65 ? -17.508 -26.793 7.713   1.00 21.89 ? 65  MSE B CE  1 
ATOM   1054 N  N   . GLU B 1 66 ? -13.092 -30.509 7.908   1.00 16.74 ? 66  GLU B N   1 
ATOM   1055 C  CA  . GLU B 1 66 ? -12.902 -31.883 7.399   1.00 17.33 ? 66  GLU B CA  1 
ATOM   1056 C  C   . GLU B 1 66 ? -12.540 -32.884 8.505   1.00 15.74 ? 66  GLU B C   1 
ATOM   1057 O  O   . GLU B 1 66 ? -13.127 -33.944 8.585   1.00 15.90 ? 66  GLU B O   1 
ATOM   1058 C  CB  . GLU B 1 66 ? -11.904 -31.900 6.230   1.00 17.80 ? 66  GLU B CB  1 
ATOM   1059 C  CG  . GLU B 1 66 ? -12.589 -31.490 4.931   1.00 23.67 ? 66  GLU B CG  1 
ATOM   1060 C  CD  . GLU B 1 66 ? -11.691 -30.679 3.968   1.00 30.94 ? 66  GLU B CD  1 
ATOM   1061 O  OE1 . GLU B 1 66 ? -10.436 -30.673 4.143   1.00 32.14 ? 66  GLU B OE1 1 
ATOM   1062 O  OE2 . GLU B 1 66 ? -12.266 -30.044 3.032   1.00 32.06 ? 66  GLU B OE2 1 
ATOM   1063 N  N   . ALA B 1 67 ? -11.602 -32.524 9.371   1.00 14.88 ? 67  ALA B N   1 
ATOM   1064 C  CA  . ALA B 1 67 ? -11.186 -33.405 10.462  1.00 14.80 ? 67  ALA B CA  1 
ATOM   1065 C  C   . ALA B 1 67 ? -12.358 -33.668 11.422  1.00 14.89 ? 67  ALA B C   1 
ATOM   1066 O  O   . ALA B 1 67 ? -12.569 -34.786 11.818  1.00 14.47 ? 67  ALA B O   1 
ATOM   1067 C  CB  . ALA B 1 67 ? -9.984  -32.821 11.221  1.00 13.07 ? 67  ALA B CB  1 
ATOM   1068 N  N   . LEU B 1 68 ? -13.104 -32.629 11.788  1.00 15.17 ? 68  LEU B N   1 
ATOM   1069 C  CA  . LEU B 1 68 ? -14.319 -32.793 12.600  1.00 16.37 ? 68  LEU B CA  1 
ATOM   1070 C  C   . LEU B 1 68 ? -15.339 -33.782 12.020  1.00 17.34 ? 68  LEU B C   1 
ATOM   1071 O  O   . LEU B 1 68 ? -15.961 -34.526 12.786  1.00 16.96 ? 68  LEU B O   1 
ATOM   1072 C  CB  . LEU B 1 68 ? -15.003 -31.449 12.885  1.00 15.82 ? 68  LEU B CB  1 
ATOM   1073 C  CG  . LEU B 1 68 ? -14.233 -30.483 13.791  1.00 16.71 ? 68  LEU B CG  1 
ATOM   1074 C  CD1 . LEU B 1 68 ? -14.953 -29.143 13.892  1.00 18.13 ? 68  LEU B CD1 1 
ATOM   1075 C  CD2 . LEU B 1 68 ? -13.954 -31.076 15.170  1.00 15.37 ? 68  LEU B CD2 1 
ATOM   1076 N  N   . ASP B 1 69 ? -15.512 -33.770 10.693  1.00 18.40 ? 69  ASP B N   1 
ATOM   1077 C  CA  . ASP B 1 69 ? -16.441 -34.681 10.008  1.00 20.11 ? 69  ASP B CA  1 
ATOM   1078 C  C   . ASP B 1 69 ? -15.908 -36.107 9.889   1.00 19.06 ? 69  ASP B C   1 
ATOM   1079 O  O   . ASP B 1 69 ? -16.629 -37.053 10.157  1.00 19.63 ? 69  ASP B O   1 
ATOM   1080 C  CB  . ASP B 1 69 ? -16.809 -34.168 8.610   1.00 21.14 ? 69  ASP B CB  1 
ATOM   1081 C  CG  . ASP B 1 69 ? -17.791 -33.010 8.641   1.00 26.97 ? 69  ASP B CG  1 
ATOM   1082 O  OD1 . ASP B 1 69 ? -18.488 -32.817 9.678   1.00 32.18 ? 69  ASP B OD1 1 
ATOM   1083 O  OD2 . ASP B 1 69 ? -17.871 -32.286 7.614   1.00 32.00 ? 69  ASP B OD2 1 
ATOM   1084 N  N   . ASN B 1 70 ? -14.647 -36.254 9.503   1.00 18.10 ? 70  ASN B N   1 
ATOM   1085 C  CA  . ASN B 1 70 ? -14.048 -37.579 9.286   1.00 16.77 ? 70  ASN B CA  1 
ATOM   1086 C  C   . ASN B 1 70 ? -12.678 -37.701 9.892   1.00 16.08 ? 70  ASN B C   1 
ATOM   1087 O  O   . ASN B 1 70 ? -11.683 -37.761 9.159   1.00 15.96 ? 70  ASN B O   1 
ATOM   1088 C  CB  . ASN B 1 70 ? -14.010 -37.884 7.798   1.00 16.26 ? 70  ASN B CB  1 
ATOM   1089 C  CG  . ASN B 1 70 ? -15.374 -37.742 7.175   1.00 16.78 ? 70  ASN B CG  1 
ATOM   1090 O  OD1 . ASN B 1 70 ? -16.248 -38.583 7.396   1.00 16.83 ? 70  ASN B OD1 1 
ATOM   1091 N  ND2 . ASN B 1 70 ? -15.591 -36.642 6.452   1.00 16.05 ? 70  ASN B ND2 1 
ATOM   1092 N  N   . PRO B 1 71 ? -12.619 -37.709 11.240  1.00 15.21 ? 71  PRO B N   1 
ATOM   1093 C  CA  . PRO B 1 71 ? -11.341 -37.653 11.944  1.00 14.95 ? 71  PRO B CA  1 
ATOM   1094 C  C   . PRO B 1 71 ? -10.363 -38.762 11.534  1.00 14.54 ? 71  PRO B C   1 
ATOM   1095 O  O   . PRO B 1 71 ? -9.199  -38.488 11.319  1.00 13.50 ? 71  PRO B O   1 
ATOM   1096 C  CB  . PRO B 1 71 ? -11.725 -37.777 13.439  1.00 14.94 ? 71  PRO B CB  1 
ATOM   1097 C  CG  . PRO B 1 71 ? -13.204 -37.788 13.507  1.00 15.19 ? 71  PRO B CG  1 
ATOM   1098 C  CD  . PRO B 1 71 ? -13.785 -37.734 12.147  1.00 14.54 ? 71  PRO B CD  1 
ATOM   1099 N  N   . ALA B 1 72 ? -10.856 -39.996 11.425  1.00 15.21 ? 72  ALA B N   1 
ATOM   1100 C  CA  . ALA B 1 72 ? -10.037 -41.172 11.117  1.00 14.65 ? 72  ALA B CA  1 
ATOM   1101 C  C   . ALA B 1 72 ? -9.470  -41.124 9.705   1.00 14.16 ? 72  ALA B C   1 
ATOM   1102 O  O   . ALA B 1 72 ? -8.333  -41.542 9.488   1.00 14.91 ? 72  ALA B O   1 
ATOM   1103 C  CB  . ALA B 1 72 ? -10.846 -42.466 11.323  1.00 14.31 ? 72  ALA B CB  1 
ATOM   1104 N  N   . VAL B 1 73 ? -10.268 -40.643 8.754   1.00 13.88 ? 73  VAL B N   1 
ATOM   1105 C  CA  . VAL B 1 73 ? -9.836  -40.550 7.366   1.00 13.53 ? 73  VAL B CA  1 
ATOM   1106 C  C   . VAL B 1 73 ? -8.786  -39.444 7.186   1.00 13.90 ? 73  VAL B C   1 
ATOM   1107 O  O   . VAL B 1 73 ? -7.766  -39.624 6.506   1.00 13.82 ? 73  VAL B O   1 
ATOM   1108 C  CB  . VAL B 1 73 ? -11.039 -40.413 6.373   1.00 13.99 ? 73  VAL B CB  1 
ATOM   1109 C  CG1 . VAL B 1 73 ? -10.534 -40.260 4.938   1.00 12.07 ? 73  VAL B CG1 1 
ATOM   1110 C  CG2 . VAL B 1 73 ? -11.950 -41.659 6.443   1.00 11.19 ? 73  VAL B CG2 1 
ATOM   1111 N  N   . VAL B 1 74 ? -9.027  -38.314 7.838   1.00 14.24 ? 74  VAL B N   1 
ATOM   1112 C  CA  . VAL B 1 74 ? -8.067  -37.225 7.858   1.00 15.09 ? 74  VAL B CA  1 
ATOM   1113 C  C   . VAL B 1 74 ? -6.742  -37.656 8.553   1.00 15.46 ? 74  VAL B C   1 
ATOM   1114 O  O   . VAL B 1 74 ? -5.664  -37.400 8.025   1.00 15.61 ? 74  VAL B O   1 
ATOM   1115 C  CB  . VAL B 1 74 ? -8.683  -35.903 8.428   1.00 14.53 ? 74  VAL B CB  1 
ATOM   1116 C  CG1 . VAL B 1 74 ? -7.650  -34.803 8.418   1.00 15.14 ? 74  VAL B CG1 1 
ATOM   1117 C  CG2 . VAL B 1 74 ? -9.903  -35.492 7.615   1.00 13.24 ? 74  VAL B CG2 1 
ATOM   1118 N  N   . ASN B 1 75 ? -6.813  -38.340 9.690   1.00 16.52 ? 75  ASN B N   1 
ATOM   1119 C  CA  . ASN B 1 75 ? -5.591  -38.899 10.260  1.00 18.79 ? 75  ASN B CA  1 
ATOM   1120 C  C   . ASN B 1 75 ? -4.849  -39.906 9.342   1.00 19.11 ? 75  ASN B C   1 
ATOM   1121 O  O   . ASN B 1 75 ? -3.614  -39.886 9.259   1.00 19.90 ? 75  ASN B O   1 
ATOM   1122 C  CB  . ASN B 1 75 ? -5.825  -39.439 11.687  1.00 19.70 ? 75  ASN B CB  1 
ATOM   1123 C  CG  . ASN B 1 75 ? -5.910  -38.298 12.741  1.00 24.03 ? 75  ASN B CG  1 
ATOM   1124 O  OD1 . ASN B 1 75 ? -4.968  -37.481 12.905  1.00 27.44 ? 75  ASN B OD1 1 
ATOM   1125 N  ND2 . ASN B 1 75 ? -7.034  -38.243 13.448  1.00 26.17 ? 75  ASN B ND2 1 
ATOM   1126 N  N   . ALA B 1 76 ? -5.606  -40.763 8.649   1.00 19.40 ? 76  ALA B N   1 
ATOM   1127 C  CA  . ALA B 1 76 ? -5.046  -41.700 7.664   1.00 19.43 ? 76  ALA B CA  1 
ATOM   1128 C  C   . ALA B 1 76 ? -4.373  -40.975 6.487   1.00 19.72 ? 76  ALA B C   1 
ATOM   1129 O  O   . ALA B 1 76 ? -3.289  -41.364 6.055   1.00 18.80 ? 76  ALA B O   1 
ATOM   1130 C  CB  . ALA B 1 76 ? -6.117  -42.677 7.163   1.00 18.85 ? 76  ALA B CB  1 
ATOM   1131 N  N   . LYS B 1 77 ? -5.021  -39.922 5.984   1.00 20.26 ? 77  LYS B N   1 
ATOM   1132 C  CA  . LYS B 1 77 ? -4.470  -39.115 4.906   1.00 21.40 ? 77  LYS B CA  1 
ATOM   1133 C  C   . LYS B 1 77 ? -3.152  -38.450 5.295   1.00 21.87 ? 77  LYS B C   1 
ATOM   1134 O  O   . LYS B 1 77 ? -2.215  -38.424 4.497   1.00 22.44 ? 77  LYS B O   1 
ATOM   1135 C  CB  . LYS B 1 77 ? -5.474  -38.059 4.465   1.00 21.54 ? 77  LYS B CB  1 
ATOM   1136 C  CG  . LYS B 1 77 ? -6.596  -38.575 3.629   1.00 23.05 ? 77  LYS B CG  1 
ATOM   1137 C  CD  . LYS B 1 77 ? -7.338  -37.416 2.976   1.00 26.22 ? 77  LYS B CD  1 
ATOM   1138 C  CE  . LYS B 1 77 ? -8.616  -37.895 2.291   1.00 28.12 ? 77  LYS B CE  1 
ATOM   1139 N  NZ  . LYS B 1 77 ? -8.501  -37.931 0.821   1.00 30.03 ? 77  LYS B NZ  1 
ATOM   1140 N  N   . LEU B 1 78 ? -3.087  -37.922 6.518   1.00 22.43 ? 78  LEU B N   1 
ATOM   1141 C  CA  . LEU B 1 78 ? -1.879  -37.301 7.028   1.00 23.00 ? 78  LEU B CA  1 
ATOM   1142 C  C   . LEU B 1 78 ? -0.809  -38.340 7.179   1.00 24.20 ? 78  LEU B C   1 
ATOM   1143 O  O   . LEU B 1 78 ? 0.371   -38.038 6.978   1.00 23.88 ? 78  LEU B O   1 
ATOM   1144 C  CB  . LEU B 1 78 ? -2.119  -36.605 8.371   1.00 22.26 ? 78  LEU B CB  1 
ATOM   1145 C  CG  . LEU B 1 78 ? -2.998  -35.343 8.343   1.00 22.01 ? 78  LEU B CG  1 
ATOM   1146 C  CD1 . LEU B 1 78 ? -3.339  -34.841 9.746   1.00 17.16 ? 78  LEU B CD1 1 
ATOM   1147 C  CD2 . LEU B 1 78 ? -2.332  -34.229 7.493   1.00 20.27 ? 78  LEU B CD2 1 
ATOM   1148 N  N   . LYS B 1 79 ? -1.207  -39.564 7.529   1.00 25.77 ? 79  LYS B N   1 
ATOM   1149 C  CA  . LYS B 1 79 ? -0.226  -40.625 7.754   1.00 27.29 ? 79  LYS B CA  1 
ATOM   1150 C  C   . LYS B 1 79 ? 0.369   -41.102 6.443   1.00 28.47 ? 79  LYS B C   1 
ATOM   1151 O  O   . LYS B 1 79 ? 1.568   -41.375 6.389   1.00 28.13 ? 79  LYS B O   1 
ATOM   1152 C  CB  . LYS B 1 79 ? -0.782  -41.775 8.593   1.00 27.49 ? 79  LYS B CB  1 
ATOM   1153 C  CG  . LYS B 1 79 ? -0.443  -41.651 10.069  1.00 29.30 ? 79  LYS B CG  1 
ATOM   1154 C  CD  . LYS B 1 79 ? -1.652  -41.883 10.997  1.00 30.59 ? 79  LYS B CD  1 
ATOM   1155 C  CE  . LYS B 1 79 ? -1.656  -40.853 12.137  1.00 30.86 ? 79  LYS B CE  1 
ATOM   1156 N  NZ  . LYS B 1 79 ? -1.586  -39.371 11.690  1.00 30.14 ? 79  LYS B NZ  1 
ATOM   1157 N  N   . LEU B 1 80 ? -0.449  -41.156 5.386   1.00 29.95 ? 80  LEU B N   1 
ATOM   1158 C  CA  . LEU B 1 80 ? 0.027   -41.501 4.039   1.00 31.70 ? 80  LEU B CA  1 
ATOM   1159 C  C   . LEU B 1 80 ? 1.062   -40.523 3.490   1.00 33.07 ? 80  LEU B C   1 
ATOM   1160 O  O   . LEU B 1 80 ? 2.039   -40.942 2.858   1.00 33.54 ? 80  LEU B O   1 
ATOM   1161 C  CB  . LEU B 1 80 ? -1.126  -41.550 3.054   1.00 31.71 ? 80  LEU B CB  1 
ATOM   1162 C  CG  . LEU B 1 80 ? -2.018  -42.780 3.000   1.00 32.52 ? 80  LEU B CG  1 
ATOM   1163 C  CD1 . LEU B 1 80 ? -3.150  -42.488 2.015   1.00 31.91 ? 80  LEU B CD1 1 
ATOM   1164 C  CD2 . LEU B 1 80 ? -1.213  -44.018 2.592   1.00 32.59 ? 80  LEU B CD2 1 
ATOM   1165 N  N   . ALA B 1 81 ? 0.815   -39.230 3.713   1.00 34.59 ? 81  ALA B N   1 
ATOM   1166 C  CA  . ALA B 1 81 ? 1.687   -38.121 3.290   1.00 36.04 ? 81  ALA B CA  1 
ATOM   1167 C  C   . ALA B 1 81 ? 3.099   -38.131 3.925   1.00 37.18 ? 81  ALA B C   1 
ATOM   1168 O  O   . ALA B 1 81 ? 4.057   -37.602 3.349   1.00 36.96 ? 81  ALA B O   1 
ATOM   1169 C  CB  . ALA B 1 81 ? 0.985   -36.782 3.552   1.00 35.95 ? 81  ALA B CB  1 
ATOM   1170 N  N   . SER B 1 82 ? 3.219   -38.725 5.107   1.00 38.54 ? 82  SER B N   1 
ATOM   1171 C  CA  . SER B 1 82 ? 4.516   -38.917 5.732   1.00 40.41 ? 82  SER B CA  1 
ATOM   1172 C  C   . SER B 1 82 ? 5.128   -40.267 5.344   1.00 41.50 ? 82  SER B C   1 
ATOM   1173 O  O   . SER B 1 82 ? 5.789   -40.909 6.162   1.00 42.25 ? 82  SER B O   1 
ATOM   1174 C  CB  . SER B 1 82 ? 4.388   -38.816 7.251   1.00 40.33 ? 82  SER B CB  1 
ATOM   1175 O  OG  . SER B 1 82 ? 3.813   -39.998 7.776   1.00 41.56 ? 82  SER B OG  1 
ATOM   1176 N  N   . GLU B 1 83 ? 4.888   -40.696 4.103   1.00 42.66 ? 83  GLU B N   1 
ATOM   1177 C  CA  . GLU B 1 83 ? 5.426   -41.950 3.558   1.00 43.40 ? 83  GLU B CA  1 
ATOM   1178 C  C   . GLU B 1 83 ? 5.733   -41.783 2.055   1.00 43.58 ? 83  GLU B C   1 
ATOM   1179 O  O   . GLU B 1 83 ? 6.438   -40.844 1.635   1.00 43.56 ? 83  GLU B O   1 
ATOM   1180 C  CB  . GLU B 1 83 ? 4.446   -43.123 3.802   1.00 43.58 ? 83  GLU B CB  1 
ATOM   1181 C  CG  . GLU B 1 83 ? 4.251   -43.514 5.302   1.00 44.65 ? 83  GLU B CG  1 
ATOM   1182 C  CD  . GLU B 1 83 ? 2.968   -44.340 5.601   1.00 46.68 ? 83  GLU B CD  1 
ATOM   1183 O  OE1 . GLU B 1 83 ? 2.719   -44.654 6.795   1.00 47.08 ? 83  GLU B OE1 1 
ATOM   1184 O  OE2 . GLU B 1 83 ? 2.209   -44.686 4.662   1.00 48.31 ? 83  GLU B OE2 1 
HETATM 1185 O  O   . HOH C 2 .  ? 31.806  14.541  25.704  1.00 12.07 ? 91  HOH A O   1 
HETATM 1186 O  O   . HOH C 2 .  ? 31.976  16.826  24.470  1.00 11.17 ? 92  HOH A O   1 
HETATM 1187 O  O   . HOH C 2 .  ? 25.495  14.436  13.912  1.00 15.23 ? 93  HOH A O   1 
HETATM 1188 O  O   . HOH C 2 .  ? -17.615 4.034   -7.562  1.00 26.66 ? 94  HOH A O   1 
HETATM 1189 O  O   . HOH C 2 .  ? 31.542  9.007   29.729  1.00 15.12 ? 95  HOH A O   1 
HETATM 1190 O  O   . HOH C 2 .  ? -3.274  3.101   -3.610  1.00 21.34 ? 96  HOH A O   1 
HETATM 1191 O  O   . HOH C 2 .  ? -15.396 2.020   -15.891 1.00 27.68 ? 97  HOH A O   1 
HETATM 1192 O  O   . HOH C 2 .  ? 32.762  17.415  20.568  1.00 19.43 ? 98  HOH A O   1 
HETATM 1193 O  O   . HOH C 2 .  ? 22.115  14.612  20.359  1.00 20.40 ? 99  HOH A O   1 
HETATM 1194 O  O   . HOH C 2 .  ? -10.033 18.391  -13.655 1.00 32.99 ? 100 HOH A O   1 
HETATM 1195 O  O   . HOH C 2 .  ? -11.741 -7.808  -15.881 1.00 27.38 ? 101 HOH A O   1 
HETATM 1196 O  O   . HOH C 2 .  ? -3.104  5.978   2.302   1.00 32.48 ? 102 HOH A O   1 
HETATM 1197 O  O   . HOH C 2 .  ? -21.348 -2.533  -11.273 1.00 34.11 ? 103 HOH A O   1 
HETATM 1198 O  O   . HOH C 2 .  ? -5.328  7.218   2.825   1.00 40.10 ? 104 HOH A O   1 
HETATM 1199 O  O   . HOH C 2 .  ? -8.967  2.242   -4.933  1.00 24.08 ? 105 HOH A O   1 
HETATM 1200 O  O   . HOH C 2 .  ? -1.446  8.234   -21.949 1.00 26.70 ? 106 HOH A O   1 
HETATM 1201 O  O   . HOH C 2 .  ? 33.935  13.774  19.003  1.00 30.04 ? 107 HOH A O   1 
HETATM 1202 O  O   . HOH C 2 .  ? 34.062  13.772  22.580  1.00 15.59 ? 108 HOH A O   1 
HETATM 1203 O  O   . HOH C 2 .  ? 30.160  12.379  32.378  1.00 25.10 ? 109 HOH A O   1 
HETATM 1204 O  O   . HOH C 2 .  ? 28.253  10.684  34.112  1.00 28.69 ? 110 HOH A O   1 
HETATM 1205 O  O   . HOH C 2 .  ? 27.593  13.859  35.843  1.00 23.96 ? 111 HOH A O   1 
HETATM 1206 O  O   . HOH C 2 .  ? -12.849 7.639   -6.384  1.00 28.33 ? 112 HOH A O   1 
HETATM 1207 O  O   . HOH C 2 .  ? 6.294   14.633  3.408   1.00 27.56 ? 113 HOH A O   1 
HETATM 1208 O  O   . HOH C 2 .  ? 23.017  17.258  16.206  1.00 31.22 ? 114 HOH A O   1 
HETATM 1209 O  O   . HOH C 2 .  ? -14.146 4.109   -15.957 1.00 25.48 ? 115 HOH A O   1 
HETATM 1210 O  O   . HOH C 2 .  ? 18.854  8.135   32.360  1.00 25.77 ? 116 HOH A O   1 
HETATM 1211 O  O   . HOH C 2 .  ? -13.035 25.046  -10.246 1.00 28.34 ? 117 HOH A O   1 
HETATM 1212 O  O   . HOH C 2 .  ? 18.627  16.143  13.967  1.00 26.23 ? 118 HOH A O   1 
HETATM 1213 O  O   . HOH C 2 .  ? -4.053  18.473  -12.872 1.00 22.95 ? 119 HOH A O   1 
HETATM 1214 O  O   . HOH C 2 .  ? 24.520  14.366  38.126  1.00 30.18 ? 120 HOH A O   1 
HETATM 1215 O  O   . HOH C 2 .  ? -14.018 -5.826  -20.583 1.00 19.00 ? 121 HOH A O   1 
HETATM 1216 O  O   . HOH C 2 .  ? -8.079  19.046  -19.258 1.00 32.19 ? 122 HOH A O   1 
HETATM 1217 O  O   . HOH C 2 .  ? -1.416  0.302   -19.742 1.00 33.51 ? 123 HOH A O   1 
HETATM 1218 O  O   . HOH C 2 .  ? 10.084  7.396   11.328  1.00 34.11 ? 124 HOH A O   1 
HETATM 1219 O  O   . HOH C 2 .  ? 6.964   11.421  11.023  1.00 34.55 ? 125 HOH A O   1 
HETATM 1220 O  O   . HOH C 2 .  ? 9.852   16.588  2.301   1.00 32.22 ? 126 HOH A O   1 
HETATM 1221 O  O   . HOH C 2 .  ? -15.086 -3.360  -22.113 1.00 24.48 ? 127 HOH A O   1 
HETATM 1222 O  O   . HOH C 2 .  ? -20.401 -0.663  -12.885 1.00 25.40 ? 128 HOH A O   1 
HETATM 1223 O  O   . HOH C 2 .  ? 25.208  7.899   32.953  1.00 26.31 ? 129 HOH A O   1 
HETATM 1224 O  O   . HOH C 2 .  ? -7.431  -8.943  -21.247 1.00 39.81 ? 130 HOH A O   1 
HETATM 1225 O  O   . HOH C 2 .  ? -9.702  -0.071  -2.945  1.00 30.19 ? 131 HOH A O   1 
HETATM 1226 O  O   . HOH C 2 .  ? 18.692  15.132  9.043   1.00 24.81 ? 132 HOH A O   1 
HETATM 1227 O  O   . HOH C 2 .  ? 11.749  4.806   -3.023  1.00 37.69 ? 133 HOH A O   1 
HETATM 1228 O  O   . HOH C 2 .  ? -17.270 5.633   -5.704  1.00 29.57 ? 134 HOH A O   1 
HETATM 1229 O  O   . HOH C 2 .  ? 15.429  15.578  8.408   1.00 33.11 ? 135 HOH A O   1 
HETATM 1230 O  O   . HOH C 2 .  ? 12.179  15.426  -0.204  1.00 33.11 ? 136 HOH A O   1 
HETATM 1231 O  O   . HOH C 2 .  ? 20.713  18.340  14.616  1.00 30.14 ? 137 HOH A O   1 
HETATM 1232 O  O   . HOH C 2 .  ? 29.972  17.549  18.538  1.00 28.67 ? 138 HOH A O   1 
HETATM 1233 O  O   . HOH C 2 .  ? -13.942 25.710  -15.764 1.00 35.23 ? 139 HOH A O   1 
HETATM 1234 O  O   . HOH C 2 .  ? 28.373  16.460  16.312  1.00 31.50 ? 140 HOH A O   1 
HETATM 1235 O  O   . HOH C 2 .  ? 14.408  7.272   14.687  1.00 33.21 ? 141 HOH A O   1 
HETATM 1236 O  O   . HOH C 2 .  ? 25.375  14.757  35.698  1.00 23.76 ? 142 HOH A O   1 
HETATM 1237 O  O   . HOH C 2 .  ? 24.949  17.396  14.392  1.00 29.57 ? 143 HOH A O   1 
HETATM 1238 O  O   . HOH C 2 .  ? 18.083  14.739  32.018  1.00 40.25 ? 144 HOH A O   1 
HETATM 1239 O  O   . HOH C 2 .  ? 7.631   9.435   0.350   1.00 33.51 ? 145 HOH A O   1 
HETATM 1240 O  O   . HOH C 2 .  ? 33.238  13.656  25.331  1.00 22.93 ? 146 HOH A O   1 
HETATM 1241 O  O   . HOH C 2 .  ? 27.740  14.067  39.728  1.00 28.21 ? 147 HOH A O   1 
HETATM 1242 O  O   . HOH C 2 .  ? -7.342  9.087   1.706   1.00 40.63 ? 148 HOH A O   1 
HETATM 1243 O  O   . HOH D 2 .  ? -3.346  -22.246 11.242  1.00 6.81  ? 91  HOH B O   1 
HETATM 1244 O  O   . HOH D 2 .  ? -0.421  15.025  -15.515 1.00 19.89 ? 92  HOH B O   1 
HETATM 1245 O  O   . HOH D 2 .  ? -13.973 -40.989 10.597  1.00 15.15 ? 93  HOH B O   1 
HETATM 1246 O  O   . HOH D 2 .  ? -1.394  22.103  -7.377  1.00 14.53 ? 94  HOH B O   1 
HETATM 1247 O  O   . HOH D 2 .  ? -13.837 -28.337 4.968   1.00 22.09 ? 95  HOH B O   1 
HETATM 1248 O  O   . HOH D 2 .  ? -5.162  -20.767 7.604   1.00 16.20 ? 96  HOH B O   1 
HETATM 1249 O  O   . HOH D 2 .  ? -13.896 -35.018 5.730   1.00 24.85 ? 97  HOH B O   1 
HETATM 1250 O  O   . HOH D 2 .  ? -1.989  22.435  -13.061 1.00 19.73 ? 98  HOH B O   1 
HETATM 1251 O  O   . HOH D 2 .  ? 7.385   9.777   -15.012 1.00 24.36 ? 99  HOH B O   1 
HETATM 1252 O  O   . HOH D 2 .  ? -3.051  -21.382 3.325   1.00 17.66 ? 100 HOH B O   1 
HETATM 1253 O  O   . HOH D 2 .  ? -7.554  -26.211 3.770   1.00 18.85 ? 101 HOH B O   1 
HETATM 1254 O  O   . HOH D 2 .  ? -8.488  -24.267 1.737   1.00 18.79 ? 102 HOH B O   1 
HETATM 1255 O  O   . HOH D 2 .  ? 1.600   20.552  -4.150  1.00 18.88 ? 103 HOH B O   1 
HETATM 1256 O  O   . HOH D 2 .  ? -6.817  -43.134 10.820  1.00 19.40 ? 104 HOH B O   1 
HETATM 1257 O  O   . HOH D 2 .  ? -6.213  -23.509 0.628   1.00 25.56 ? 105 HOH B O   1 
HETATM 1258 O  O   . HOH D 2 .  ? 0.668   -38.175 10.128  1.00 20.91 ? 106 HOH B O   1 
HETATM 1259 O  O   . HOH D 2 .  ? -2.348  23.841  -15.403 1.00 17.46 ? 107 HOH B O   1 
HETATM 1260 O  O   . HOH D 2 .  ? -1.248  2.280   -4.885  1.00 27.80 ? 108 HOH B O   1 
HETATM 1261 O  O   . HOH D 2 .  ? 3.182   5.275   -14.521 1.00 23.54 ? 109 HOH B O   1 
HETATM 1262 O  O   . HOH D 2 .  ? 1.045   -13.521 -5.272  1.00 32.03 ? 110 HOH B O   1 
HETATM 1263 O  O   . HOH D 2 .  ? -4.110  18.980  -0.671  1.00 24.06 ? 111 HOH B O   1 
HETATM 1264 O  O   . HOH D 2 .  ? 2.509   6.018   -7.988  1.00 26.86 ? 112 HOH B O   1 
HETATM 1265 O  O   . HOH D 2 .  ? -2.536  -7.420  -1.210  1.00 26.34 ? 113 HOH B O   1 
HETATM 1266 O  O   . HOH D 2 .  ? -1.891  -9.411  -7.995  1.00 18.82 ? 114 HOH B O   1 
HETATM 1267 O  O   . HOH D 2 .  ? -2.259  -38.351 1.824   1.00 22.91 ? 115 HOH B O   1 
HETATM 1268 O  O   . HOH D 2 .  ? 1.552   -35.588 9.602   1.00 24.05 ? 116 HOH B O   1 
HETATM 1269 O  O   . HOH D 2 .  ? 0.219   -6.839  -4.503  1.00 33.43 ? 117 HOH B O   1 
HETATM 1270 O  O   . HOH D 2 .  ? -8.170  -12.425 -6.565  1.00 21.88 ? 118 HOH B O   1 
HETATM 1271 O  O   . HOH D 2 .  ? -9.498  -19.496 10.519  1.00 18.32 ? 119 HOH B O   1 
HETATM 1272 O  O   . HOH D 2 .  ? -2.632  -8.997  -10.447 1.00 26.52 ? 120 HOH B O   1 
HETATM 1273 O  O   . HOH D 2 .  ? 2.349   -0.504  -10.925 1.00 30.90 ? 121 HOH B O   1 
HETATM 1274 O  O   . HOH D 2 .  ? -4.447  -38.069 0.633   1.00 29.97 ? 122 HOH B O   1 
HETATM 1275 O  O   . HOH D 2 .  ? -12.837 7.395   -19.897 1.00 48.43 ? 123 HOH B O   1 
HETATM 1276 O  O   . HOH D 2 .  ? -5.884  -18.421 10.025  1.00 31.40 ? 124 HOH B O   1 
HETATM 1277 O  O   . HOH D 2 .  ? 0.077   -7.163  -1.943  1.00 26.70 ? 125 HOH B O   1 
HETATM 1278 O  O   . HOH D 2 .  ? 6.070   11.458  -16.169 1.00 28.44 ? 126 HOH B O   1 
HETATM 1279 O  O   . HOH D 2 .  ? -7.952  -28.731 3.183   1.00 30.58 ? 127 HOH B O   1 
HETATM 1280 O  O   . HOH D 2 .  ? 1.330   -4.144  -5.576  1.00 32.05 ? 128 HOH B O   1 
HETATM 1281 O  O   . HOH D 2 .  ? -3.617  -17.664 8.553   1.00 34.49 ? 129 HOH B O   1 
HETATM 1282 O  O   . HOH D 2 .  ? -11.642 -13.419 0.170   1.00 45.58 ? 130 HOH B O   1 
HETATM 1283 O  O   . HOH D 2 .  ? -9.534  -7.302  -2.120  1.00 30.98 ? 131 HOH B O   1 
HETATM 1284 O  O   . HOH D 2 .  ? -9.261  -21.820 2.358   1.00 26.97 ? 132 HOH B O   1 
HETATM 1285 O  O   . HOH D 2 .  ? -15.466 -36.411 15.260  0.50 15.98 ? 133 HOH B O   1 
HETATM 1286 O  O   . HOH D 2 .  ? -3.583  -44.826 8.549   1.00 25.57 ? 134 HOH B O   1 
HETATM 1287 O  O   . HOH D 2 .  ? 5.824   14.519  -18.361 1.00 37.29 ? 135 HOH B O   1 
HETATM 1288 O  O   . HOH D 2 .  ? -17.395 -29.626 11.025  1.00 38.27 ? 136 HOH B O   1 
HETATM 1289 O  O   . HOH D 2 .  ? -10.616 -24.772 0.141   1.00 25.82 ? 137 HOH B O   1 
HETATM 1290 O  O   . HOH D 2 .  ? 0.605   -9.171  -7.720  1.00 37.32 ? 138 HOH B O   1 
HETATM 1291 O  O   . HOH D 2 .  ? 1.283   12.830  -19.675 1.00 25.05 ? 139 HOH B O   1 
HETATM 1292 O  O   . HOH D 2 .  ? -11.312 15.318  -6.922  1.00 29.88 ? 140 HOH B O   1 
HETATM 1293 O  O   . HOH D 2 .  ? -18.837 -38.674 7.762   1.00 29.58 ? 141 HOH B O   1 
HETATM 1294 O  O   . HOH D 2 .  ? -21.253 -39.745 5.684   1.00 32.52 ? 142 HOH B O   1 
HETATM 1295 O  O   . HOH D 2 .  ? 1.776   -9.412  -5.040  1.00 38.99 ? 143 HOH B O   1 
HETATM 1296 O  O   . HOH D 2 .  ? -2.022  -12.007 -7.021  1.00 46.94 ? 144 HOH B O   1 
HETATM 1297 O  O   . HOH D 2 .  ? -2.947  15.385  -15.772 1.00 32.47 ? 145 HOH B O   1 
HETATM 1298 O  O   . HOH D 2 .  ? -15.326 15.579  -17.112 1.00 43.87 ? 146 HOH B O   1 
HETATM 1299 O  O   . HOH D 2 .  ? -7.861  24.677  -0.948  1.00 34.17 ? 147 HOH B O   1 
HETATM 1300 O  O   . HOH D 2 .  ? -11.911 -20.934 2.469   1.00 32.27 ? 148 HOH B O   1 
HETATM 1301 O  O   . HOH D 2 .  ? -2.669  -44.162 6.463   1.00 25.22 ? 149 HOH B O   1 
HETATM 1302 O  O   . HOH D 2 .  ? 2.630   11.784  -18.605 1.00 23.99 ? 150 HOH B O   1 
HETATM 1303 O  O   . HOH D 2 .  ? -15.587 13.117  -13.578 1.00 29.39 ? 151 HOH B O   1 
HETATM 1304 O  O   . HOH D 2 .  ? 8.611   -37.279 2.955   1.00 28.99 ? 152 HOH B O   1 
HETATM 1305 O  O   . HOH D 2 .  ? 6.767   -36.224 -0.733  1.00 30.18 ? 153 HOH B O   1 
HETATM 1306 O  O   . HOH D 2 .  ? -0.721  -11.048 0.170   1.00 26.02 ? 154 HOH B O   1 
HETATM 1307 O  O   . HOH D 2 .  ? -0.730  25.144  -4.958  1.00 30.17 ? 155 HOH B O   1 
# 
